data_5Z6E
# 
_entry.id   5Z6E 
# 
_audit_conform.dict_name       mmcif_pdbx.dic 
_audit_conform.dict_version    5.380 
_audit_conform.dict_location   http://mmcif.pdb.org/dictionaries/ascii/mmcif_pdbx.dic 
# 
loop_
_database_2.database_id 
_database_2.database_code 
_database_2.pdbx_database_accession 
_database_2.pdbx_DOI 
PDB   5Z6E         pdb_00005z6e 10.2210/pdb5z6e/pdb 
WWPDB D_1300006477 ?            ?                   
# 
_pdbx_database_status.status_code                     REL 
_pdbx_database_status.status_code_sf                  REL 
_pdbx_database_status.status_code_mr                  ? 
_pdbx_database_status.entry_id                        5Z6E 
_pdbx_database_status.recvd_initial_deposition_date   2018-01-22 
_pdbx_database_status.SG_entry                        N 
_pdbx_database_status.deposit_site                    PDBJ 
_pdbx_database_status.process_site                    PDBJ 
_pdbx_database_status.status_code_cs                  ? 
_pdbx_database_status.methods_development_category    ? 
_pdbx_database_status.pdb_format_compatible           Y 
_pdbx_database_status.status_code_nmr_data            ? 
# 
loop_
_audit_author.name 
_audit_author.pdbx_ordinal 
_audit_author.identifier_ORCID 
'Srivastava, S.S.'     1 ? 
'Sankaranarayanan, R.' 2 ? 
# 
_citation.abstract                  ? 
_citation.abstract_id_CAS           ? 
_citation.book_id_ISBN              ? 
_citation.book_publisher            ? 
_citation.book_publisher_city       ? 
_citation.book_title                ? 
_citation.coordinate_linkage        ? 
_citation.country                   UK 
_citation.database_id_Medline       ? 
_citation.details                   ? 
_citation.id                        primary 
_citation.journal_abbrev            Mol.Microbiol. 
_citation.journal_id_ASTM           MOMIEE 
_citation.journal_id_CSD            2007 
_citation.journal_id_ISSN           1365-2958 
_citation.journal_full              ? 
_citation.journal_issue             ? 
_citation.journal_volume            110 
_citation.language                  ? 
_citation.page_first                955 
_citation.page_last                 972 
_citation.title                     
;Interface interactions between beta gamma-crystallin domain and Ig-like domain render Ca2+-binding site inoperative in abundant perithecial protein of Neurospora crassa.
;
_citation.year                      2018 
_citation.database_id_CSD           ? 
_citation.pdbx_database_id_DOI      10.1111/mmi.14130 
_citation.pdbx_database_id_PubMed   30216631 
_citation.unpublished_flag          ? 
# 
loop_
_citation_author.citation_id 
_citation_author.name 
_citation_author.ordinal 
_citation_author.identifier_ORCID 
primary 'Swaroop Srivastava, S.' 1 ?                   
primary 'Raman, R.'              2 ?                   
primary 'Kiran, U.'              3 ?                   
primary 'Garg, R.'               4 ?                   
primary 'Chadalawada, S.'        5 ?                   
primary 'Pawar, A.D.'            6 ?                   
primary 'Sankaranarayanan, R.'   7 ?                   
primary 'Sharma, Y.'             8 0000-0003-1345-8478 
# 
_cell.angle_alpha                  90.00 
_cell.angle_alpha_esd              ? 
_cell.angle_beta                   90.00 
_cell.angle_beta_esd               ? 
_cell.angle_gamma                  120.00 
_cell.angle_gamma_esd              ? 
_cell.entry_id                     5Z6E 
_cell.details                      ? 
_cell.formula_units_Z              ? 
_cell.length_a                     48.951 
_cell.length_a_esd                 ? 
_cell.length_b                     48.951 
_cell.length_b_esd                 ? 
_cell.length_c                     81.844 
_cell.length_c_esd                 ? 
_cell.volume                       ? 
_cell.volume_esd                   ? 
_cell.Z_PDB                        6 
_cell.reciprocal_angle_alpha       ? 
_cell.reciprocal_angle_beta        ? 
_cell.reciprocal_angle_gamma       ? 
_cell.reciprocal_angle_alpha_esd   ? 
_cell.reciprocal_angle_beta_esd    ? 
_cell.reciprocal_angle_gamma_esd   ? 
_cell.reciprocal_length_a          ? 
_cell.reciprocal_length_b          ? 
_cell.reciprocal_length_c          ? 
_cell.reciprocal_length_a_esd      ? 
_cell.reciprocal_length_b_esd      ? 
_cell.reciprocal_length_c_esd      ? 
_cell.pdbx_unique_axis             ? 
# 
_symmetry.entry_id                         5Z6E 
_symmetry.cell_setting                     ? 
_symmetry.Int_Tables_number                154 
_symmetry.space_group_name_Hall            ? 
_symmetry.space_group_name_H-M             'P 32 2 1' 
_symmetry.pdbx_full_space_group_name_H-M   ? 
# 
loop_
_entity.id 
_entity.type 
_entity.src_method 
_entity.pdbx_description 
_entity.formula_weight 
_entity.pdbx_number_of_molecules 
_entity.pdbx_ec 
_entity.pdbx_mutation 
_entity.pdbx_fragment 
_entity.details 
1 polymer     man 'DUF1881 domain-containing protein' 11156.263 1   ? ? 'N-terminal domain' ? 
2 non-polymer syn 'CALCIUM ION'                       40.078    1   ? ? ?                   ? 
3 non-polymer syn 'POTASSIUM ION'                     39.098    1   ? ? ?                   ? 
4 water       nat water                               18.015    111 ? ? ?                   ? 
# 
_entity_name_com.entity_id   1 
_entity_name_com.name        'Abundant Perithecial Protein, APP' 
# 
_entity_poly.entity_id                      1 
_entity_poly.type                           'polypeptide(L)' 
_entity_poly.nstd_linkage                   no 
_entity_poly.nstd_monomer                   no 
_entity_poly.pdbx_seq_one_letter_code       
;MAPSVDPTKVIFYQKKNFEGSGDTYAVGQDVSVPGSLNDKYFSVAVGASAKVIAWQHYNETGHYREWTTSQADISDIGGL
SRFRVVDDDTRAISFLFKDAT
;
_entity_poly.pdbx_seq_one_letter_code_can   
;MAPSVDPTKVIFYQKKNFEGSGDTYAVGQDVSVPGSLNDKYFSVAVGASAKVIAWQHYNETGHYREWTTSQADISDIGGL
SRFRVVDDDTRAISFLFKDAT
;
_entity_poly.pdbx_strand_id                 A 
_entity_poly.pdbx_target_identifier         ? 
# 
loop_
_entity_poly_seq.entity_id 
_entity_poly_seq.num 
_entity_poly_seq.mon_id 
_entity_poly_seq.hetero 
1 1   MET n 
1 2   ALA n 
1 3   PRO n 
1 4   SER n 
1 5   VAL n 
1 6   ASP n 
1 7   PRO n 
1 8   THR n 
1 9   LYS n 
1 10  VAL n 
1 11  ILE n 
1 12  PHE n 
1 13  TYR n 
1 14  GLN n 
1 15  LYS n 
1 16  LYS n 
1 17  ASN n 
1 18  PHE n 
1 19  GLU n 
1 20  GLY n 
1 21  SER n 
1 22  GLY n 
1 23  ASP n 
1 24  THR n 
1 25  TYR n 
1 26  ALA n 
1 27  VAL n 
1 28  GLY n 
1 29  GLN n 
1 30  ASP n 
1 31  VAL n 
1 32  SER n 
1 33  VAL n 
1 34  PRO n 
1 35  GLY n 
1 36  SER n 
1 37  LEU n 
1 38  ASN n 
1 39  ASP n 
1 40  LYS n 
1 41  TYR n 
1 42  PHE n 
1 43  SER n 
1 44  VAL n 
1 45  ALA n 
1 46  VAL n 
1 47  GLY n 
1 48  ALA n 
1 49  SER n 
1 50  ALA n 
1 51  LYS n 
1 52  VAL n 
1 53  ILE n 
1 54  ALA n 
1 55  TRP n 
1 56  GLN n 
1 57  HIS n 
1 58  TYR n 
1 59  ASN n 
1 60  GLU n 
1 61  THR n 
1 62  GLY n 
1 63  HIS n 
1 64  TYR n 
1 65  ARG n 
1 66  GLU n 
1 67  TRP n 
1 68  THR n 
1 69  THR n 
1 70  SER n 
1 71  GLN n 
1 72  ALA n 
1 73  ASP n 
1 74  ILE n 
1 75  SER n 
1 76  ASP n 
1 77  ILE n 
1 78  GLY n 
1 79  GLY n 
1 80  LEU n 
1 81  SER n 
1 82  ARG n 
1 83  PHE n 
1 84  ARG n 
1 85  VAL n 
1 86  VAL n 
1 87  ASP n 
1 88  ASP n 
1 89  ASP n 
1 90  THR n 
1 91  ARG n 
1 92  ALA n 
1 93  ILE n 
1 94  SER n 
1 95  PHE n 
1 96  LEU n 
1 97  PHE n 
1 98  LYS n 
1 99  ASP n 
1 100 ALA n 
1 101 THR n 
# 
_entity_src_gen.entity_id                          1 
_entity_src_gen.pdbx_src_id                        1 
_entity_src_gen.pdbx_alt_source_flag               sample 
_entity_src_gen.pdbx_seq_type                      'Biological sequence' 
_entity_src_gen.pdbx_beg_seq_num                   1 
_entity_src_gen.pdbx_end_seq_num                   101 
_entity_src_gen.gene_src_common_name               ? 
_entity_src_gen.gene_src_genus                     ? 
_entity_src_gen.pdbx_gene_src_gene                 'app, NCU04533' 
_entity_src_gen.gene_src_species                   ? 
_entity_src_gen.gene_src_strain                    'ATCC 24698 / 74-OR23-1A / CBS 708.71 / DSM 1257 / FGSC 987' 
_entity_src_gen.gene_src_tissue                    ? 
_entity_src_gen.gene_src_tissue_fraction           ? 
_entity_src_gen.gene_src_details                   ? 
_entity_src_gen.pdbx_gene_src_fragment             ? 
_entity_src_gen.pdbx_gene_src_scientific_name      
'Neurospora crassa (strain ATCC 24698 / 74-OR23-1A / CBS 708.71 / DSM 1257 / FGSC 987)' 
_entity_src_gen.pdbx_gene_src_ncbi_taxonomy_id     367110 
_entity_src_gen.pdbx_gene_src_variant              ? 
_entity_src_gen.pdbx_gene_src_cell_line            ? 
_entity_src_gen.pdbx_gene_src_atcc                 ? 
_entity_src_gen.pdbx_gene_src_organ                ? 
_entity_src_gen.pdbx_gene_src_organelle            ? 
_entity_src_gen.pdbx_gene_src_cell                 ? 
_entity_src_gen.pdbx_gene_src_cellular_location    ? 
_entity_src_gen.host_org_common_name               ? 
_entity_src_gen.pdbx_host_org_scientific_name      'Escherichia coli BL21(DE3)' 
_entity_src_gen.pdbx_host_org_ncbi_taxonomy_id     469008 
_entity_src_gen.host_org_genus                     ? 
_entity_src_gen.pdbx_host_org_gene                 ? 
_entity_src_gen.pdbx_host_org_organ                ? 
_entity_src_gen.host_org_species                   ? 
_entity_src_gen.pdbx_host_org_tissue               ? 
_entity_src_gen.pdbx_host_org_tissue_fraction      ? 
_entity_src_gen.pdbx_host_org_strain               'BL21(DE3)' 
_entity_src_gen.pdbx_host_org_variant              ? 
_entity_src_gen.pdbx_host_org_cell_line            ? 
_entity_src_gen.pdbx_host_org_atcc                 ? 
_entity_src_gen.pdbx_host_org_culture_collection   ? 
_entity_src_gen.pdbx_host_org_cell                 ? 
_entity_src_gen.pdbx_host_org_organelle            ? 
_entity_src_gen.pdbx_host_org_cellular_location    ? 
_entity_src_gen.pdbx_host_org_vector_type          PLASMID 
_entity_src_gen.pdbx_host_org_vector               ? 
_entity_src_gen.host_org_details                   ? 
_entity_src_gen.expression_system_id               ? 
_entity_src_gen.plasmid_name                       pET21a 
_entity_src_gen.plasmid_details                    ? 
_entity_src_gen.pdbx_description                   ? 
# 
_struct_ref.id                         1 
_struct_ref.db_name                    UNP 
_struct_ref.db_code                    Q7RY31_NEUCR 
_struct_ref.pdbx_db_accession          Q7RY31 
_struct_ref.pdbx_db_isoform            ? 
_struct_ref.entity_id                  1 
_struct_ref.pdbx_seq_one_letter_code   
;MAPSVDPTKVIFYQKKNFEGSGDTYAVGQDVSVPGSLNDKYFSVAVGASAKVIAWQHYNETGHYREWTTSQADISDIGGL
SRFRVVDDDTRAISFLFKDAT
;
_struct_ref.pdbx_align_begin           1 
# 
_struct_ref_seq.align_id                      1 
_struct_ref_seq.ref_id                        1 
_struct_ref_seq.pdbx_PDB_id_code              5Z6E 
_struct_ref_seq.pdbx_strand_id                A 
_struct_ref_seq.seq_align_beg                 1 
_struct_ref_seq.pdbx_seq_align_beg_ins_code   ? 
_struct_ref_seq.seq_align_end                 101 
_struct_ref_seq.pdbx_seq_align_end_ins_code   ? 
_struct_ref_seq.pdbx_db_accession             Q7RY31 
_struct_ref_seq.db_align_beg                  1 
_struct_ref_seq.pdbx_db_align_beg_ins_code    ? 
_struct_ref_seq.db_align_end                  101 
_struct_ref_seq.pdbx_db_align_end_ins_code    ? 
_struct_ref_seq.pdbx_auth_seq_align_beg       1 
_struct_ref_seq.pdbx_auth_seq_align_end       101 
# 
loop_
_chem_comp.id 
_chem_comp.type 
_chem_comp.mon_nstd_flag 
_chem_comp.name 
_chem_comp.pdbx_synonyms 
_chem_comp.formula 
_chem_comp.formula_weight 
ALA 'L-peptide linking' y ALANINE         ? 'C3 H7 N O2'     89.093  
ARG 'L-peptide linking' y ARGININE        ? 'C6 H15 N4 O2 1' 175.209 
ASN 'L-peptide linking' y ASPARAGINE      ? 'C4 H8 N2 O3'    132.118 
ASP 'L-peptide linking' y 'ASPARTIC ACID' ? 'C4 H7 N O4'     133.103 
CA  non-polymer         . 'CALCIUM ION'   ? 'Ca 2'           40.078  
GLN 'L-peptide linking' y GLUTAMINE       ? 'C5 H10 N2 O3'   146.144 
GLU 'L-peptide linking' y 'GLUTAMIC ACID' ? 'C5 H9 N O4'     147.129 
GLY 'peptide linking'   y GLYCINE         ? 'C2 H5 N O2'     75.067  
HIS 'L-peptide linking' y HISTIDINE       ? 'C6 H10 N3 O2 1' 156.162 
HOH non-polymer         . WATER           ? 'H2 O'           18.015  
ILE 'L-peptide linking' y ISOLEUCINE      ? 'C6 H13 N O2'    131.173 
K   non-polymer         . 'POTASSIUM ION' ? 'K 1'            39.098  
LEU 'L-peptide linking' y LEUCINE         ? 'C6 H13 N O2'    131.173 
LYS 'L-peptide linking' y LYSINE          ? 'C6 H15 N2 O2 1' 147.195 
MET 'L-peptide linking' y METHIONINE      ? 'C5 H11 N O2 S'  149.211 
PHE 'L-peptide linking' y PHENYLALANINE   ? 'C9 H11 N O2'    165.189 
PRO 'L-peptide linking' y PROLINE         ? 'C5 H9 N O2'     115.130 
SER 'L-peptide linking' y SERINE          ? 'C3 H7 N O3'     105.093 
THR 'L-peptide linking' y THREONINE       ? 'C4 H9 N O3'     119.119 
TRP 'L-peptide linking' y TRYPTOPHAN      ? 'C11 H12 N2 O2'  204.225 
TYR 'L-peptide linking' y TYROSINE        ? 'C9 H11 N O3'    181.189 
VAL 'L-peptide linking' y VALINE          ? 'C5 H11 N O2'    117.146 
# 
_exptl.absorpt_coefficient_mu     ? 
_exptl.absorpt_correction_T_max   ? 
_exptl.absorpt_correction_T_min   ? 
_exptl.absorpt_correction_type    ? 
_exptl.absorpt_process_details    ? 
_exptl.entry_id                   5Z6E 
_exptl.crystals_number            1 
_exptl.details                    ? 
_exptl.method                     'X-RAY DIFFRACTION' 
_exptl.method_details             ? 
# 
_exptl_crystal.colour                      ? 
_exptl_crystal.density_diffrn              ? 
_exptl_crystal.density_Matthews            2.54 
_exptl_crystal.density_method              ? 
_exptl_crystal.density_percent_sol         51.52 
_exptl_crystal.description                 ? 
_exptl_crystal.F_000                       ? 
_exptl_crystal.id                          1 
_exptl_crystal.preparation                 ? 
_exptl_crystal.size_max                    ? 
_exptl_crystal.size_mid                    ? 
_exptl_crystal.size_min                    ? 
_exptl_crystal.size_rad                    ? 
_exptl_crystal.colour_lustre               ? 
_exptl_crystal.colour_modifier             ? 
_exptl_crystal.colour_primary              ? 
_exptl_crystal.density_meas                ? 
_exptl_crystal.density_meas_esd            ? 
_exptl_crystal.density_meas_gt             ? 
_exptl_crystal.density_meas_lt             ? 
_exptl_crystal.density_meas_temp           ? 
_exptl_crystal.density_meas_temp_esd       ? 
_exptl_crystal.density_meas_temp_gt        ? 
_exptl_crystal.density_meas_temp_lt        ? 
_exptl_crystal.pdbx_crystal_image_url      ? 
_exptl_crystal.pdbx_crystal_image_format   ? 
_exptl_crystal.pdbx_mosaicity              ? 
_exptl_crystal.pdbx_mosaicity_esd          ? 
# 
_exptl_crystal_grow.apparatus       ? 
_exptl_crystal_grow.atmosphere      ? 
_exptl_crystal_grow.crystal_id      1 
_exptl_crystal_grow.details         ? 
_exptl_crystal_grow.method          'VAPOR DIFFUSION, HANGING DROP' 
_exptl_crystal_grow.method_ref      ? 
_exptl_crystal_grow.pH              ? 
_exptl_crystal_grow.pressure        ? 
_exptl_crystal_grow.pressure_esd    ? 
_exptl_crystal_grow.seeding         ? 
_exptl_crystal_grow.seeding_ref     ? 
_exptl_crystal_grow.temp            277 
_exptl_crystal_grow.temp_details    ? 
_exptl_crystal_grow.temp_esd        ? 
_exptl_crystal_grow.time            ? 
_exptl_crystal_grow.pdbx_details    '30% PEG MME 5000, 0.1M KCl, 0.1M Bis-Tris, pH 6.5' 
_exptl_crystal_grow.pdbx_pH_range   ? 
# 
_diffrn.ambient_environment    ? 
_diffrn.ambient_temp           100 
_diffrn.ambient_temp_details   ? 
_diffrn.ambient_temp_esd       ? 
_diffrn.crystal_id             1 
_diffrn.crystal_support        ? 
_diffrn.crystal_treatment      ? 
_diffrn.details                ? 
_diffrn.id                     1 
_diffrn.ambient_pressure       ? 
_diffrn.ambient_pressure_esd   ? 
_diffrn.ambient_pressure_gt    ? 
_diffrn.ambient_pressure_lt    ? 
_diffrn.ambient_temp_gt        ? 
_diffrn.ambient_temp_lt        ? 
# 
_diffrn_detector.details                      ? 
_diffrn_detector.detector                     'IMAGE PLATE' 
_diffrn_detector.diffrn_id                    1 
_diffrn_detector.type                         'MAR scanner 345 mm plate' 
_diffrn_detector.area_resol_mean              ? 
_diffrn_detector.dtime                        ? 
_diffrn_detector.pdbx_frames_total            ? 
_diffrn_detector.pdbx_collection_time_total   ? 
_diffrn_detector.pdbx_collection_date         2011-09-19 
# 
_diffrn_radiation.collimation                      ? 
_diffrn_radiation.diffrn_id                        1 
_diffrn_radiation.filter_edge                      ? 
_diffrn_radiation.inhomogeneity                    ? 
_diffrn_radiation.monochromator                    ? 
_diffrn_radiation.polarisn_norm                    ? 
_diffrn_radiation.polarisn_ratio                   ? 
_diffrn_radiation.probe                            ? 
_diffrn_radiation.type                             ? 
_diffrn_radiation.xray_symbol                      ? 
_diffrn_radiation.wavelength_id                    1 
_diffrn_radiation.pdbx_monochromatic_or_laue_m_l   M 
_diffrn_radiation.pdbx_wavelength_list             ? 
_diffrn_radiation.pdbx_wavelength                  ? 
_diffrn_radiation.pdbx_diffrn_protocol             'SINGLE WAVELENGTH' 
_diffrn_radiation.pdbx_analyzer                    ? 
_diffrn_radiation.pdbx_scattering_type             x-ray 
# 
_diffrn_radiation_wavelength.id           1 
_diffrn_radiation_wavelength.wavelength   1.5418 
_diffrn_radiation_wavelength.wt           1.0 
# 
_diffrn_source.current                     ? 
_diffrn_source.details                     ? 
_diffrn_source.diffrn_id                   1 
_diffrn_source.power                       ? 
_diffrn_source.size                        ? 
_diffrn_source.source                      'ROTATING ANODE' 
_diffrn_source.target                      ? 
_diffrn_source.type                        'RIGAKU MICROMAX-007 HF' 
_diffrn_source.voltage                     ? 
_diffrn_source.take-off_angle              ? 
_diffrn_source.pdbx_wavelength_list        1.5418 
_diffrn_source.pdbx_wavelength             ? 
_diffrn_source.pdbx_synchrotron_beamline   ? 
_diffrn_source.pdbx_synchrotron_site       ? 
# 
_reflns.B_iso_Wilson_estimate            ? 
_reflns.entry_id                         5Z6E 
_reflns.data_reduction_details           ? 
_reflns.data_reduction_method            ? 
_reflns.d_resolution_high                1.86 
_reflns.d_resolution_low                 25.0 
_reflns.details                          ? 
_reflns.limit_h_max                      ? 
_reflns.limit_h_min                      ? 
_reflns.limit_k_max                      ? 
_reflns.limit_k_min                      ? 
_reflns.limit_l_max                      ? 
_reflns.limit_l_min                      ? 
_reflns.number_all                       ? 
_reflns.number_obs                       9833 
_reflns.observed_criterion               ? 
_reflns.observed_criterion_F_max         ? 
_reflns.observed_criterion_F_min         ? 
_reflns.observed_criterion_I_max         ? 
_reflns.observed_criterion_I_min         ? 
_reflns.observed_criterion_sigma_F       ? 
_reflns.observed_criterion_sigma_I       ? 
_reflns.percent_possible_obs             98.2 
_reflns.R_free_details                   ? 
_reflns.Rmerge_F_all                     ? 
_reflns.Rmerge_F_obs                     ? 
_reflns.Friedel_coverage                 ? 
_reflns.number_gt                        ? 
_reflns.threshold_expression             ? 
_reflns.pdbx_redundancy                  8.7 
_reflns.pdbx_Rmerge_I_obs                0.071 
_reflns.pdbx_Rmerge_I_all                ? 
_reflns.pdbx_Rsym_value                  ? 
_reflns.pdbx_netI_over_av_sigmaI         ? 
_reflns.pdbx_netI_over_sigmaI            23.4 
_reflns.pdbx_res_netI_over_av_sigmaI_2   ? 
_reflns.pdbx_res_netI_over_sigmaI_2      ? 
_reflns.pdbx_chi_squared                 ? 
_reflns.pdbx_scaling_rejects             ? 
_reflns.pdbx_d_res_high_opt              ? 
_reflns.pdbx_d_res_low_opt               ? 
_reflns.pdbx_d_res_opt_method            ? 
_reflns.phase_calculation_details        ? 
_reflns.pdbx_Rrim_I_all                  ? 
_reflns.pdbx_Rpim_I_all                  ? 
_reflns.pdbx_d_opt                       ? 
_reflns.pdbx_number_measured_all         ? 
_reflns.pdbx_diffrn_id                   1 
_reflns.pdbx_ordinal                     1 
_reflns.pdbx_CC_half                     ? 
_reflns.pdbx_R_split                     ? 
# 
_reflns_shell.d_res_high                  1.86 
_reflns_shell.d_res_low                   1.93 
_reflns_shell.meanI_over_sigI_all         ? 
_reflns_shell.meanI_over_sigI_obs         ? 
_reflns_shell.number_measured_all         ? 
_reflns_shell.number_measured_obs         ? 
_reflns_shell.number_possible             ? 
_reflns_shell.number_unique_all           ? 
_reflns_shell.number_unique_obs           830 
_reflns_shell.percent_possible_all        83.6 
_reflns_shell.percent_possible_obs        ? 
_reflns_shell.Rmerge_F_all                ? 
_reflns_shell.Rmerge_F_obs                ? 
_reflns_shell.Rmerge_I_all                ? 
_reflns_shell.Rmerge_I_obs                0.256 
_reflns_shell.meanI_over_sigI_gt          ? 
_reflns_shell.meanI_over_uI_all           ? 
_reflns_shell.meanI_over_uI_gt            ? 
_reflns_shell.number_measured_gt          ? 
_reflns_shell.number_unique_gt            ? 
_reflns_shell.percent_possible_gt         ? 
_reflns_shell.Rmerge_F_gt                 ? 
_reflns_shell.Rmerge_I_gt                 ? 
_reflns_shell.pdbx_redundancy             5.0 
_reflns_shell.pdbx_Rsym_value             ? 
_reflns_shell.pdbx_chi_squared            ? 
_reflns_shell.pdbx_netI_over_sigmaI_all   ? 
_reflns_shell.pdbx_netI_over_sigmaI_obs   ? 
_reflns_shell.pdbx_Rrim_I_all             ? 
_reflns_shell.pdbx_Rpim_I_all             ? 
_reflns_shell.pdbx_rejects                ? 
_reflns_shell.pdbx_ordinal                1 
_reflns_shell.pdbx_diffrn_id              1 
_reflns_shell.pdbx_CC_half                ? 
_reflns_shell.pdbx_R_split                ? 
# 
_refine.aniso_B[1][1]                            ? 
_refine.aniso_B[1][2]                            ? 
_refine.aniso_B[1][3]                            ? 
_refine.aniso_B[2][2]                            ? 
_refine.aniso_B[2][3]                            ? 
_refine.aniso_B[3][3]                            ? 
_refine.B_iso_max                                ? 
_refine.B_iso_mean                               ? 
_refine.B_iso_min                                ? 
_refine.correlation_coeff_Fo_to_Fc               ? 
_refine.correlation_coeff_Fo_to_Fc_free          ? 
_refine.details                                  ? 
_refine.diff_density_max                         ? 
_refine.diff_density_max_esd                     ? 
_refine.diff_density_min                         ? 
_refine.diff_density_min_esd                     ? 
_refine.diff_density_rms                         ? 
_refine.diff_density_rms_esd                     ? 
_refine.entry_id                                 5Z6E 
_refine.pdbx_refine_id                           'X-RAY DIFFRACTION' 
_refine.ls_abs_structure_details                 ? 
_refine.ls_abs_structure_Flack                   ? 
_refine.ls_abs_structure_Flack_esd               ? 
_refine.ls_abs_structure_Rogers                  ? 
_refine.ls_abs_structure_Rogers_esd              ? 
_refine.ls_d_res_high                            1.864 
_refine.ls_d_res_low                             23.449 
_refine.ls_extinction_coef                       ? 
_refine.ls_extinction_coef_esd                   ? 
_refine.ls_extinction_expression                 ? 
_refine.ls_extinction_method                     ? 
_refine.ls_goodness_of_fit_all                   ? 
_refine.ls_goodness_of_fit_all_esd               ? 
_refine.ls_goodness_of_fit_obs                   ? 
_refine.ls_goodness_of_fit_obs_esd               ? 
_refine.ls_hydrogen_treatment                    ? 
_refine.ls_matrix_type                           ? 
_refine.ls_number_constraints                    ? 
_refine.ls_number_parameters                     ? 
_refine.ls_number_reflns_all                     ? 
_refine.ls_number_reflns_obs                     9811 
_refine.ls_number_reflns_R_free                  469 
_refine.ls_number_reflns_R_work                  ? 
_refine.ls_number_restraints                     ? 
_refine.ls_percent_reflns_obs                    98.80 
_refine.ls_percent_reflns_R_free                 4.78 
_refine.ls_R_factor_all                          ? 
_refine.ls_R_factor_obs                          0.1607 
_refine.ls_R_factor_R_free                       0.2013 
_refine.ls_R_factor_R_free_error                 ? 
_refine.ls_R_factor_R_free_error_details         ? 
_refine.ls_R_factor_R_work                       0.1588 
_refine.ls_R_Fsqd_factor_obs                     ? 
_refine.ls_R_I_factor_obs                        ? 
_refine.ls_redundancy_reflns_all                 ? 
_refine.ls_redundancy_reflns_obs                 ? 
_refine.ls_restrained_S_all                      ? 
_refine.ls_restrained_S_obs                      ? 
_refine.ls_shift_over_esd_max                    ? 
_refine.ls_shift_over_esd_mean                   ? 
_refine.ls_structure_factor_coef                 ? 
_refine.ls_weighting_details                     ? 
_refine.ls_weighting_scheme                      ? 
_refine.ls_wR_factor_all                         ? 
_refine.ls_wR_factor_obs                         ? 
_refine.ls_wR_factor_R_free                      ? 
_refine.ls_wR_factor_R_work                      ? 
_refine.occupancy_max                            ? 
_refine.occupancy_min                            ? 
_refine.solvent_model_details                    ? 
_refine.solvent_model_param_bsol                 ? 
_refine.solvent_model_param_ksol                 ? 
_refine.ls_R_factor_gt                           ? 
_refine.ls_goodness_of_fit_gt                    ? 
_refine.ls_goodness_of_fit_ref                   ? 
_refine.ls_shift_over_su_max                     ? 
_refine.ls_shift_over_su_max_lt                  ? 
_refine.ls_shift_over_su_mean                    ? 
_refine.ls_shift_over_su_mean_lt                 ? 
_refine.pdbx_ls_sigma_I                          ? 
_refine.pdbx_ls_sigma_F                          1.36 
_refine.pdbx_ls_sigma_Fsqd                       ? 
_refine.pdbx_data_cutoff_high_absF               ? 
_refine.pdbx_data_cutoff_high_rms_absF           ? 
_refine.pdbx_data_cutoff_low_absF                ? 
_refine.pdbx_isotropic_thermal_model             ? 
_refine.pdbx_ls_cross_valid_method               'FREE R-VALUE' 
_refine.pdbx_method_to_determine_struct          'MOLECULAR REPLACEMENT' 
_refine.pdbx_starting_model                      1HDF 
_refine.pdbx_stereochemistry_target_values       ? 
_refine.pdbx_R_Free_selection_details            ? 
_refine.pdbx_stereochem_target_val_spec_case     ? 
_refine.pdbx_overall_ESU_R                       ? 
_refine.pdbx_overall_ESU_R_Free                  ? 
_refine.pdbx_solvent_vdw_probe_radii             1.11 
_refine.pdbx_solvent_ion_probe_radii             ? 
_refine.pdbx_solvent_shrinkage_radii             0.90 
_refine.pdbx_real_space_R                        ? 
_refine.pdbx_density_correlation                 ? 
_refine.pdbx_pd_number_of_powder_patterns        ? 
_refine.pdbx_pd_number_of_points                 ? 
_refine.pdbx_pd_meas_number_of_points            ? 
_refine.pdbx_pd_proc_ls_prof_R_factor            ? 
_refine.pdbx_pd_proc_ls_prof_wR_factor           ? 
_refine.pdbx_pd_Marquardt_correlation_coeff      ? 
_refine.pdbx_pd_Fsqrd_R_factor                   ? 
_refine.pdbx_pd_ls_matrix_band_width             ? 
_refine.pdbx_overall_phase_error                 17.33 
_refine.pdbx_overall_SU_R_free_Cruickshank_DPI   ? 
_refine.pdbx_overall_SU_R_free_Blow_DPI          ? 
_refine.pdbx_overall_SU_R_Blow_DPI               ? 
_refine.pdbx_TLS_residual_ADP_flag               ? 
_refine.pdbx_diffrn_id                           1 
_refine.overall_SU_B                             ? 
_refine.overall_SU_ML                            0.10 
_refine.overall_SU_R_Cruickshank_DPI             ? 
_refine.overall_SU_R_free                        ? 
_refine.overall_FOM_free_R_set                   ? 
_refine.overall_FOM_work_R_set                   ? 
_refine.pdbx_average_fsc_overall                 ? 
_refine.pdbx_average_fsc_work                    ? 
_refine.pdbx_average_fsc_free                    ? 
# 
_refine_hist.pdbx_refine_id                   'X-RAY DIFFRACTION' 
_refine_hist.cycle_id                         LAST 
_refine_hist.pdbx_number_atoms_protein        702 
_refine_hist.pdbx_number_atoms_nucleic_acid   0 
_refine_hist.pdbx_number_atoms_ligand         2 
_refine_hist.number_atoms_solvent             111 
_refine_hist.number_atoms_total               815 
_refine_hist.d_res_high                       1.864 
_refine_hist.d_res_low                        23.449 
# 
loop_
_refine_ls_restr.pdbx_refine_id 
_refine_ls_restr.criterion 
_refine_ls_restr.dev_ideal 
_refine_ls_restr.dev_ideal_target 
_refine_ls_restr.number 
_refine_ls_restr.rejects 
_refine_ls_restr.type 
_refine_ls_restr.weight 
_refine_ls_restr.pdbx_restraint_function 
'X-RAY DIFFRACTION' ? 0.007  ? 719 ? f_bond_d           ? ? 
'X-RAY DIFFRACTION' ? 1.061  ? 977 ? f_angle_d          ? ? 
'X-RAY DIFFRACTION' ? 11.415 ? 251 ? f_dihedral_angle_d ? ? 
'X-RAY DIFFRACTION' ? 0.042  ? 104 ? f_chiral_restr     ? ? 
'X-RAY DIFFRACTION' ? 0.004  ? 128 ? f_plane_restr      ? ? 
# 
loop_
_refine_ls_shell.pdbx_refine_id 
_refine_ls_shell.d_res_high 
_refine_ls_shell.d_res_low 
_refine_ls_shell.number_reflns_all 
_refine_ls_shell.number_reflns_obs 
_refine_ls_shell.number_reflns_R_free 
_refine_ls_shell.number_reflns_R_work 
_refine_ls_shell.percent_reflns_obs 
_refine_ls_shell.percent_reflns_R_free 
_refine_ls_shell.R_factor_all 
_refine_ls_shell.R_factor_obs 
_refine_ls_shell.R_factor_R_free 
_refine_ls_shell.R_factor_R_free_error 
_refine_ls_shell.R_factor_R_work 
_refine_ls_shell.redundancy_reflns_all 
_refine_ls_shell.redundancy_reflns_obs 
_refine_ls_shell.wR_factor_all 
_refine_ls_shell.wR_factor_obs 
_refine_ls_shell.wR_factor_R_free 
_refine_ls_shell.wR_factor_R_work 
_refine_ls_shell.pdbx_total_number_of_bins_used 
_refine_ls_shell.pdbx_phase_error 
_refine_ls_shell.pdbx_fsc_work 
_refine_ls_shell.pdbx_fsc_free 
'X-RAY DIFFRACTION' 1.8639 2.1334  . . 160 2969 96.00  . . . 0.1899 . 0.1538 . . . . . . . . . . 
'X-RAY DIFFRACTION' 2.1334 2.6873  . . 154 3105 100.00 . . . 0.2254 . 0.1667 . . . . . . . . . . 
'X-RAY DIFFRACTION' 2.6873 23.4512 . . 155 3268 100.00 . . . 0.1923 . 0.1563 . . . . . . . . . . 
# 
_struct.entry_id                     5Z6E 
_struct.title                        
;Crystal structure of a beta gamma-crystallin domain of Abundant Perithecial Protein (APP) from Neurospora crassa in the Ca2+-bound form
;
_struct.pdbx_model_details           ? 
_struct.pdbx_formula_weight          ? 
_struct.pdbx_formula_weight_method   ? 
_struct.pdbx_model_type_details      ? 
_struct.pdbx_CASP_flag               N 
# 
_struct_keywords.entry_id        5Z6E 
_struct_keywords.text            
'beta gamma-crystallin domain, Abundant Perithecial Protein, Calcium-binding protein, METAL BINDING PROTEIN' 
_struct_keywords.pdbx_keywords   'METAL BINDING PROTEIN' 
# 
loop_
_struct_asym.id 
_struct_asym.pdbx_blank_PDB_chainid_flag 
_struct_asym.pdbx_modified 
_struct_asym.entity_id 
_struct_asym.details 
A N N 1 ? 
B N N 2 ? 
C N N 3 ? 
D N N 4 ? 
# 
loop_
_struct_conf.conf_type_id 
_struct_conf.id 
_struct_conf.pdbx_PDB_helix_id 
_struct_conf.beg_label_comp_id 
_struct_conf.beg_label_asym_id 
_struct_conf.beg_label_seq_id 
_struct_conf.pdbx_beg_PDB_ins_code 
_struct_conf.end_label_comp_id 
_struct_conf.end_label_asym_id 
_struct_conf.end_label_seq_id 
_struct_conf.pdbx_end_PDB_ins_code 
_struct_conf.beg_auth_comp_id 
_struct_conf.beg_auth_asym_id 
_struct_conf.beg_auth_seq_id 
_struct_conf.end_auth_comp_id 
_struct_conf.end_auth_asym_id 
_struct_conf.end_auth_seq_id 
_struct_conf.pdbx_PDB_helix_class 
_struct_conf.details 
_struct_conf.pdbx_PDB_helix_length 
HELX_P HELX_P1 AA1 LYS A 15 ? GLU A 19 ? LYS A 15 GLU A 19 5 ? 5 
HELX_P HELX_P2 AA2 PRO A 34 ? ASN A 38 ? PRO A 34 ASN A 38 5 ? 5 
HELX_P HELX_P3 AA3 ILE A 74 ? GLY A 78 ? ILE A 74 GLY A 78 5 ? 5 
# 
_struct_conf_type.id          HELX_P 
_struct_conf_type.criteria    ? 
_struct_conf_type.reference   ? 
# 
loop_
_struct_conn.id 
_struct_conn.conn_type_id 
_struct_conn.pdbx_leaving_atom_flag 
_struct_conn.pdbx_PDB_id 
_struct_conn.ptnr1_label_asym_id 
_struct_conn.ptnr1_label_comp_id 
_struct_conn.ptnr1_label_seq_id 
_struct_conn.ptnr1_label_atom_id 
_struct_conn.pdbx_ptnr1_label_alt_id 
_struct_conn.pdbx_ptnr1_PDB_ins_code 
_struct_conn.pdbx_ptnr1_standard_comp_id 
_struct_conn.ptnr1_symmetry 
_struct_conn.ptnr2_label_asym_id 
_struct_conn.ptnr2_label_comp_id 
_struct_conn.ptnr2_label_seq_id 
_struct_conn.ptnr2_label_atom_id 
_struct_conn.pdbx_ptnr2_label_alt_id 
_struct_conn.pdbx_ptnr2_PDB_ins_code 
_struct_conn.ptnr1_auth_asym_id 
_struct_conn.ptnr1_auth_comp_id 
_struct_conn.ptnr1_auth_seq_id 
_struct_conn.ptnr2_auth_asym_id 
_struct_conn.ptnr2_auth_comp_id 
_struct_conn.ptnr2_auth_seq_id 
_struct_conn.ptnr2_symmetry 
_struct_conn.pdbx_ptnr3_label_atom_id 
_struct_conn.pdbx_ptnr3_label_seq_id 
_struct_conn.pdbx_ptnr3_label_comp_id 
_struct_conn.pdbx_ptnr3_label_asym_id 
_struct_conn.pdbx_ptnr3_label_alt_id 
_struct_conn.pdbx_ptnr3_PDB_ins_code 
_struct_conn.details 
_struct_conn.pdbx_dist_value 
_struct_conn.pdbx_value_order 
_struct_conn.pdbx_role 
metalc1  metalc ? ? A ASP 39 OD1 ? ? ? 1_555 B CA  . CA ? ? A ASP 39  A CA  201 1_555 ? ? ? ? ? ? ? 2.410 ? ? 
metalc2  metalc ? ? A GLY 47 O   ? ? ? 1_555 C K   . K  ? ? A GLY 47  A K   202 1_555 ? ? ? ? ? ? ? 2.850 ? ? 
metalc3  metalc ? ? A ALA 48 O   ? ? ? 1_555 C K   . K  ? ? A ALA 48  A K   202 1_555 ? ? ? ? ? ? ? 3.121 ? ? 
metalc4  metalc ? ? A ALA 50 O   ? ? ? 1_555 C K   . K  ? ? A ALA 50  A K   202 1_555 ? ? ? ? ? ? ? 2.577 ? ? 
metalc5  metalc ? ? A GLN 56 O   ? ? ? 1_555 B CA  . CA ? ? A GLN 56  A CA  201 1_555 ? ? ? ? ? ? ? 2.387 ? ? 
metalc6  metalc ? ? A THR 68 O   ? ? ? 1_555 C K   . K  ? ? A THR 68  A K   202 1_555 ? ? ? ? ? ? ? 2.708 ? ? 
metalc7  metalc ? ? A GLY 79 O   ? ? ? 1_555 B CA  . CA ? ? A GLY 79  A CA  201 1_555 ? ? ? ? ? ? ? 2.499 ? ? 
metalc8  metalc ? ? A SER 81 OG  ? ? ? 1_555 B CA  . CA ? ? A SER 81  A CA  201 1_555 ? ? ? ? ? ? ? 2.353 ? ? 
metalc9  metalc ? ? A ASP 88 OD2 ? ? ? 1_555 C K   . K  ? ? A ASP 88  A K   202 1_555 ? ? ? ? ? ? ? 2.532 ? ? 
metalc10 metalc ? ? B CA  .  CA  ? ? ? 1_555 D HOH . O  ? ? A CA  201 A HOH 316 1_555 ? ? ? ? ? ? ? 2.485 ? ? 
metalc11 metalc ? ? B CA  .  CA  ? ? ? 1_555 D HOH . O  ? ? A CA  201 A HOH 319 3_565 ? ? ? ? ? ? ? 2.448 ? ? 
metalc12 metalc ? ? B CA  .  CA  ? ? ? 1_555 D HOH . O  ? ? A CA  201 A HOH 349 1_555 ? ? ? ? ? ? ? 2.341 ? ? 
metalc13 metalc ? ? C K   .  K   ? ? ? 1_555 D HOH . O  ? ? A K   202 A HOH 311 1_555 ? ? ? ? ? ? ? 2.399 ? ? 
# 
_struct_conn_type.id          metalc 
_struct_conn_type.criteria    ? 
_struct_conn_type.reference   ? 
# 
loop_
_struct_sheet.id 
_struct_sheet.type 
_struct_sheet.number_strands 
_struct_sheet.details 
AA1 ? 3 ? 
AA2 ? 4 ? 
# 
loop_
_struct_sheet_order.sheet_id 
_struct_sheet_order.range_id_1 
_struct_sheet_order.range_id_2 
_struct_sheet_order.offset 
_struct_sheet_order.sense 
AA1 1 2 ? anti-parallel 
AA1 2 3 ? anti-parallel 
AA2 1 2 ? anti-parallel 
AA2 2 3 ? anti-parallel 
AA2 3 4 ? anti-parallel 
# 
loop_
_struct_sheet_range.sheet_id 
_struct_sheet_range.id 
_struct_sheet_range.beg_label_comp_id 
_struct_sheet_range.beg_label_asym_id 
_struct_sheet_range.beg_label_seq_id 
_struct_sheet_range.pdbx_beg_PDB_ins_code 
_struct_sheet_range.end_label_comp_id 
_struct_sheet_range.end_label_asym_id 
_struct_sheet_range.end_label_seq_id 
_struct_sheet_range.pdbx_end_PDB_ins_code 
_struct_sheet_range.beg_auth_comp_id 
_struct_sheet_range.beg_auth_asym_id 
_struct_sheet_range.beg_auth_seq_id 
_struct_sheet_range.end_auth_comp_id 
_struct_sheet_range.end_auth_asym_id 
_struct_sheet_range.end_auth_seq_id 
AA1 1 GLY A 22 ? ALA A 26 ? GLY A 22 ALA A 26 
AA1 2 LYS A 9  ? TYR A 13 ? LYS A 9  TYR A 13 
AA1 3 SER A 43 ? VAL A 46 ? SER A 43 VAL A 46 
AA2 1 GLN A 29 ? SER A 32 ? GLN A 29 SER A 32 
AA2 2 ARG A 82 ? ASP A 87 ? ARG A 82 ASP A 87 
AA2 3 ALA A 50 ? HIS A 57 ? ALA A 50 HIS A 57 
AA2 4 THR A 61 ? TRP A 67 ? THR A 61 TRP A 67 
# 
loop_
_pdbx_struct_sheet_hbond.sheet_id 
_pdbx_struct_sheet_hbond.range_id_1 
_pdbx_struct_sheet_hbond.range_id_2 
_pdbx_struct_sheet_hbond.range_1_label_atom_id 
_pdbx_struct_sheet_hbond.range_1_label_comp_id 
_pdbx_struct_sheet_hbond.range_1_label_asym_id 
_pdbx_struct_sheet_hbond.range_1_label_seq_id 
_pdbx_struct_sheet_hbond.range_1_PDB_ins_code 
_pdbx_struct_sheet_hbond.range_1_auth_atom_id 
_pdbx_struct_sheet_hbond.range_1_auth_comp_id 
_pdbx_struct_sheet_hbond.range_1_auth_asym_id 
_pdbx_struct_sheet_hbond.range_1_auth_seq_id 
_pdbx_struct_sheet_hbond.range_2_label_atom_id 
_pdbx_struct_sheet_hbond.range_2_label_comp_id 
_pdbx_struct_sheet_hbond.range_2_label_asym_id 
_pdbx_struct_sheet_hbond.range_2_label_seq_id 
_pdbx_struct_sheet_hbond.range_2_PDB_ins_code 
_pdbx_struct_sheet_hbond.range_2_auth_atom_id 
_pdbx_struct_sheet_hbond.range_2_auth_comp_id 
_pdbx_struct_sheet_hbond.range_2_auth_asym_id 
_pdbx_struct_sheet_hbond.range_2_auth_seq_id 
AA1 1 2 O ASP A 23 ? O ASP A 23 N PHE A 12 ? N PHE A 12 
AA1 2 3 N TYR A 13 ? N TYR A 13 O SER A 43 ? O SER A 43 
AA2 1 2 N VAL A 31 ? N VAL A 31 O PHE A 83 ? O PHE A 83 
AA2 2 3 O ARG A 82 ? O ARG A 82 N TRP A 55 ? N TRP A 55 
AA2 3 4 N ALA A 54 ? N ALA A 54 O ARG A 65 ? O ARG A 65 
# 
loop_
_struct_site.id 
_struct_site.pdbx_evidence_code 
_struct_site.pdbx_auth_asym_id 
_struct_site.pdbx_auth_comp_id 
_struct_site.pdbx_auth_seq_id 
_struct_site.pdbx_auth_ins_code 
_struct_site.pdbx_num_residues 
_struct_site.details 
AC1 Software A CA 201 ? 7 'binding site for residue CA A 201' 
AC2 Software A K  202 ? 6 'binding site for residue K A 202'  
# 
loop_
_struct_site_gen.id 
_struct_site_gen.site_id 
_struct_site_gen.pdbx_num_res 
_struct_site_gen.label_comp_id 
_struct_site_gen.label_asym_id 
_struct_site_gen.label_seq_id 
_struct_site_gen.pdbx_auth_ins_code 
_struct_site_gen.auth_comp_id 
_struct_site_gen.auth_asym_id 
_struct_site_gen.auth_seq_id 
_struct_site_gen.label_atom_id 
_struct_site_gen.label_alt_id 
_struct_site_gen.symmetry 
_struct_site_gen.details 
1  AC1 7 ASP A 39 ? ASP A 39  . ? 1_555 ? 
2  AC1 7 GLN A 56 ? GLN A 56  . ? 1_555 ? 
3  AC1 7 GLY A 79 ? GLY A 79  . ? 1_555 ? 
4  AC1 7 SER A 81 ? SER A 81  . ? 1_555 ? 
5  AC1 7 HOH D .  ? HOH A 316 . ? 1_555 ? 
6  AC1 7 HOH D .  ? HOH A 319 . ? 3_565 ? 
7  AC1 7 HOH D .  ? HOH A 349 . ? 1_555 ? 
8  AC2 6 GLY A 47 ? GLY A 47  . ? 1_555 ? 
9  AC2 6 ALA A 48 ? ALA A 48  . ? 1_555 ? 
10 AC2 6 ALA A 50 ? ALA A 50  . ? 1_555 ? 
11 AC2 6 THR A 68 ? THR A 68  . ? 1_555 ? 
12 AC2 6 ASP A 88 ? ASP A 88  . ? 1_555 ? 
13 AC2 6 HOH D .  ? HOH A 311 . ? 1_555 ? 
# 
_atom_sites.entry_id                    5Z6E 
_atom_sites.fract_transf_matrix[1][1]   -0.00498362 
_atom_sites.fract_transf_matrix[1][2]   -0.00176474 
_atom_sites.fract_transf_matrix[1][3]   0.02298895 
_atom_sites.fract_transf_matrix[2][1]   0.00560441 
_atom_sites.fract_transf_matrix[2][2]   0.01760336 
_atom_sites.fract_transf_matrix[2][3]   0.01466810 
_atom_sites.fract_transf_matrix[3][1]   -0.01091655 
_atom_sites.fract_transf_matrix[3][2]   0.00511994 
_atom_sites.fract_transf_matrix[3][3]   -0.00197350 
_atom_sites.fract_transf_vector[1]      0.295217 
_atom_sites.fract_transf_vector[2]      0.740173 
_atom_sites.fract_transf_vector[3]      0.138438 
# 
loop_
_atom_type.symbol 
C  
CA 
K  
N  
O  
# 
loop_
_atom_site.group_PDB 
_atom_site.id 
_atom_site.type_symbol 
_atom_site.label_atom_id 
_atom_site.label_alt_id 
_atom_site.label_comp_id 
_atom_site.label_asym_id 
_atom_site.label_entity_id 
_atom_site.label_seq_id 
_atom_site.pdbx_PDB_ins_code 
_atom_site.Cartn_x 
_atom_site.Cartn_y 
_atom_site.Cartn_z 
_atom_site.occupancy 
_atom_site.B_iso_or_equiv 
_atom_site.pdbx_formal_charge 
_atom_site.auth_seq_id 
_atom_site.auth_comp_id 
_atom_site.auth_asym_id 
_atom_site.auth_atom_id 
_atom_site.pdbx_PDB_model_num 
ATOM   1   N  N   . ALA A 1 2  ? 9.507   -1.297  -10.969 1.00 35.50 ? 2   ALA A N   1 
ATOM   2   C  CA  . ALA A 1 2  ? 8.930   -0.268  -10.108 1.00 28.46 ? 2   ALA A CA  1 
ATOM   3   C  C   . ALA A 1 2  ? 9.856   0.939   -10.010 1.00 30.76 ? 2   ALA A C   1 
ATOM   4   O  O   . ALA A 1 2  ? 11.077  0.797   -10.089 1.00 33.65 ? 2   ALA A O   1 
ATOM   5   C  CB  . ALA A 1 2  ? 8.644   -0.827  -8.723  1.00 26.63 ? 2   ALA A CB  1 
ATOM   6   N  N   . PRO A 1 3  ? 9.272   2.136   -9.853  1.00 30.45 ? 3   PRO A N   1 
ATOM   7   C  CA  . PRO A 1 3  ? 10.041  3.362   -9.621  1.00 30.65 ? 3   PRO A CA  1 
ATOM   8   C  C   . PRO A 1 3  ? 10.886  3.232   -8.363  1.00 27.93 ? 3   PRO A C   1 
ATOM   9   O  O   . PRO A 1 3  ? 10.584  2.393   -7.508  1.00 29.52 ? 3   PRO A O   1 
ATOM   10  C  CB  . PRO A 1 3  ? 8.960   4.434   -9.460  1.00 30.05 ? 3   PRO A CB  1 
ATOM   11  C  CG  . PRO A 1 3  ? 7.786   3.892   -10.221 1.00 29.68 ? 3   PRO A CG  1 
ATOM   12  C  CD  . PRO A 1 3  ? 7.829   2.411   -9.935  1.00 29.33 ? 3   PRO A CD  1 
ATOM   13  N  N   . SER A 1 4  ? 11.949  4.021   -8.253  1.00 31.53 ? 4   SER A N   1 
ATOM   14  C  CA  . SER A 1 4  ? 12.794  3.919   -7.071  1.00 30.69 ? 4   SER A CA  1 
ATOM   15  C  C   . SER A 1 4  ? 12.014  4.470   -5.891  1.00 28.16 ? 4   SER A C   1 
ATOM   16  O  O   . SER A 1 4  ? 11.231  5.417   -6.024  1.00 28.96 ? 4   SER A O   1 
ATOM   17  C  CB  . SER A 1 4  ? 14.118  4.663   -7.254  1.00 31.84 ? 4   SER A CB  1 
ATOM   18  O  OG  . SER A 1 4  ? 13.913  6.062   -7.230  1.00 41.18 ? 4   SER A OG  1 
ATOM   19  N  N   . VAL A 1 5  ? 12.206  3.850   -4.739  1.00 21.86 ? 5   VAL A N   1 
ATOM   20  C  CA  . VAL A 1 5  ? 11.510  4.272   -3.541  1.00 19.42 ? 5   VAL A CA  1 
ATOM   21  C  C   . VAL A 1 5  ? 12.470  4.096   -2.378  1.00 19.34 ? 5   VAL A C   1 
ATOM   22  O  O   . VAL A 1 5  ? 13.195  3.105   -2.319  1.00 19.13 ? 5   VAL A O   1 
ATOM   23  C  CB  . VAL A 1 5  ? 10.197  3.467   -3.339  1.00 19.39 ? 5   VAL A CB  1 
ATOM   24  C  CG1 . VAL A 1 5  ? 10.440  1.955   -3.462  1.00 19.06 ? 5   VAL A CG1 1 
ATOM   25  C  CG2 . VAL A 1 5  ? 9.511   3.833   -2.013  1.00 19.02 ? 5   VAL A CG2 1 
ATOM   26  N  N   . ASP A 1 6  ? 12.513  5.085   -1.492  1.00 17.86 ? 6   ASP A N   1 
ATOM   27  C  CA  . ASP A 1 6  ? 13.397  5.030   -0.324  1.00 18.56 ? 6   ASP A CA  1 
ATOM   28  C  C   . ASP A 1 6  ? 13.054  3.823   0.551   1.00 16.75 ? 6   ASP A C   1 
ATOM   29  O  O   . ASP A 1 6  ? 11.897  3.405   0.589   1.00 13.84 ? 6   ASP A O   1 
ATOM   30  C  CB  . ASP A 1 6  ? 13.293  6.324   0.483   1.00 19.15 ? 6   ASP A CB  1 
ATOM   31  C  CG  . ASP A 1 6  ? 13.939  7.516   -0.224  1.00 29.72 ? 6   ASP A CG  1 
ATOM   32  O  OD1 . ASP A 1 6  ? 14.729  7.302   -1.167  1.00 29.51 ? 6   ASP A OD1 1 
ATOM   33  O  OD2 . ASP A 1 6  ? 13.660  8.667   0.181   1.00 35.72 ? 6   ASP A OD2 1 
ATOM   34  N  N   . PRO A 1 7  ? 14.050  3.269   1.273   1.00 14.64 ? 7   PRO A N   1 
ATOM   35  C  CA  . PRO A 1 7  ? 13.847  2.029   2.046   1.00 14.47 ? 7   PRO A CA  1 
ATOM   36  C  C   . PRO A 1 7  ? 12.656  2.039   3.015   1.00 15.83 ? 7   PRO A C   1 
ATOM   37  O  O   . PRO A 1 7  ? 11.949  1.037   3.120   1.00 13.82 ? 7   PRO A O   1 
ATOM   38  C  CB  . PRO A 1 7  ? 15.160  1.892   2.831   1.00 15.90 ? 7   PRO A CB  1 
ATOM   39  C  CG  . PRO A 1 7  ? 16.173  2.541   1.943   1.00 17.27 ? 7   PRO A CG  1 
ATOM   40  C  CD  . PRO A 1 7  ? 15.457  3.713   1.313   1.00 17.66 ? 7   PRO A CD  1 
ATOM   41  N  N   . THR A 1 8  ? 12.434  3.143   3.711   1.00 12.59 ? 8   THR A N   1 
ATOM   42  C  CA  . THR A 1 8  ? 11.385  3.173   4.720   1.00 13.66 ? 8   THR A CA  1 
ATOM   43  C  C   . THR A 1 8  ? 10.058  3.657   4.161   1.00 15.28 ? 8   THR A C   1 
ATOM   44  O  O   . THR A 1 8  ? 9.121   3.931   4.912   1.00 12.70 ? 8   THR A O   1 
ATOM   45  C  CB  . THR A 1 8  ? 11.736  4.089   5.877   1.00 16.64 ? 8   THR A CB  1 
ATOM   46  O  OG1 . THR A 1 8  ? 11.906  5.418   5.372   1.00 13.62 ? 8   THR A OG1 1 
ATOM   47  C  CG2 . THR A 1 8  ? 13.006  3.618   6.580   1.00 19.60 ? 8   THR A CG2 1 
ATOM   48  N  N   . LYS A 1 9  ? 9.981   3.779   2.845   1.00 13.62 ? 9   LYS A N   1 
ATOM   49  C  CA  . LYS A 1 9  ? 8.792   4.356   2.252   1.00 12.50 ? 9   LYS A CA  1 
ATOM   50  C  C   . LYS A 1 9  ? 8.073   3.405   1.306   1.00 14.82 ? 9   LYS A C   1 
ATOM   51  O  O   . LYS A 1 9  ? 8.636   2.386   0.879   1.00 12.41 ? 9   LYS A O   1 
ATOM   52  C  CB  . LYS A 1 9  ? 9.170   5.657   1.546   1.00 15.91 ? 9   LYS A CB  1 
ATOM   53  C  CG  . LYS A 1 9  ? 9.582   6.709   2.575   1.00 18.79 ? 9   LYS A CG  1 
ATOM   54  C  CD  . LYS A 1 9  ? 10.002  8.005   1.967   1.00 26.03 ? 9   LYS A CD  1 
ATOM   55  C  CE  . LYS A 1 9  ? 10.425  8.958   3.075   1.00 26.32 ? 9   LYS A CE  1 
ATOM   56  N  NZ  . LYS A 1 9  ? 10.746  10.283  2.509   1.00 29.76 ? 9   LYS A NZ  1 
ATOM   57  N  N   . VAL A 1 10 ? 6.809   3.729   1.032   1.00 11.35 ? 10  VAL A N   1 
ATOM   58  C  CA  . VAL A 1 10 ? 6.037   3.053   -0.008  1.00 11.88 ? 10  VAL A CA  1 
ATOM   59  C  C   . VAL A 1 10 ? 5.351   4.138   -0.825  1.00 13.47 ? 10  VAL A C   1 
ATOM   60  O  O   . VAL A 1 10 ? 5.109   5.238   -0.327  1.00 12.97 ? 10  VAL A O   1 
ATOM   61  C  CB  . VAL A 1 10 ? 4.993   2.050   0.560   1.00 12.40 ? 10  VAL A CB  1 
ATOM   62  C  CG1 . VAL A 1 10 ? 5.661   1.068   1.545   1.00 11.13 ? 10  VAL A CG1 1 
ATOM   63  C  CG2 . VAL A 1 10 ? 3.811   2.773   1.212   1.00 13.07 ? 10  VAL A CG2 1 
ATOM   64  N  N   . ILE A 1 11 ? 5.063   3.845   -2.083  1.00 12.28 ? 11  ILE A N   1 
ATOM   65  C  CA  . ILE A 1 11 ? 4.331   4.784   -2.927  1.00 11.64 ? 11  ILE A CA  1 
ATOM   66  C  C   . ILE A 1 11 ? 3.124   4.078   -3.537  1.00 12.27 ? 11  ILE A C   1 
ATOM   67  O  O   . ILE A 1 11 ? 3.286   3.073   -4.214  1.00 13.09 ? 11  ILE A O   1 
ATOM   68  C  CB  . ILE A 1 11 ? 5.218   5.335   -4.056  1.00 14.28 ? 11  ILE A CB  1 
ATOM   69  C  CG1 . ILE A 1 11 ? 6.546   5.863   -3.498  1.00 14.28 ? 11  ILE A CG1 1 
ATOM   70  C  CG2 . ILE A 1 11 ? 4.463   6.407   -4.843  1.00 13.80 ? 11  ILE A CG2 1 
ATOM   71  C  CD1 . ILE A 1 11 ? 7.562   6.224   -4.597  1.00 17.05 ? 11  ILE A CD1 1 
ATOM   72  N  N   . PHE A 1 12 ? 1.921   4.587   -3.273  1.00 11.69 ? 12  PHE A N   1 
ATOM   73  C  CA  . PHE A 1 12 ? 0.705   4.036   -3.857  1.00 12.29 ? 12  PHE A CA  1 
ATOM   74  C  C   . PHE A 1 12 ? 0.336   4.794   -5.121  1.00 11.81 ? 12  PHE A C   1 
ATOM   75  O  O   . PHE A 1 12 ? 0.458   6.027   -5.174  1.00 13.05 ? 12  PHE A O   1 
ATOM   76  C  CB  . PHE A 1 12 ? -0.456  4.088   -2.861  1.00 10.20 ? 12  PHE A CB  1 
ATOM   77  C  CG  . PHE A 1 12 ? -0.471  2.939   -1.907  1.00 13.16 ? 12  PHE A CG  1 
ATOM   78  C  CD1 . PHE A 1 12 ? -0.967  1.704   -2.298  1.00 14.39 ? 12  PHE A CD1 1 
ATOM   79  C  CD2 . PHE A 1 12 ? 0.028   3.082   -0.626  1.00 12.23 ? 12  PHE A CD2 1 
ATOM   80  C  CE1 . PHE A 1 12 ? -0.976  0.632   -1.417  1.00 11.75 ? 12  PHE A CE1 1 
ATOM   81  C  CE2 . PHE A 1 12 ? 0.021   2.022   0.252   1.00 11.55 ? 12  PHE A CE2 1 
ATOM   82  C  CZ  . PHE A 1 12 ? -0.485  0.795   -0.143  1.00 11.52 ? 12  PHE A CZ  1 
ATOM   83  N  N   . TYR A 1 13 ? -0.090  4.049   -6.135  1.00 11.64 ? 13  TYR A N   1 
ATOM   84  C  CA  . TYR A 1 13 ? -0.515  4.622   -7.408  1.00 11.58 ? 13  TYR A CA  1 
ATOM   85  C  C   . TYR A 1 13 ? -1.978  4.288   -7.684  1.00 11.53 ? 13  TYR A C   1 
ATOM   86  O  O   . TYR A 1 13 ? -2.502  3.264   -7.230  1.00 12.45 ? 13  TYR A O   1 
ATOM   87  C  CB  . TYR A 1 13 ? 0.363   4.108   -8.552  1.00 12.70 ? 13  TYR A CB  1 
ATOM   88  C  CG  . TYR A 1 13 ? 1.839   4.362   -8.341  1.00 12.66 ? 13  TYR A CG  1 
ATOM   89  C  CD1 . TYR A 1 13 ? 2.629   3.438   -7.674  1.00 13.28 ? 13  TYR A CD1 1 
ATOM   90  C  CD2 . TYR A 1 13 ? 2.438   5.529   -8.806  1.00 13.52 ? 13  TYR A CD2 1 
ATOM   91  C  CE1 . TYR A 1 13 ? 3.994   3.668   -7.472  1.00 14.71 ? 13  TYR A CE1 1 
ATOM   92  C  CE2 . TYR A 1 13 ? 3.793   5.767   -8.612  1.00 15.43 ? 13  TYR A CE2 1 
ATOM   93  C  CZ  . TYR A 1 13 ? 4.561   4.832   -7.948  1.00 13.54 ? 13  TYR A CZ  1 
ATOM   94  O  OH  . TYR A 1 13 ? 5.903   5.057   -7.742  1.00 17.81 ? 13  TYR A OH  1 
ATOM   95  N  N   . GLN A 1 14 ? -2.632  5.159   -8.440  1.00 12.56 ? 14  GLN A N   1 
ATOM   96  C  CA  . GLN A 1 14 ? -4.048  5.003   -8.740  1.00 10.73 ? 14  GLN A CA  1 
ATOM   97  C  C   . GLN A 1 14 ? -4.256  4.277   -10.063 1.00 16.87 ? 14  GLN A C   1 
ATOM   98  O  O   . GLN A 1 14 ? -5.376  4.174   -10.566 1.00 16.08 ? 14  GLN A O   1 
ATOM   99  C  CB  . GLN A 1 14 ? -4.735  6.364   -8.760  1.00 13.47 ? 14  GLN A CB  1 
ATOM   100 C  CG  . GLN A 1 14 ? -4.734  7.052   -7.409  1.00 14.81 ? 14  GLN A CG  1 
ATOM   101 C  CD  . GLN A 1 14 ? -5.437  8.399   -7.424  1.00 19.44 ? 14  GLN A CD  1 
ATOM   102 O  OE1 . GLN A 1 14 ? -6.573  8.519   -7.881  1.00 20.73 ? 14  GLN A OE1 1 
ATOM   103 N  NE2 . GLN A 1 14 ? -4.753  9.423   -6.922  1.00 23.21 ? 14  GLN A NE2 1 
ATOM   104 N  N   . LYS A 1 15 ? -3.159  3.793   -10.630 1.00 13.16 ? 15  LYS A N   1 
ATOM   105 C  CA  . LYS A 1 15 ? -3.205  2.935   -11.807 1.00 11.12 ? 15  LYS A CA  1 
ATOM   106 C  C   . LYS A 1 15 ? -2.371  1.696   -11.544 1.00 13.29 ? 15  LYS A C   1 
ATOM   107 O  O   . LYS A 1 15 ? -1.543  1.679   -10.633 1.00 11.64 ? 15  LYS A O   1 
ATOM   108 C  CB  . LYS A 1 15 ? -2.673  3.669   -13.039 1.00 14.20 ? 15  LYS A CB  1 
ATOM   109 C  CG  . LYS A 1 15 ? -3.540  4.841   -13.467 1.00 18.75 ? 15  LYS A CG  1 
ATOM   110 C  CD  . LYS A 1 15 ? -2.851  5.630   -14.568 1.00 23.86 ? 15  LYS A CD  1 
ATOM   111 C  CE  . LYS A 1 15 ? -3.809  6.623   -15.225 1.00 27.50 ? 15  LYS A CE  1 
ATOM   112 N  NZ  . LYS A 1 15 ? -3.049  7.638   -15.998 1.00 38.17 ? 15  LYS A NZ  1 
ATOM   113 N  N   . LYS A 1 16 ? -2.573  0.663   -12.350 1.00 11.81 ? 16  LYS A N   1 
ATOM   114 C  CA  . LYS A 1 16 ? -1.715  -0.511  -12.247 1.00 14.74 ? 16  LYS A CA  1 
ATOM   115 C  C   . LYS A 1 16 ? -0.330  -0.162  -12.767 1.00 11.12 ? 16  LYS A C   1 
ATOM   116 O  O   . LYS A 1 16 ? -0.155  0.873   -13.429 1.00 12.53 ? 16  LYS A O   1 
ATOM   117 C  CB  . LYS A 1 16 ? -2.299  -1.692  -13.021 1.00 14.33 ? 16  LYS A CB  1 
ATOM   118 C  CG  . LYS A 1 16 ? -3.609  -2.200  -12.455 1.00 15.07 ? 16  LYS A CG  1 
ATOM   119 C  CD  . LYS A 1 16 ? -4.133  -3.415  -13.226 1.00 19.02 ? 16  LYS A CD  1 
ATOM   120 C  CE  . LYS A 1 16 ? -5.572  -3.740  -12.819 1.00 22.69 ? 16  LYS A CE  1 
ATOM   121 N  NZ  . LYS A 1 16 ? -6.184  -4.781  -13.690 1.00 25.94 ? 16  LYS A NZ  1 
ATOM   122 N  N   . ASN A 1 17 ? 0.643   -1.024  -12.461 1.00 13.50 ? 17  ASN A N   1 
ATOM   123 C  CA  . ASN A 1 17 ? 1.982   -0.931  -13.028 1.00 12.43 ? 17  ASN A CA  1 
ATOM   124 C  C   . ASN A 1 17 ? 2.677   0.390   -12.723 1.00 14.81 ? 17  ASN A C   1 
ATOM   125 O  O   . ASN A 1 17 ? 3.472   0.883   -13.519 1.00 16.21 ? 17  ASN A O   1 
ATOM   126 C  CB  . ASN A 1 17 ? 1.898   -1.169  -14.533 1.00 16.19 ? 17  ASN A CB  1 
ATOM   127 C  CG  . ASN A 1 17 ? 1.344   -2.533  -14.848 1.00 17.23 ? 17  ASN A CG  1 
ATOM   128 O  OD1 . ASN A 1 17 ? 1.895   -3.542  -14.410 1.00 16.35 ? 17  ASN A OD1 1 
ATOM   129 N  ND2 . ASN A 1 17 ? 0.223   -2.576  -15.565 1.00 13.86 ? 17  ASN A ND2 1 
ATOM   130 N  N   . PHE A 1 18 ? 2.354   0.954   -11.561 1.00 11.74 ? 18  PHE A N   1 
ATOM   131 C  CA  . PHE A 1 18 ? 3.069   2.097   -11.012 1.00 14.53 ? 18  PHE A CA  1 
ATOM   132 C  C   . PHE A 1 18 ? 2.994   3.336   -11.903 1.00 14.16 ? 18  PHE A C   1 
ATOM   133 O  O   . PHE A 1 18 ? 3.936   4.119   -11.958 1.00 15.31 ? 18  PHE A O   1 
ATOM   134 C  CB  . PHE A 1 18 ? 4.538   1.723   -10.759 1.00 15.76 ? 18  PHE A CB  1 
ATOM   135 C  CG  . PHE A 1 18 ? 4.734   0.313   -10.240 1.00 15.89 ? 18  PHE A CG  1 
ATOM   136 C  CD1 . PHE A 1 18 ? 4.440   -0.009  -8.917  1.00 12.50 ? 18  PHE A CD1 1 
ATOM   137 C  CD2 . PHE A 1 18 ? 5.230   -0.684  -11.076 1.00 16.26 ? 18  PHE A CD2 1 
ATOM   138 C  CE1 . PHE A 1 18 ? 4.625   -1.309  -8.452  1.00 14.22 ? 18  PHE A CE1 1 
ATOM   139 C  CE2 . PHE A 1 18 ? 5.418   -1.980  -10.617 1.00 14.42 ? 18  PHE A CE2 1 
ATOM   140 C  CZ  . PHE A 1 18 ? 5.112   -2.295  -9.305  1.00 14.65 ? 18  PHE A CZ  1 
ATOM   141 N  N   . GLU A 1 19 ? 1.863   3.512   -12.575 1.00 11.81 ? 19  GLU A N   1 
ATOM   142 C  CA  . GLU A 1 19 ? 1.653   4.632   -13.480 1.00 15.82 ? 19  GLU A CA  1 
ATOM   143 C  C   . GLU A 1 19 ? 0.997   5.819   -12.790 1.00 16.95 ? 19  GLU A C   1 
ATOM   144 O  O   . GLU A 1 19 ? 0.258   5.647   -11.828 1.00 15.91 ? 19  GLU A O   1 
ATOM   145 C  CB  . GLU A 1 19 ? 0.787   4.187   -14.656 1.00 14.05 ? 19  GLU A CB  1 
ATOM   146 C  CG  . GLU A 1 19 ? 1.421   3.062   -15.452 1.00 14.06 ? 19  GLU A CG  1 
ATOM   147 C  CD  . GLU A 1 19 ? 0.556   2.628   -16.611 1.00 17.72 ? 19  GLU A CD  1 
ATOM   148 O  OE1 . GLU A 1 19 ? -0.472  3.297   -16.865 1.00 18.84 ? 19  GLU A OE1 1 
ATOM   149 O  OE2 . GLU A 1 19 ? 0.896   1.612   -17.257 1.00 15.71 ? 19  GLU A OE2 1 
ATOM   150 N  N   . GLY A 1 20 ? 1.262   7.021   -13.293 1.00 16.40 ? 20  GLY A N   1 
ATOM   151 C  CA  . GLY A 1 20 ? 0.599   8.212   -12.792 1.00 17.86 ? 20  GLY A CA  1 
ATOM   152 C  C   . GLY A 1 20 ? 1.273   8.764   -11.554 1.00 14.09 ? 20  GLY A C   1 
ATOM   153 O  O   . GLY A 1 20 ? 2.330   8.292   -11.150 1.00 14.20 ? 20  GLY A O   1 
ATOM   154 N  N   . SER A 1 21 ? 0.665   9.776   -10.945 1.00 14.64 ? 21  SER A N   1 
ATOM   155 C  CA  . SER A 1 21 ? 1.259   10.369  -9.753  1.00 16.79 ? 21  SER A CA  1 
ATOM   156 C  C   . SER A 1 21 ? 1.144   9.405   -8.578  1.00 17.72 ? 21  SER A C   1 
ATOM   157 O  O   . SER A 1 21 ? 0.133   8.707   -8.424  1.00 16.82 ? 21  SER A O   1 
ATOM   158 C  CB  . SER A 1 21 ? 0.595   11.701  -9.416  1.00 19.49 ? 21  SER A CB  1 
ATOM   159 O  OG  . SER A 1 21 ? -0.783  11.513  -9.202  1.00 31.27 ? 21  SER A OG  1 
ATOM   160 N  N   . GLY A 1 22 ? 2.188   9.362   -7.757  1.00 16.27 ? 22  GLY A N   1 
ATOM   161 C  CA  . GLY A 1 22 ? 2.205   8.469   -6.609  1.00 15.07 ? 22  GLY A CA  1 
ATOM   162 C  C   . GLY A 1 22 ? 2.057   9.205   -5.292  1.00 15.34 ? 22  GLY A C   1 
ATOM   163 O  O   . GLY A 1 22 ? 2.466   10.354  -5.163  1.00 14.48 ? 22  GLY A O   1 
ATOM   164 N  N   . ASP A 1 23 ? 1.458   8.537   -4.318  1.00 12.87 ? 23  ASP A N   1 
ATOM   165 C  CA  . ASP A 1 23 ? 1.296   9.076   -2.983  1.00 12.94 ? 23  ASP A CA  1 
ATOM   166 C  C   . ASP A 1 23 ? 2.252   8.354   -2.054  1.00 15.30 ? 23  ASP A C   1 
ATOM   167 O  O   . ASP A 1 23 ? 2.165   7.133   -1.901  1.00 13.26 ? 23  ASP A O   1 
ATOM   168 C  CB  . ASP A 1 23 ? -0.145  8.913   -2.497  1.00 12.19 ? 23  ASP A CB  1 
ATOM   169 C  CG  . ASP A 1 23 ? -1.129  9.771   -3.278  1.00 15.89 ? 23  ASP A CG  1 
ATOM   170 O  OD1 . ASP A 1 23 ? -0.680  10.728  -3.938  1.00 16.72 ? 23  ASP A OD1 1 
ATOM   171 O  OD2 . ASP A 1 23 ? -2.344  9.490   -3.218  1.00 16.15 ? 23  ASP A OD2 1 
ATOM   172 N  N   . THR A 1 24 ? 3.164   9.098   -1.436  1.00 14.92 ? 24  THR A N   1 
ATOM   173 C  CA  . THR A 1 24 ? 4.198   8.479   -0.611  1.00 12.56 ? 24  THR A CA  1 
ATOM   174 C  C   . THR A 1 24 ? 3.784   8.400   0.860   1.00 16.14 ? 24  THR A C   1 
ATOM   175 O  O   . THR A 1 24 ? 3.287   9.369   1.447   1.00 14.18 ? 24  THR A O   1 
ATOM   176 C  CB  . THR A 1 24 ? 5.529   9.231   -0.727  1.00 15.55 ? 24  THR A CB  1 
ATOM   177 O  OG1 . THR A 1 24 ? 5.990   9.194   -2.089  1.00 15.52 ? 24  THR A OG1 1 
ATOM   178 C  CG2 . THR A 1 24 ? 6.584   8.586   0.173   1.00 15.08 ? 24  THR A CG2 1 
ATOM   179 N  N   . TYR A 1 25 ? 3.967   7.219   1.437   1.00 11.51 ? 25  TYR A N   1 
ATOM   180 C  CA  . TYR A 1 25 ? 3.746   6.976   2.859   1.00 12.30 ? 25  TYR A CA  1 
ATOM   181 C  C   . TYR A 1 25 ? 5.020   6.344   3.426   1.00 14.40 ? 25  TYR A C   1 
ATOM   182 O  O   . TYR A 1 25 ? 5.870   5.882   2.669   1.00 13.71 ? 25  TYR A O   1 
ATOM   183 C  CB  . TYR A 1 25 ? 2.543   6.055   3.071   1.00 12.91 ? 25  TYR A CB  1 
ATOM   184 C  CG  . TYR A 1 25 ? 1.249   6.584   2.477   1.00 11.11 ? 25  TYR A CG  1 
ATOM   185 C  CD1 . TYR A 1 25 ? 0.910   6.335   1.147   1.00 13.40 ? 25  TYR A CD1 1 
ATOM   186 C  CD2 . TYR A 1 25 ? 0.368   7.325   3.249   1.00 14.45 ? 25  TYR A CD2 1 
ATOM   187 C  CE1 . TYR A 1 25 ? -0.284  6.820   0.601   1.00 12.59 ? 25  TYR A CE1 1 
ATOM   188 C  CE2 . TYR A 1 25 ? -0.825  7.806   2.726   1.00 14.66 ? 25  TYR A CE2 1 
ATOM   189 C  CZ  . TYR A 1 25 ? -1.148  7.559   1.403   1.00 13.78 ? 25  TYR A CZ  1 
ATOM   190 O  OH  . TYR A 1 25 ? -2.340  8.041   0.886   1.00 13.63 ? 25  TYR A OH  1 
ATOM   191 N  N   . ALA A 1 26 ? 5.157   6.325   4.747   1.00 14.51 ? 26  ALA A N   1 
ATOM   192 C  CA  . ALA A 1 26 ? 6.387   5.834   5.370   1.00 16.00 ? 26  ALA A CA  1 
ATOM   193 C  C   . ALA A 1 26 ? 6.114   4.917   6.557   1.00 13.93 ? 26  ALA A C   1 
ATOM   194 O  O   . ALA A 1 26 ? 5.025   4.951   7.151   1.00 12.27 ? 26  ALA A O   1 
ATOM   195 C  CB  . ALA A 1 26 ? 7.255   7.015   5.808   1.00 14.78 ? 26  ALA A CB  1 
ATOM   196 N  N   . VAL A 1 27 ? 7.113   4.114   6.925   1.00 11.38 ? 27  VAL A N   1 
ATOM   197 C  CA  . VAL A 1 27 ? 7.025   3.284   8.118   1.00 12.23 ? 27  VAL A CA  1 
ATOM   198 C  C   . VAL A 1 27 ? 6.579   4.126   9.315   1.00 12.76 ? 27  VAL A C   1 
ATOM   199 O  O   . VAL A 1 27 ? 7.056   5.242   9.506   1.00 14.05 ? 27  VAL A O   1 
ATOM   200 C  CB  . VAL A 1 27 ? 8.384   2.594   8.407   1.00 11.80 ? 27  VAL A CB  1 
ATOM   201 C  CG1 . VAL A 1 27 ? 8.405   1.969   9.793   1.00 13.39 ? 27  VAL A CG1 1 
ATOM   202 C  CG2 . VAL A 1 27 ? 8.653   1.528   7.343   1.00 12.00 ? 27  VAL A CG2 1 
ATOM   203 N  N   . GLY A 1 28 ? 5.632   3.603   10.088  1.00 13.56 ? 28  GLY A N   1 
ATOM   204 C  CA  . GLY A 1 28 ? 5.113   4.311   11.250  1.00 14.11 ? 28  GLY A CA  1 
ATOM   205 C  C   . GLY A 1 28 ? 3.756   4.957   11.012  1.00 16.62 ? 28  GLY A C   1 
ATOM   206 O  O   . GLY A 1 28 ? 3.183   5.565   11.913  1.00 15.56 ? 28  GLY A O   1 
ATOM   207 N  N   . GLN A 1 29 ? 3.240   4.845   9.790   1.00 15.85 ? 29  GLN A N   1 
ATOM   208 C  CA  . GLN A 1 29 ? 1.931   5.413   9.471   1.00 16.72 ? 29  GLN A CA  1 
ATOM   209 C  C   . GLN A 1 29 ? 0.839   4.354   9.376   1.00 18.73 ? 29  GLN A C   1 
ATOM   210 O  O   . GLN A 1 29 ? 1.000   3.332   8.707   1.00 17.96 ? 29  GLN A O   1 
ATOM   211 C  CB  . GLN A 1 29 ? 1.975   6.189   8.159   1.00 14.88 ? 29  GLN A CB  1 
ATOM   212 C  CG  . GLN A 1 29 ? 2.841   7.423   8.158   1.00 18.76 ? 29  GLN A CG  1 
ATOM   213 C  CD  . GLN A 1 29 ? 2.821   8.119   6.819   1.00 20.03 ? 29  GLN A CD  1 
ATOM   214 O  OE1 . GLN A 1 29 ? 3.858   8.494   6.291   1.00 28.09 ? 29  GLN A OE1 1 
ATOM   215 N  NE2 . GLN A 1 29 ? 1.638   8.303   6.268   1.00 32.09 ? 29  GLN A NE2 1 
ATOM   216 N  N   . ASP A 1 30 ? -0.263  4.602   10.069  1.00 16.39 ? 30  ASP A N   1 
ATOM   217 C  CA  . ASP A 1 30 ? -1.486  3.822   9.906   1.00 14.10 ? 30  ASP A CA  1 
ATOM   218 C  C   . ASP A 1 30 ? -2.486  4.700   9.179   1.00 16.19 ? 30  ASP A C   1 
ATOM   219 O  O   . ASP A 1 30 ? -2.763  5.813   9.619   1.00 16.44 ? 30  ASP A O   1 
ATOM   220 C  CB  . ASP A 1 30 ? -2.028  3.381   11.256  1.00 17.61 ? 30  ASP A CB  1 
ATOM   221 C  CG  . ASP A 1 30 ? -0.992  2.624   12.079  1.00 27.94 ? 30  ASP A CG  1 
ATOM   222 O  OD1 . ASP A 1 30 ? -0.116  1.948   11.480  1.00 27.89 ? 30  ASP A OD1 1 
ATOM   223 O  OD2 . ASP A 1 30 ? -1.050  2.700   13.324  1.00 32.43 ? 30  ASP A OD2 1 
ATOM   224 N  N   . VAL A 1 31 ? -3.018  4.210   8.065   1.00 13.47 ? 31  VAL A N   1 
ATOM   225 C  CA  . VAL A 1 31 ? -3.757  5.064   7.146   1.00 10.52 ? 31  VAL A CA  1 
ATOM   226 C  C   . VAL A 1 31 ? -5.128  4.528   6.789   1.00 13.80 ? 31  VAL A C   1 
ATOM   227 O  O   . VAL A 1 31 ? -5.229  3.470   6.169   1.00 12.07 ? 31  VAL A O   1 
ATOM   228 C  CB  . VAL A 1 31 ? -2.982  5.253   5.814   1.00 11.70 ? 31  VAL A CB  1 
ATOM   229 C  CG1 . VAL A 1 31 ? -3.766  6.159   4.858   1.00 10.74 ? 31  VAL A CG1 1 
ATOM   230 C  CG2 . VAL A 1 31 ? -1.591  5.823   6.071   1.00 14.48 ? 31  VAL A CG2 1 
ATOM   231 N  N   . SER A 1 32 ? -6.178  5.254   7.163   1.00 10.65 ? 32  SER A N   1 
ATOM   232 C  CA  . SER A 1 32 ? -7.467  5.048   6.530   1.00 11.18 ? 32  SER A CA  1 
ATOM   233 C  C   . SER A 1 32 ? -7.503  5.959   5.321   1.00 14.20 ? 32  SER A C   1 
ATOM   234 O  O   . SER A 1 32 ? -7.399  7.181   5.439   1.00 13.90 ? 32  SER A O   1 
ATOM   235 C  CB  . SER A 1 32 ? -8.626  5.336   7.474   1.00 16.07 ? 32  SER A CB  1 
ATOM   236 O  OG  . SER A 1 32 ? -8.657  4.356   8.498   1.00 16.73 ? 32  SER A OG  1 
ATOM   237 N  N   . VAL A 1 33 ? -7.609  5.345   4.154   1.00 12.79 ? 33  VAL A N   1 
ATOM   238 C  CA  . VAL A 1 33 ? -7.531  6.062   2.894   1.00 13.10 ? 33  VAL A CA  1 
ATOM   239 C  C   . VAL A 1 33 ? -8.619  7.141   2.829   1.00 14.85 ? 33  VAL A C   1 
ATOM   240 O  O   . VAL A 1 33 ? -9.756  6.883   3.196   1.00 14.43 ? 33  VAL A O   1 
ATOM   241 C  CB  . VAL A 1 33 ? -7.670  5.063   1.724   1.00 15.60 ? 33  VAL A CB  1 
ATOM   242 C  CG1 . VAL A 1 33 ? -7.646  5.778   0.391   1.00 16.26 ? 33  VAL A CG1 1 
ATOM   243 C  CG2 . VAL A 1 33 ? -6.542  4.022   1.806   1.00 14.09 ? 33  VAL A CG2 1 
ATOM   244 N  N   . PRO A 1 34 ? -8.259  8.360   2.380   1.00 15.51 ? 34  PRO A N   1 
ATOM   245 C  CA  . PRO A 1 34 ? -9.238  9.446   2.229   1.00 16.13 ? 34  PRO A CA  1 
ATOM   246 C  C   . PRO A 1 34 ? -10.432 9.005   1.388   1.00 17.14 ? 34  PRO A C   1 
ATOM   247 O  O   . PRO A 1 34 ? -10.257 8.189   0.478   1.00 16.03 ? 34  PRO A O   1 
ATOM   248 C  CB  . PRO A 1 34 ? -8.445  10.540  1.514   1.00 16.59 ? 34  PRO A CB  1 
ATOM   249 C  CG  . PRO A 1 34 ? -7.010  10.264  1.865   1.00 19.04 ? 34  PRO A CG  1 
ATOM   250 C  CD  . PRO A 1 34 ? -6.903  8.768   1.968   1.00 18.34 ? 34  PRO A CD  1 
ATOM   251 N  N   . GLY A 1 35 ? -11.619 9.521   1.693   1.00 15.98 ? 35  GLY A N   1 
ATOM   252 C  CA  . GLY A 1 35 ? -12.815 9.173   0.952   1.00 16.25 ? 35  GLY A CA  1 
ATOM   253 C  C   . GLY A 1 35 ? -12.621 9.258   -0.547  1.00 17.00 ? 35  GLY A C   1 
ATOM   254 O  O   . GLY A 1 35 ? -13.016 8.358   -1.283  1.00 15.17 ? 35  GLY A O   1 
ATOM   255 N  N   . SER A 1 36 ? -11.962 10.322  -0.996  1.00 15.65 ? 36  SER A N   1 
ATOM   256 C  CA  . SER A 1 36 ? -11.781 10.570  -2.423  1.00 18.19 ? 36  SER A CA  1 
ATOM   257 C  C   . SER A 1 36 ? -10.831 9.567   -3.075  1.00 17.20 ? 36  SER A C   1 
ATOM   258 O  O   . SER A 1 36 ? -10.824 9.399   -4.294  1.00 16.70 ? 36  SER A O   1 
ATOM   259 C  CB  . SER A 1 36 ? -11.255 11.990  -2.649  1.00 18.91 ? 36  SER A CB  1 
ATOM   260 O  OG  . SER A 1 36 ? -9.945  12.120  -2.117  1.00 20.56 ? 36  SER A OG  1 
ATOM   261 N  N   . LEU A 1 37 ? -10.008 8.913   -2.264  1.00 13.65 ? 37  LEU A N   1 
ATOM   262 C  CA  . LEU A 1 37 ? -9.077  7.917   -2.778  1.00 13.79 ? 37  LEU A CA  1 
ATOM   263 C  C   . LEU A 1 37 ? -9.502  6.488   -2.414  1.00 14.09 ? 37  LEU A C   1 
ATOM   264 O  O   . LEU A 1 37 ? -8.790  5.539   -2.702  1.00 11.57 ? 37  LEU A O   1 
ATOM   265 C  CB  . LEU A 1 37 ? -7.668  8.186   -2.242  1.00 14.16 ? 37  LEU A CB  1 
ATOM   266 C  CG  . LEU A 1 37 ? -6.959  9.446   -2.750  1.00 17.10 ? 37  LEU A CG  1 
ATOM   267 C  CD1 . LEU A 1 37 ? -5.725  9.741   -1.919  1.00 16.80 ? 37  LEU A CD1 1 
ATOM   268 C  CD2 . LEU A 1 37 ? -6.587  9.221   -4.191  1.00 19.23 ? 37  LEU A CD2 1 
ATOM   269 N  N   . ASN A 1 38 ? -10.658 6.337   -1.782  1.00 12.85 ? 38  ASN A N   1 
ATOM   270 C  CA  . ASN A 1 38 ? -11.066 5.018   -1.319  1.00 12.93 ? 38  ASN A CA  1 
ATOM   271 C  C   . ASN A 1 38 ? -11.221 4.035   -2.480  1.00 12.45 ? 38  ASN A C   1 
ATOM   272 O  O   . ASN A 1 38 ? -11.872 4.353   -3.468  1.00 11.10 ? 38  ASN A O   1 
ATOM   273 C  CB  . ASN A 1 38 ? -12.374 5.111   -0.533  1.00 13.69 ? 38  ASN A CB  1 
ATOM   274 C  CG  . ASN A 1 38 ? -12.724 3.817   0.141   1.00 12.83 ? 38  ASN A CG  1 
ATOM   275 O  OD1 . ASN A 1 38 ? -13.892 3.386   0.145   1.00 15.19 ? 38  ASN A OD1 1 
ATOM   276 N  ND2 . ASN A 1 38 ? -11.720 3.174   0.715   1.00 10.18 ? 38  ASN A ND2 1 
ATOM   277 N  N   . ASP A 1 39 ? -10.597 2.861   -2.335  1.00 9.68  ? 39  ASP A N   1 
ATOM   278 C  CA  . ASP A 1 39 ? -10.541 1.794   -3.353  1.00 11.83 ? 39  ASP A CA  1 
ATOM   279 C  C   . ASP A 1 39 ? -9.828  2.188   -4.653  1.00 13.55 ? 39  ASP A C   1 
ATOM   280 O  O   . ASP A 1 39 ? -9.852  1.419   -5.622  1.00 14.22 ? 39  ASP A O   1 
ATOM   281 C  CB  . ASP A 1 39 ? -11.949 1.298   -3.711  1.00 13.27 ? 39  ASP A CB  1 
ATOM   282 C  CG  . ASP A 1 39 ? -12.720 0.773   -2.507  1.00 12.12 ? 39  ASP A CG  1 
ATOM   283 O  OD1 . ASP A 1 39 ? -12.101 0.349   -1.493  1.00 10.47 ? 39  ASP A OD1 1 
ATOM   284 O  OD2 . ASP A 1 39 ? -13.966 0.798   -2.580  1.00 13.74 ? 39  ASP A OD2 1 
ATOM   285 N  N   . LYS A 1 40 ? -9.182  3.354   -4.685  1.00 10.87 ? 40  LYS A N   1 
ATOM   286 C  CA  . LYS A 1 40 ? -8.612  3.852   -5.938  1.00 12.06 ? 40  LYS A CA  1 
ATOM   287 C  C   . LYS A 1 40 ? -7.150  3.475   -6.165  1.00 11.29 ? 40  LYS A C   1 
ATOM   288 O  O   . LYS A 1 40 ? -6.622  3.729   -7.237  1.00 11.65 ? 40  LYS A O   1 
ATOM   289 C  CB  . LYS A 1 40 ? -8.708  5.381   -6.025  1.00 12.53 ? 40  LYS A CB  1 
ATOM   290 C  CG  . LYS A 1 40 ? -10.099 5.982   -5.882  1.00 16.52 ? 40  LYS A CG  1 
ATOM   291 C  CD  . LYS A 1 40 ? -11.064 5.493   -6.919  1.00 20.10 ? 40  LYS A CD  1 
ATOM   292 C  CE  . LYS A 1 40 ? -12.362 6.311   -6.833  1.00 24.76 ? 40  LYS A CE  1 
ATOM   293 N  NZ  . LYS A 1 40 ? -13.486 5.637   -7.549  1.00 26.91 ? 40  LYS A NZ  1 
ATOM   294 N  N   . TYR A 1 41 ? -6.483  2.911   -5.165  1.00 11.82 ? 41  TYR A N   1 
ATOM   295 C  CA  . TYR A 1 41 ? -5.074  2.547   -5.327  1.00 12.32 ? 41  TYR A CA  1 
ATOM   296 C  C   . TYR A 1 41 ? -4.939  1.164   -5.960  1.00 12.48 ? 41  TYR A C   1 
ATOM   297 O  O   . TYR A 1 41 ? -5.559  0.203   -5.494  1.00 13.47 ? 41  TYR A O   1 
ATOM   298 C  CB  . TYR A 1 41 ? -4.347  2.566   -3.979  1.00 9.76  ? 41  TYR A CB  1 
ATOM   299 C  CG  . TYR A 1 41 ? -4.007  3.939   -3.408  1.00 10.88 ? 41  TYR A CG  1 
ATOM   300 C  CD1 . TYR A 1 41 ? -3.692  5.033   -4.229  1.00 11.58 ? 41  TYR A CD1 1 
ATOM   301 C  CD2 . TYR A 1 41 ? -3.963  4.124   -2.032  1.00 11.59 ? 41  TYR A CD2 1 
ATOM   302 C  CE1 . TYR A 1 41 ? -3.347  6.285   -3.660  1.00 11.52 ? 41  TYR A CE1 1 
ATOM   303 C  CE2 . TYR A 1 41 ? -3.627  5.345   -1.465  1.00 13.03 ? 41  TYR A CE2 1 
ATOM   304 C  CZ  . TYR A 1 41 ? -3.328  6.422   -2.275  1.00 12.41 ? 41  TYR A CZ  1 
ATOM   305 O  OH  . TYR A 1 41 ? -2.992  7.610   -1.666  1.00 12.72 ? 41  TYR A OH  1 
ATOM   306 N  N   . PHE A 1 42 ? -4.118  1.047   -6.999  1.00 11.13 ? 42  PHE A N   1 
ATOM   307 C  CA  . PHE A 1 42 ? -4.029  -0.217  -7.729  1.00 11.28 ? 42  PHE A CA  1 
ATOM   308 C  C   . PHE A 1 42 ? -2.619  -0.783  -7.882  1.00 11.56 ? 42  PHE A C   1 
ATOM   309 O  O   . PHE A 1 42 ? -2.445  -1.899  -8.378  1.00 12.83 ? 42  PHE A O   1 
ATOM   310 C  CB  . PHE A 1 42 ? -4.700  -0.060  -9.095  1.00 12.59 ? 42  PHE A CB  1 
ATOM   311 C  CG  . PHE A 1 42 ? -6.195  -0.163  -9.012  1.00 14.14 ? 42  PHE A CG  1 
ATOM   312 C  CD1 . PHE A 1 42 ? -6.804  -1.404  -8.925  1.00 17.40 ? 42  PHE A CD1 1 
ATOM   313 C  CD2 . PHE A 1 42 ? -6.983  0.981   -8.940  1.00 13.62 ? 42  PHE A CD2 1 
ATOM   314 C  CE1 . PHE A 1 42 ? -8.185  -1.513  -8.798  1.00 18.57 ? 42  PHE A CE1 1 
ATOM   315 C  CE2 . PHE A 1 42 ? -8.358  0.882   -8.820  1.00 15.01 ? 42  PHE A CE2 1 
ATOM   316 C  CZ  . PHE A 1 42 ? -8.961  -0.372  -8.744  1.00 18.70 ? 42  PHE A CZ  1 
ATOM   317 N  N   . SER A 1 43 ? -1.614  -0.050  -7.429  1.00 11.21 ? 43  SER A N   1 
ATOM   318 C  CA  . SER A 1 43 ? -0.278  -0.638  -7.346  1.00 12.30 ? 43  SER A CA  1 
ATOM   319 C  C   . SER A 1 43 ? 0.521   0.106   -6.293  1.00 11.65 ? 43  SER A C   1 
ATOM   320 O  O   . SER A 1 43 ? 0.148   1.214   -5.892  1.00 12.58 ? 43  SER A O   1 
ATOM   321 C  CB  . SER A 1 43 ? 0.435   -0.611  -8.711  1.00 11.03 ? 43  SER A CB  1 
ATOM   322 O  OG  . SER A 1 43 ? 0.623   0.715   -9.196  1.00 13.04 ? 43  SER A OG  1 
ATOM   323 N  N   . VAL A 1 44 ? 1.615   -0.496  -5.840  1.00 13.46 ? 44  VAL A N   1 
ATOM   324 C  CA  . VAL A 1 44 ? 2.381   0.094   -4.751  1.00 12.15 ? 44  VAL A CA  1 
ATOM   325 C  C   . VAL A 1 44 ? 3.849   -0.293  -4.869  1.00 11.97 ? 44  VAL A C   1 
ATOM   326 O  O   . VAL A 1 44 ? 4.186   -1.461  -5.045  1.00 12.31 ? 44  VAL A O   1 
ATOM   327 C  CB  . VAL A 1 44 ? 1.810   -0.321  -3.361  1.00 11.89 ? 44  VAL A CB  1 
ATOM   328 C  CG1 . VAL A 1 44 ? 1.730   -1.867  -3.198  1.00 11.21 ? 44  VAL A CG1 1 
ATOM   329 C  CG2 . VAL A 1 44 ? 2.597   0.339   -2.209  1.00 10.27 ? 44  VAL A CG2 1 
ATOM   330 N  N   . ALA A 1 45 ? 4.719   0.709   -4.832  1.00 11.09 ? 45  ALA A N   1 
ATOM   331 C  CA  . ALA A 1 45 ? 6.157   0.467   -4.791  1.00 11.28 ? 45  ALA A CA  1 
ATOM   332 C  C   . ALA A 1 45 ? 6.554   0.383   -3.338  1.00 12.07 ? 45  ALA A C   1 
ATOM   333 O  O   . ALA A 1 45 ? 6.184   1.251   -2.555  1.00 13.31 ? 45  ALA A O   1 
ATOM   334 C  CB  . ALA A 1 45 ? 6.926   1.581   -5.496  1.00 12.74 ? 45  ALA A CB  1 
ATOM   335 N  N   . VAL A 1 46 ? 7.300   -0.649  -2.970  1.00 11.43 ? 46  VAL A N   1 
ATOM   336 C  CA  . VAL A 1 46 ? 7.582   -0.901  -1.562  1.00 11.67 ? 46  VAL A CA  1 
ATOM   337 C  C   . VAL A 1 46 ? 9.076   -0.828  -1.305  1.00 15.20 ? 46  VAL A C   1 
ATOM   338 O  O   . VAL A 1 46 ? 9.853   -1.558  -1.920  1.00 13.69 ? 46  VAL A O   1 
ATOM   339 C  CB  . VAL A 1 46 ? 7.019   -2.280  -1.114  1.00 12.70 ? 46  VAL A CB  1 
ATOM   340 C  CG1 . VAL A 1 46 ? 7.387   -2.581  0.333   1.00 13.54 ? 46  VAL A CG1 1 
ATOM   341 C  CG2 . VAL A 1 46 ? 5.499   -2.326  -1.301  1.00 13.41 ? 46  VAL A CG2 1 
ATOM   342 N  N   . GLY A 1 47 ? 9.473   0.067   -0.402  1.00 13.67 ? 47  GLY A N   1 
ATOM   343 C  CA  . GLY A 1 47 ? 10.877  0.272   -0.092  1.00 14.23 ? 47  GLY A CA  1 
ATOM   344 C  C   . GLY A 1 47 ? 11.485  -0.913  0.627   1.00 13.87 ? 47  GLY A C   1 
ATOM   345 O  O   . GLY A 1 47 ? 10.777  -1.695  1.267   1.00 12.30 ? 47  GLY A O   1 
ATOM   346 N  N   . ALA A 1 48 ? 12.811  -1.010  0.558   1.00 13.21 ? 48  ALA A N   1 
ATOM   347 C  CA  . ALA A 1 48 ? 13.556  -2.157  1.085   1.00 16.99 ? 48  ALA A CA  1 
ATOM   348 C  C   . ALA A 1 48 ? 13.255  -2.542  2.549   1.00 15.03 ? 48  ALA A C   1 
ATOM   349 O  O   . ALA A 1 48 ? 13.222  -3.733  2.875   1.00 18.88 ? 48  ALA A O   1 
ATOM   350 C  CB  . ALA A 1 48 ? 15.076  -1.898  0.912   1.00 13.24 ? 48  ALA A CB  1 
ATOM   351 N  N   . SER A 1 49 ? 13.047  -1.573  3.436   1.00 13.55 ? 49  SER A N   1 
ATOM   352 C  CA  . SER A 1 49 ? 12.838  -1.926  4.849   1.00 13.19 ? 49  SER A CA  1 
ATOM   353 C  C   . SER A 1 49 ? 11.389  -1.724  5.284   1.00 14.43 ? 49  SER A C   1 
ATOM   354 O  O   . SER A 1 49 ? 11.077  -1.740  6.481   1.00 13.14 ? 49  SER A O   1 
ATOM   355 C  CB  . SER A 1 49 ? 13.776  -1.115  5.763   1.00 16.50 ? 49  SER A CB  1 
ATOM   356 O  OG  . SER A 1 49 ? 13.535  0.281   5.648   1.00 15.92 ? 49  SER A OG  1 
ATOM   357 N  N   . ALA A 1 50 ? 10.506  -1.534  4.310   1.00 12.28 ? 50  ALA A N   1 
ATOM   358 C  CA  . ALA A 1 50 ? 9.097   -1.259  4.595   1.00 10.59 ? 50  ALA A CA  1 
ATOM   359 C  C   . ALA A 1 50 ? 8.214   -2.452  4.246   1.00 11.48 ? 50  ALA A C   1 
ATOM   360 O  O   . ALA A 1 50 ? 8.497   -3.212  3.315   1.00 11.67 ? 50  ALA A O   1 
ATOM   361 C  CB  . ALA A 1 50 ? 8.630   -0.013  3.827   1.00 13.93 ? 50  ALA A CB  1 
ATOM   362 N  N   . LYS A 1 51 ? 7.137   -2.596  5.000   1.00 11.87 ? 51  LYS A N   1 
ATOM   363 C  CA  . LYS A 1 51 ? 6.154   -3.645  4.779   1.00 14.22 ? 51  LYS A CA  1 
ATOM   364 C  C   . LYS A 1 51 ? 4.765   -3.031  4.905   1.00 12.51 ? 51  LYS A C   1 
ATOM   365 O  O   . LYS A 1 51 ? 4.537   -2.189  5.781   1.00 14.57 ? 51  LYS A O   1 
ATOM   366 C  CB  . LYS A 1 51 ? 6.380   -4.774  5.789   1.00 12.68 ? 51  LYS A CB  1 
ATOM   367 C  CG  . LYS A 1 51 ? 5.240   -5.729  6.007   1.00 16.04 ? 51  LYS A CG  1 
ATOM   368 C  CD  . LYS A 1 51 ? 5.723   -6.813  6.952   1.00 18.59 ? 51  LYS A CD  1 
ATOM   369 C  CE  . LYS A 1 51 ? 4.642   -7.833  7.265   1.00 27.28 ? 51  LYS A CE  1 
ATOM   370 N  NZ  . LYS A 1 51 ? 5.152   -8.852  8.240   1.00 25.84 ? 51  LYS A NZ  1 
ATOM   371 N  N   . VAL A 1 52 ? 3.852   -3.418  4.020   1.00 11.24 ? 52  VAL A N   1 
ATOM   372 C  CA  . VAL A 1 52 ? 2.482   -2.910  4.072   1.00 11.92 ? 52  VAL A CA  1 
ATOM   373 C  C   . VAL A 1 52 ? 1.528   -3.984  4.590   1.00 11.73 ? 52  VAL A C   1 
ATOM   374 O  O   . VAL A 1 52 ? 1.484   -5.084  4.052   1.00 13.04 ? 52  VAL A O   1 
ATOM   375 C  CB  . VAL A 1 52 ? 2.002   -2.433  2.695   1.00 9.82  ? 52  VAL A CB  1 
ATOM   376 C  CG1 . VAL A 1 52 ? 0.585   -1.852  2.789   1.00 11.81 ? 52  VAL A CG1 1 
ATOM   377 C  CG2 . VAL A 1 52 ? 2.955   -1.388  2.117   1.00 11.22 ? 52  VAL A CG2 1 
ATOM   378 N  N   . ILE A 1 53 ? 0.779   -3.653  5.635   1.00 12.64 ? 53  ILE A N   1 
ATOM   379 C  CA  . ILE A 1 53 ? -0.303  -4.504  6.111   1.00 11.91 ? 53  ILE A CA  1 
ATOM   380 C  C   . ILE A 1 53 ? -1.596  -3.857  5.639   1.00 13.90 ? 53  ILE A C   1 
ATOM   381 O  O   . ILE A 1 53 ? -1.836  -2.700  5.949   1.00 12.29 ? 53  ILE A O   1 
ATOM   382 C  CB  . ILE A 1 53 ? -0.284  -4.633  7.637   1.00 15.70 ? 53  ILE A CB  1 
ATOM   383 C  CG1 . ILE A 1 53 ? 1.033   -5.274  8.085   1.00 16.75 ? 53  ILE A CG1 1 
ATOM   384 C  CG2 . ILE A 1 53 ? -1.477  -5.435  8.122   1.00 18.60 ? 53  ILE A CG2 1 
ATOM   385 C  CD1 . ILE A 1 53 ? 1.316   -5.085  9.552   1.00 27.76 ? 53  ILE A CD1 1 
ATOM   386 N  N   . ALA A 1 54 ? -2.414  -4.582  4.882   1.00 11.75 ? 54  ALA A N   1 
ATOM   387 C  CA  . ALA A 1 54 ? -3.493  -3.939  4.139   1.00 9.85  ? 54  ALA A CA  1 
ATOM   388 C  C   . ALA A 1 54 ? -4.835  -4.653  4.276   1.00 12.39 ? 54  ALA A C   1 
ATOM   389 O  O   . ALA A 1 54 ? -4.889  -5.881  4.323   1.00 10.93 ? 54  ALA A O   1 
ATOM   390 C  CB  . ALA A 1 54 ? -3.112  -3.845  2.663   1.00 11.85 ? 54  ALA A CB  1 
ATOM   391 N  N   . TRP A 1 55 ? -5.919  -3.874  4.285   1.00 11.79 ? 55  TRP A N   1 
ATOM   392 C  CA  . TRP A 1 55 ? -7.265  -4.431  4.366   1.00 12.16 ? 55  TRP A CA  1 
ATOM   393 C  C   . TRP A 1 55 ? -8.223  -3.822  3.349   1.00 13.94 ? 55  TRP A C   1 
ATOM   394 O  O   . TRP A 1 55 ? -8.162  -2.623  3.025   1.00 12.21 ? 55  TRP A O   1 
ATOM   395 C  CB  . TRP A 1 55 ? -7.883  -4.216  5.750   1.00 11.77 ? 55  TRP A CB  1 
ATOM   396 C  CG  . TRP A 1 55 ? -7.163  -4.816  6.915   1.00 13.03 ? 55  TRP A CG  1 
ATOM   397 C  CD1 . TRP A 1 55 ? -7.405  -6.031  7.501   1.00 14.30 ? 55  TRP A CD1 1 
ATOM   398 C  CD2 . TRP A 1 55 ? -6.128  -4.202  7.677   1.00 14.94 ? 55  TRP A CD2 1 
ATOM   399 N  NE1 . TRP A 1 55 ? -6.565  -6.208  8.579   1.00 15.76 ? 55  TRP A NE1 1 
ATOM   400 C  CE2 . TRP A 1 55 ? -5.767  -5.100  8.702   1.00 16.80 ? 55  TRP A CE2 1 
ATOM   401 C  CE3 . TRP A 1 55 ? -5.455  -2.980  7.581   1.00 18.15 ? 55  TRP A CE3 1 
ATOM   402 C  CZ2 . TRP A 1 55 ? -4.768  -4.811  9.627   1.00 20.70 ? 55  TRP A CZ2 1 
ATOM   403 C  CZ3 . TRP A 1 55 ? -4.455  -2.696  8.505   1.00 21.90 ? 55  TRP A CZ3 1 
ATOM   404 C  CH2 . TRP A 1 55 ? -4.124  -3.610  9.513   1.00 24.12 ? 55  TRP A CH2 1 
ATOM   405 N  N   . GLN A 1 56 ? -9.145  -4.659  2.901   1.00 12.07 ? 56  GLN A N   1 
ATOM   406 C  CA  . GLN A 1 56 ? -10.282 -4.234  2.102   1.00 11.76 ? 56  GLN A CA  1 
ATOM   407 C  C   . GLN A 1 56 ? -11.169 -3.194  2.805   1.00 12.82 ? 56  GLN A C   1 
ATOM   408 O  O   . GLN A 1 56 ? -11.591 -2.222  2.192   1.00 11.72 ? 56  GLN A O   1 
ATOM   409 C  CB  . GLN A 1 56 ? -11.113 -5.464  1.737   1.00 10.94 ? 56  GLN A CB  1 
ATOM   410 C  CG  . GLN A 1 56 ? -12.305 -5.174  0.860   1.00 12.30 ? 56  GLN A CG  1 
ATOM   411 C  CD  . GLN A 1 56 ? -13.080 -6.430  0.526   1.00 17.66 ? 56  GLN A CD  1 
ATOM   412 O  OE1 . GLN A 1 56 ? -12.920 -7.465  1.178   1.00 15.79 ? 56  GLN A OE1 1 
ATOM   413 N  NE2 . GLN A 1 56 ? -13.931 -6.346  -0.495  1.00 20.10 ? 56  GLN A NE2 1 
ATOM   414 N  N   . HIS A 1 57 ? -11.462 -3.409  4.085   1.00 10.91 ? 57  HIS A N   1 
ATOM   415 C  CA  . HIS A 1 57 ? -12.398 -2.551  4.807   1.00 11.55 ? 57  HIS A CA  1 
ATOM   416 C  C   . HIS A 1 57 ? -11.700 -1.681  5.838   1.00 11.60 ? 57  HIS A C   1 
ATOM   417 O  O   . HIS A 1 57 ? -10.701 -2.094  6.433   1.00 12.19 ? 57  HIS A O   1 
ATOM   418 C  CB  . HIS A 1 57 ? -13.476 -3.384  5.511   1.00 11.23 ? 57  HIS A CB  1 
ATOM   419 C  CG  . HIS A 1 57 ? -14.261 -4.270  4.594   1.00 13.24 ? 57  HIS A CG  1 
ATOM   420 N  ND1 . HIS A 1 57 ? -14.655 -3.879  3.332   1.00 12.85 ? 57  HIS A ND1 1 
ATOM   421 C  CD2 . HIS A 1 57 ? -14.743 -5.523  4.768   1.00 14.17 ? 57  HIS A CD2 1 
ATOM   422 C  CE1 . HIS A 1 57 ? -15.341 -4.857  2.766   1.00 15.25 ? 57  HIS A CE1 1 
ATOM   423 N  NE2 . HIS A 1 57 ? -15.403 -5.868  3.613   1.00 14.61 ? 57  HIS A NE2 1 
ATOM   424 N  N   . TYR A 1 58 ? -12.256 -0.489  6.056   1.00 12.83 ? 58  TYR A N   1 
ATOM   425 C  CA  . TYR A 1 58 ? -11.736 0.483   7.021   1.00 11.81 ? 58  TYR A CA  1 
ATOM   426 C  C   . TYR A 1 58 ? -11.560 -0.055  8.433   1.00 13.62 ? 58  TYR A C   1 
ATOM   427 O  O   . TYR A 1 58 ? -10.681 0.402   9.161   1.00 15.48 ? 58  TYR A O   1 
ATOM   428 C  CB  . TYR A 1 58 ? -12.659 1.698   7.099   1.00 13.95 ? 58  TYR A CB  1 
ATOM   429 C  CG  . TYR A 1 58 ? -12.478 2.718   6.010   1.00 16.71 ? 58  TYR A CG  1 
ATOM   430 C  CD1 . TYR A 1 58 ? -11.259 3.365   5.821   1.00 13.11 ? 58  TYR A CD1 1 
ATOM   431 C  CD2 . TYR A 1 58 ? -13.541 3.067   5.192   1.00 18.85 ? 58  TYR A CD2 1 
ATOM   432 C  CE1 . TYR A 1 58 ? -11.100 4.311   4.822   1.00 13.06 ? 58  TYR A CE1 1 
ATOM   433 C  CE2 . TYR A 1 58 ? -13.396 4.009   4.199   1.00 21.35 ? 58  TYR A CE2 1 
ATOM   434 C  CZ  . TYR A 1 58 ? -12.179 4.636   4.025   1.00 16.15 ? 58  TYR A CZ  1 
ATOM   435 O  OH  . TYR A 1 58 ? -12.042 5.584   3.039   1.00 18.02 ? 58  TYR A OH  1 
ATOM   436 N  N   . ASN A 1 59 ? -12.398 -1.010  8.833   1.00 12.61 ? 59  ASN A N   1 
ATOM   437 C  CA  . ASN A 1 59 ? -12.315 -1.558  10.190  1.00 14.93 ? 59  ASN A CA  1 
ATOM   438 C  C   . ASN A 1 59 ? -11.408 -2.784  10.293  1.00 15.27 ? 59  ASN A C   1 
ATOM   439 O  O   . ASN A 1 59 ? -11.600 -3.634  11.167  1.00 11.94 ? 59  ASN A O   1 
ATOM   440 C  CB  . ASN A 1 59 ? -13.714 -1.904  10.718  1.00 13.27 ? 59  ASN A CB  1 
ATOM   441 C  CG  . ASN A 1 59 ? -14.354 -3.082  9.982   1.00 14.88 ? 59  ASN A CG  1 
ATOM   442 O  OD1 . ASN A 1 59 ? -13.957 -3.428  8.875   1.00 15.01 ? 59  ASN A OD1 1 
ATOM   443 N  ND2 . ASN A 1 59 ? -15.364 -3.689  10.601  1.00 16.29 ? 59  ASN A ND2 1 
ATOM   444 N  N   . GLU A 1 60 ? -10.428 -2.865  9.393   1.00 12.59 ? 60  GLU A N   1 
ATOM   445 C  CA  . GLU A 1 60 ? -9.454  -3.954  9.364   1.00 12.58 ? 60  GLU A CA  1 
ATOM   446 C  C   . GLU A 1 60 ? -10.138 -5.325  9.296   1.00 14.24 ? 60  GLU A C   1 
ATOM   447 O  O   . GLU A 1 60 ? -9.874  -6.218  10.104  1.00 13.05 ? 60  GLU A O   1 
ATOM   448 C  CB  . GLU A 1 60 ? -8.519  -3.855  10.574  1.00 16.05 ? 60  GLU A CB  1 
ATOM   449 C  CG  . GLU A 1 60 ? -7.750  -2.538  10.581  1.00 15.06 ? 60  GLU A CG  1 
ATOM   450 C  CD  . GLU A 1 60 ? -6.759  -2.392  11.732  1.00 22.45 ? 60  GLU A CD  1 
ATOM   451 O  OE1 . GLU A 1 60 ? -6.703  -3.254  12.632  1.00 24.57 ? 60  GLU A OE1 1 
ATOM   452 O  OE2 . GLU A 1 60 ? -6.029  -1.388  11.729  1.00 22.69 ? 60  GLU A OE2 1 
ATOM   453 N  N   . THR A 1 61 ? -11.047 -5.455  8.333   1.00 12.52 ? 61  THR A N   1 
ATOM   454 C  CA  . THR A 1 61 ? -11.656 -6.733  7.970   1.00 12.80 ? 61  THR A CA  1 
ATOM   455 C  C   . THR A 1 61 ? -11.697 -6.862  6.446   1.00 13.60 ? 61  THR A C   1 
ATOM   456 O  O   . THR A 1 61 ? -11.253 -5.960  5.716   1.00 11.90 ? 61  THR A O   1 
ATOM   457 C  CB  . THR A 1 61 ? -13.078 -6.871  8.534   1.00 14.77 ? 61  THR A CB  1 
ATOM   458 O  OG1 . THR A 1 61 ? -13.917 -5.874  7.934   1.00 12.28 ? 61  THR A OG1 1 
ATOM   459 C  CG2 . THR A 1 61 ? -13.067 -6.685  10.052  1.00 15.16 ? 61  THR A CG2 1 
ATOM   460 N  N   . GLY A 1 62 ? -12.223 -7.979  5.957   1.00 12.72 ? 62  GLY A N   1 
ATOM   461 C  CA  . GLY A 1 62 ? -12.251 -8.215  4.524   1.00 15.98 ? 62  GLY A CA  1 
ATOM   462 C  C   . GLY A 1 62 ? -10.916 -8.740  4.032   1.00 14.37 ? 62  GLY A C   1 
ATOM   463 O  O   . GLY A 1 62 ? -10.086 -9.153  4.842   1.00 15.03 ? 62  GLY A O   1 
ATOM   464 N  N   . HIS A 1 63 ? -10.699 -8.729  2.717   1.00 13.34 ? 63  HIS A N   1 
ATOM   465 C  CA  . HIS A 1 63 ? -9.445  -9.250  2.170   1.00 13.78 ? 63  HIS A CA  1 
ATOM   466 C  C   . HIS A 1 63 ? -8.245  -8.582  2.841   1.00 13.21 ? 63  HIS A C   1 
ATOM   467 O  O   . HIS A 1 63 ? -8.209  -7.361  3.010   1.00 10.43 ? 63  HIS A O   1 
ATOM   468 C  CB  . HIS A 1 63 ? -9.365  -9.048  0.658   1.00 15.17 ? 63  HIS A CB  1 
ATOM   469 C  CG  . HIS A 1 63 ? -10.353 -9.856  -0.124  1.00 14.72 ? 63  HIS A CG  1 
ATOM   470 N  ND1 . HIS A 1 63 ? -10.294 -11.232 -0.211  1.00 16.46 ? 63  HIS A ND1 1 
ATOM   471 C  CD2 . HIS A 1 63 ? -11.402 -9.474  -0.889  1.00 16.20 ? 63  HIS A CD2 1 
ATOM   472 C  CE1 . HIS A 1 63 ? -11.280 -11.664 -0.979  1.00 18.90 ? 63  HIS A CE1 1 
ATOM   473 N  NE2 . HIS A 1 63 ? -11.966 -10.617 -1.406  1.00 17.51 ? 63  HIS A NE2 1 
ATOM   474 N  N   . TYR A 1 64 ? -7.277  -9.412  3.224   1.00 12.47 ? 64  TYR A N   1 
ATOM   475 C  CA  . TYR A 1 64 ? -6.110  -8.999  3.996   1.00 12.26 ? 64  TYR A CA  1 
ATOM   476 C  C   . TYR A 1 64 ? -4.849  -9.306  3.209   1.00 12.55 ? 64  TYR A C   1 
ATOM   477 O  O   . TYR A 1 64 ? -4.748  -10.384 2.619   1.00 11.56 ? 64  TYR A O   1 
ATOM   478 C  CB  . TYR A 1 64 ? -6.078  -9.741  5.329   1.00 12.05 ? 64  TYR A CB  1 
ATOM   479 C  CG  . TYR A 1 64 ? -4.843  -9.481  6.148   1.00 13.35 ? 64  TYR A CG  1 
ATOM   480 C  CD1 . TYR A 1 64 ? -4.706  -8.297  6.858   1.00 13.93 ? 64  TYR A CD1 1 
ATOM   481 C  CD2 . TYR A 1 64 ? -3.827  -10.427 6.238   1.00 13.73 ? 64  TYR A CD2 1 
ATOM   482 C  CE1 . TYR A 1 64 ? -3.589  -8.053  7.620   1.00 16.24 ? 64  TYR A CE1 1 
ATOM   483 C  CE2 . TYR A 1 64 ? -2.691  -10.187 6.999   1.00 15.58 ? 64  TYR A CE2 1 
ATOM   484 C  CZ  . TYR A 1 64 ? -2.585  -8.994  7.689   1.00 17.16 ? 64  TYR A CZ  1 
ATOM   485 O  OH  . TYR A 1 64 ? -1.475  -8.735  8.461   1.00 17.68 ? 64  TYR A OH  1 
ATOM   486 N  N   . ARG A 1 65 ? -3.905  -8.371  3.175   1.00 10.75 ? 65  ARG A N   1 
ATOM   487 C  CA  . ARG A 1 65 ? -2.641  -8.592  2.461   1.00 11.57 ? 65  ARG A CA  1 
ATOM   488 C  C   . ARG A 1 65 ? -1.441  -8.102  3.262   1.00 12.80 ? 65  ARG A C   1 
ATOM   489 O  O   . ARG A 1 65 ? -1.530  -7.108  3.985   1.00 14.85 ? 65  ARG A O   1 
ATOM   490 C  CB  . ARG A 1 65 ? -2.648  -7.885  1.099   1.00 15.11 ? 65  ARG A CB  1 
ATOM   491 C  CG  . ARG A 1 65 ? -3.658  -8.428  0.098   1.00 13.12 ? 65  ARG A CG  1 
ATOM   492 C  CD  . ARG A 1 65 ? -3.307  -9.850  -0.342  1.00 13.53 ? 65  ARG A CD  1 
ATOM   493 N  NE  . ARG A 1 65 ? -4.244  -10.351 -1.349  1.00 15.17 ? 65  ARG A NE  1 
ATOM   494 C  CZ  . ARG A 1 65 ? -5.406  -10.939 -1.068  1.00 18.89 ? 65  ARG A CZ  1 
ATOM   495 N  NH1 . ARG A 1 65 ? -5.786  -11.116 0.194   1.00 14.01 ? 65  ARG A NH1 1 
ATOM   496 N  NH2 . ARG A 1 65 ? -6.192  -11.368 -2.052  1.00 18.74 ? 65  ARG A NH2 1 
ATOM   497 N  N   . GLU A 1 66 ? -0.318  -8.806  3.143   1.00 12.74 ? 66  GLU A N   1 
ATOM   498 C  CA  . GLU A 1 66 ? 0.956   -8.245  3.588   1.00 13.48 ? 66  GLU A CA  1 
ATOM   499 C  C   . GLU A 1 66 ? 1.868   -8.143  2.374   1.00 15.53 ? 66  GLU A C   1 
ATOM   500 O  O   . GLU A 1 66 ? 2.141   -9.145  1.706   1.00 15.20 ? 66  GLU A O   1 
ATOM   501 C  CB  . GLU A 1 66 ? 1.589   -9.092  4.692   1.00 15.21 ? 66  GLU A CB  1 
ATOM   502 C  CG  . GLU A 1 66 ? 0.682   -9.234  5.915   1.00 15.12 ? 66  GLU A CG  1 
ATOM   503 C  CD  . GLU A 1 66 ? 1.314   -10.024 7.045   1.00 20.33 ? 66  GLU A CD  1 
ATOM   504 O  OE1 . GLU A 1 66 ? 2.454   -10.502 6.885   1.00 22.50 ? 66  GLU A OE1 1 
ATOM   505 O  OE2 . GLU A 1 66 ? 0.667   -10.151 8.104   1.00 21.74 ? 66  GLU A OE2 1 
ATOM   506 N  N   . TRP A 1 67 ? 2.302   -6.925  2.067   1.00 12.86 ? 67  TRP A N   1 
ATOM   507 C  CA  . TRP A 1 67 ? 3.164   -6.694  0.910   1.00 12.27 ? 67  TRP A CA  1 
ATOM   508 C  C   . TRP A 1 67 ? 4.536   -6.246  1.376   1.00 13.29 ? 67  TRP A C   1 
ATOM   509 O  O   . TRP A 1 67 ? 4.669   -5.170  1.985   1.00 13.28 ? 67  TRP A O   1 
ATOM   510 C  CB  . TRP A 1 67 ? 2.575   -5.641  -0.037  1.00 13.48 ? 67  TRP A CB  1 
ATOM   511 C  CG  . TRP A 1 67 ? 1.216   -5.992  -0.597  1.00 13.10 ? 67  TRP A CG  1 
ATOM   512 C  CD1 . TRP A 1 67 ? 0.839   -7.171  -1.174  1.00 13.48 ? 67  TRP A CD1 1 
ATOM   513 C  CD2 . TRP A 1 67 ? 0.070   -5.131  -0.650  1.00 12.07 ? 67  TRP A CD2 1 
ATOM   514 N  NE1 . TRP A 1 67 ? -0.482  -7.100  -1.572  1.00 12.17 ? 67  TRP A NE1 1 
ATOM   515 C  CE2 . TRP A 1 67 ? -0.973  -5.859  -1.266  1.00 11.18 ? 67  TRP A CE2 1 
ATOM   516 C  CE3 . TRP A 1 67 ? -0.172  -3.816  -0.232  1.00 12.41 ? 67  TRP A CE3 1 
ATOM   517 C  CZ2 . TRP A 1 67 ? -2.252  -5.319  -1.471  1.00 11.28 ? 67  TRP A CZ2 1 
ATOM   518 C  CZ3 . TRP A 1 67 ? -1.441  -3.272  -0.434  1.00 11.72 ? 67  TRP A CZ3 1 
ATOM   519 C  CH2 . TRP A 1 67 ? -2.463  -4.028  -1.056  1.00 11.70 ? 67  TRP A CH2 1 
ATOM   520 N  N   . THR A 1 68 ? 5.543   -7.074  1.109   1.00 12.61 ? 68  THR A N   1 
ATOM   521 C  CA  . THR A 1 68 ? 6.925   -6.755  1.455   1.00 12.67 ? 68  THR A CA  1 
ATOM   522 C  C   . THR A 1 68 ? 7.709   -6.363  0.204   1.00 16.12 ? 68  THR A C   1 
ATOM   523 O  O   . THR A 1 68 ? 8.880   -5.997  0.287   1.00 17.71 ? 68  THR A O   1 
ATOM   524 C  CB  . THR A 1 68 ? 7.637   -7.943  2.128   1.00 14.83 ? 68  THR A CB  1 
ATOM   525 O  OG1 . THR A 1 68 ? 7.649   -9.053  1.223   1.00 16.66 ? 68  THR A OG1 1 
ATOM   526 C  CG2 . THR A 1 68 ? 6.921   -8.345  3.415   1.00 18.93 ? 68  THR A CG2 1 
ATOM   527 N  N   . THR A 1 69 ? 7.067   -6.482  -0.957  1.00 13.88 ? 69  THR A N   1 
ATOM   528 C  CA  . THR A 1 69 ? 7.690   -6.166  -2.237  1.00 13.89 ? 69  THR A CA  1 
ATOM   529 C  C   . THR A 1 69 ? 6.688   -5.412  -3.094  1.00 14.34 ? 69  THR A C   1 
ATOM   530 O  O   . THR A 1 69 ? 5.486   -5.478  -2.843  1.00 14.60 ? 69  THR A O   1 
ATOM   531 C  CB  . THR A 1 69 ? 8.145   -7.426  -3.016  1.00 17.46 ? 69  THR A CB  1 
ATOM   532 O  OG1 . THR A 1 69 ? 6.998   -8.216  -3.346  1.00 16.76 ? 69  THR A OG1 1 
ATOM   533 C  CG2 . THR A 1 69 ? 9.150   -8.266  -2.214  1.00 17.15 ? 69  THR A CG2 1 
ATOM   534 N  N   . SER A 1 70 ? 7.186   -4.720  -4.112  1.00 13.28 ? 70  SER A N   1 
ATOM   535 C  CA  . SER A 1 70 ? 6.341   -3.899  -4.975  1.00 14.02 ? 70  SER A CA  1 
ATOM   536 C  C   . SER A 1 70 ? 5.287   -4.726  -5.703  1.00 13.89 ? 70  SER A C   1 
ATOM   537 O  O   . SER A 1 70 ? 5.560   -5.829  -6.176  1.00 14.49 ? 70  SER A O   1 
ATOM   538 C  CB  . SER A 1 70 ? 7.202   -3.137  -5.973  1.00 12.39 ? 70  SER A CB  1 
ATOM   539 O  OG  . SER A 1 70 ? 8.057   -2.245  -5.275  1.00 14.54 ? 70  SER A OG  1 
ATOM   540 N  N   . GLN A 1 71 ? 4.072   -4.186  -5.781  1.00 12.29 ? 71  GLN A N   1 
ATOM   541 C  CA  . GLN A 1 71 ? 2.944   -4.902  -6.369  1.00 13.17 ? 71  GLN A CA  1 
ATOM   542 C  C   . GLN A 1 71 ? 2.390   -4.129  -7.561  1.00 14.57 ? 71  GLN A C   1 
ATOM   543 O  O   . GLN A 1 71 ? 1.886   -3.034  -7.392  1.00 12.03 ? 71  GLN A O   1 
ATOM   544 C  CB  . GLN A 1 71 ? 1.840   -5.107  -5.327  1.00 14.73 ? 71  GLN A CB  1 
ATOM   545 C  CG  . GLN A 1 71 ? 2.294   -5.814  -4.061  1.00 14.08 ? 71  GLN A CG  1 
ATOM   546 C  CD  . GLN A 1 71 ? 2.598   -7.273  -4.292  1.00 18.56 ? 71  GLN A CD  1 
ATOM   547 O  OE1 . GLN A 1 71 ? 1.879   -7.957  -5.012  1.00 17.74 ? 71  GLN A OE1 1 
ATOM   548 N  NE2 . GLN A 1 71 ? 3.668   -7.763  -3.680  1.00 14.95 ? 71  GLN A NE2 1 
ATOM   549 N  N   . ALA A 1 72 ? 2.463   -4.707  -8.758  1.00 14.11 ? 72  ALA A N   1 
ATOM   550 C  CA  . ALA A 1 72 ? 1.981   -4.032  -9.967  1.00 13.03 ? 72  ALA A CA  1 
ATOM   551 C  C   . ALA A 1 72 ? 0.450   -4.010  -10.078 1.00 14.07 ? 72  ALA A C   1 
ATOM   552 O  O   . ALA A 1 72 ? -0.093  -3.227  -10.852 1.00 13.18 ? 72  ALA A O   1 
ATOM   553 C  CB  . ALA A 1 72 ? 2.577   -4.694  -11.211 1.00 15.65 ? 72  ALA A CB  1 
ATOM   554 N  N   . ASP A 1 73 ? -0.237  -4.869  -9.319  1.00 13.79 ? 73  ASP A N   1 
ATOM   555 C  CA  . ASP A 1 73 ? -1.699  -4.954  -9.387  1.00 13.56 ? 73  ASP A CA  1 
ATOM   556 C  C   . ASP A 1 73 ? -2.288  -5.464  -8.077  1.00 13.29 ? 73  ASP A C   1 
ATOM   557 O  O   . ASP A 1 73 ? -2.138  -6.646  -7.745  1.00 16.12 ? 73  ASP A O   1 
ATOM   558 C  CB  . ASP A 1 73 ? -2.119  -5.871  -10.544 1.00 14.41 ? 73  ASP A CB  1 
ATOM   559 C  CG  . ASP A 1 73 ? -3.641  -5.938  -10.737 1.00 14.86 ? 73  ASP A CG  1 
ATOM   560 O  OD1 . ASP A 1 73 ? -4.396  -5.270  -10.011 1.00 13.94 ? 73  ASP A OD1 1 
ATOM   561 O  OD2 . ASP A 1 73 ? -4.082  -6.659  -11.646 1.00 17.49 ? 73  ASP A OD2 1 
ATOM   562 N  N   . ILE A 1 74 ? -2.976  -4.595  -7.340  1.00 11.08 ? 74  ILE A N   1 
ATOM   563 C  CA  . ILE A 1 74 ? -3.559  -5.026  -6.068  1.00 14.01 ? 74  ILE A CA  1 
ATOM   564 C  C   . ILE A 1 74 ? -5.084  -5.058  -6.143  1.00 13.47 ? 74  ILE A C   1 
ATOM   565 O  O   . ILE A 1 74 ? -5.772  -4.892  -5.132  1.00 11.64 ? 74  ILE A O   1 
ATOM   566 C  CB  . ILE A 1 74 ? -3.096  -4.134  -4.888  1.00 10.75 ? 74  ILE A CB  1 
ATOM   567 C  CG1 . ILE A 1 74 ? -3.440  -2.658  -5.133  1.00 10.13 ? 74  ILE A CG1 1 
ATOM   568 C  CG2 . ILE A 1 74 ? -1.589  -4.303  -4.657  1.00 11.08 ? 74  ILE A CG2 1 
ATOM   569 C  CD1 . ILE A 1 74 ? -3.255  -1.796  -3.883  1.00 12.48 ? 74  ILE A CD1 1 
ATOM   570 N  N   . SER A 1 75 ? -5.596  -5.311  -7.350  1.00 12.55 ? 75  SER A N   1 
ATOM   571 C  CA  . SER A 1 75 ? -7.019  -5.507  -7.606  1.00 12.61 ? 75  SER A CA  1 
ATOM   572 C  C   . SER A 1 75 ? -7.625  -6.572  -6.720  1.00 13.93 ? 75  SER A C   1 
ATOM   573 O  O   . SER A 1 75 ? -8.800  -6.498  -6.366  1.00 14.01 ? 75  SER A O   1 
ATOM   574 C  CB  . SER A 1 75 ? -7.255  -5.921  -9.068  1.00 15.13 ? 75  SER A CB  1 
ATOM   575 O  OG  . SER A 1 75 ? -7.032  -4.827  -9.930  1.00 20.57 ? 75  SER A OG  1 
ATOM   576 N  N   . ASP A 1 76 ? -6.827  -7.581  -6.378  1.00 12.48 ? 76  ASP A N   1 
ATOM   577 C  CA  . ASP A 1 76 ? -7.388  -8.733  -5.691  1.00 14.10 ? 76  ASP A CA  1 
ATOM   578 C  C   . ASP A 1 76 ? -7.790  -8.448  -4.234  1.00 14.30 ? 76  ASP A C   1 
ATOM   579 O  O   . ASP A 1 76 ? -8.482  -9.260  -3.630  1.00 16.17 ? 76  ASP A O   1 
ATOM   580 C  CB  . ASP A 1 76 ? -6.419  -9.930  -5.763  1.00 14.71 ? 76  ASP A CB  1 
ATOM   581 C  CG  . ASP A 1 76 ? -5.159  -9.756  -4.918  1.00 19.41 ? 76  ASP A CG  1 
ATOM   582 O  OD1 . ASP A 1 76 ? -4.847  -8.637  -4.463  1.00 22.64 ? 76  ASP A OD1 1 
ATOM   583 O  OD2 . ASP A 1 76 ? -4.448  -10.766 -4.740  1.00 19.52 ? 76  ASP A OD2 1 
ATOM   584 N  N   . ILE A 1 77 ? -7.397  -7.307  -3.663  1.00 11.33 ? 77  ILE A N   1 
ATOM   585 C  CA  . ILE A 1 77 ? -7.837  -7.015  -2.290  1.00 11.85 ? 77  ILE A CA  1 
ATOM   586 C  C   . ILE A 1 77 ? -9.273  -6.468  -2.334  1.00 13.72 ? 77  ILE A C   1 
ATOM   587 O  O   . ILE A 1 77 ? -9.928  -6.285  -1.301  1.00 12.61 ? 77  ILE A O   1 
ATOM   588 C  CB  . ILE A 1 77 ? -6.876  -6.036  -1.550  1.00 14.02 ? 77  ILE A CB  1 
ATOM   589 C  CG1 . ILE A 1 77 ? -6.982  -6.231  -0.026  1.00 10.71 ? 77  ILE A CG1 1 
ATOM   590 C  CG2 . ILE A 1 77 ? -7.123  -4.593  -1.976  1.00 10.87 ? 77  ILE A CG2 1 
ATOM   591 C  CD1 . ILE A 1 77 ? -5.978  -5.420  0.793   1.00 12.36 ? 77  ILE A CD1 1 
ATOM   592 N  N   . GLY A 1 78 ? -9.774  -6.232  -3.545  1.00 11.70 ? 78  GLY A N   1 
ATOM   593 C  CA  . GLY A 1 78 ? -11.176 -5.888  -3.733  1.00 12.54 ? 78  GLY A CA  1 
ATOM   594 C  C   . GLY A 1 78 ? -11.551 -4.495  -3.263  1.00 12.12 ? 78  GLY A C   1 
ATOM   595 O  O   . GLY A 1 78 ? -12.682 -4.254  -2.829  1.00 13.28 ? 78  GLY A O   1 
ATOM   596 N  N   . GLY A 1 79 ? -10.599 -3.573  -3.365  1.00 12.13 ? 79  GLY A N   1 
ATOM   597 C  CA  . GLY A 1 79 ? -10.808 -2.183  -3.001  1.00 12.82 ? 79  GLY A CA  1 
ATOM   598 C  C   . GLY A 1 79 ? -10.095 -1.839  -1.708  1.00 13.51 ? 79  GLY A C   1 
ATOM   599 O  O   . GLY A 1 79 ? -10.628 -2.075  -0.617  1.00 12.57 ? 79  GLY A O   1 
ATOM   600 N  N   . LEU A 1 80 ? -8.891  -1.275  -1.827  1.00 10.96 ? 80  LEU A N   1 
ATOM   601 C  CA  . LEU A 1 80 ? -8.071  -0.960  -0.658  1.00 12.15 ? 80  LEU A CA  1 
ATOM   602 C  C   . LEU A 1 80 ? -8.616  0.228   0.131   1.00 11.64 ? 80  LEU A C   1 
ATOM   603 O  O   . LEU A 1 80 ? -8.766  1.312   -0.422  1.00 12.27 ? 80  LEU A O   1 
ATOM   604 C  CB  . LEU A 1 80 ? -6.635  -0.672  -1.089  1.00 10.54 ? 80  LEU A CB  1 
ATOM   605 C  CG  . LEU A 1 80 ? -5.692  -0.176  0.001   1.00 11.84 ? 80  LEU A CG  1 
ATOM   606 C  CD1 . LEU A 1 80 ? -5.590  -1.238  1.100   1.00 12.42 ? 80  LEU A CD1 1 
ATOM   607 C  CD2 . LEU A 1 80 ? -4.316  0.181   -0.602  1.00 11.44 ? 80  LEU A CD2 1 
ATOM   608 N  N   . SER A 1 81 ? -8.894  0.030   1.420   1.00 11.63 ? 81  SER A N   1 
ATOM   609 C  CA  . SER A 1 81 ? -9.404  1.118   2.249   1.00 11.12 ? 81  SER A CA  1 
ATOM   610 C  C   . SER A 1 81 ? -8.527  1.484   3.444   1.00 13.00 ? 81  SER A C   1 
ATOM   611 O  O   . SER A 1 81 ? -8.604  2.600   3.948   1.00 12.03 ? 81  SER A O   1 
ATOM   612 C  CB  . SER A 1 81 ? -10.813 0.793   2.750   1.00 12.58 ? 81  SER A CB  1 
ATOM   613 O  OG  . SER A 1 81 ? -11.735 0.768   1.663   1.00 11.68 ? 81  SER A OG  1 
ATOM   614 N  N   . ARG A 1 82 ? -7.724  0.548   3.921   1.00 10.08 ? 82  ARG A N   1 
ATOM   615 C  CA  . ARG A 1 82 ? -6.890  0.829   5.080   1.00 12.25 ? 82  ARG A CA  1 
ATOM   616 C  C   . ARG A 1 82 ? -5.586  0.055   5.009   1.00 11.21 ? 82  ARG A C   1 
ATOM   617 O  O   . ARG A 1 82 ? -5.563  -1.084  4.556   1.00 11.39 ? 82  ARG A O   1 
ATOM   618 C  CB  . ARG A 1 82 ? -7.638  0.491   6.368   1.00 14.09 ? 82  ARG A CB  1 
ATOM   619 C  CG  . ARG A 1 82 ? -6.781  0.665   7.607   1.00 14.63 ? 82  ARG A CG  1 
ATOM   620 C  CD  . ARG A 1 82 ? -7.608  0.894   8.823   1.00 17.67 ? 82  ARG A CD  1 
ATOM   621 N  NE  . ARG A 1 82 ? -6.793  0.906   10.030  1.00 18.51 ? 82  ARG A NE  1 
ATOM   622 C  CZ  . ARG A 1 82 ? -6.289  2.002   10.579  1.00 20.78 ? 82  ARG A CZ  1 
ATOM   623 N  NH1 . ARG A 1 82 ? -6.514  3.184   10.026  1.00 20.73 ? 82  ARG A NH1 1 
ATOM   624 N  NH2 . ARG A 1 82 ? -5.555  1.916   11.686  1.00 22.50 ? 82  ARG A NH2 1 
ATOM   625 N  N   . PHE A 1 83 ? -4.500  0.674   5.453   1.00 12.43 ? 83  PHE A N   1 
ATOM   626 C  CA  . PHE A 1 83 ? -3.223  -0.023  5.533   1.00 11.23 ? 83  PHE A CA  1 
ATOM   627 C  C   . PHE A 1 83 ? -2.328  0.593   6.606   1.00 13.17 ? 83  PHE A C   1 
ATOM   628 O  O   . PHE A 1 83 ? -2.547  1.729   7.038   1.00 12.56 ? 83  PHE A O   1 
ATOM   629 C  CB  . PHE A 1 83 ? -2.506  -0.007  4.173   1.00 11.38 ? 83  PHE A CB  1 
ATOM   630 C  CG  . PHE A 1 83 ? -2.143  1.383   3.682   1.00 13.69 ? 83  PHE A CG  1 
ATOM   631 C  CD1 . PHE A 1 83 ? -0.919  1.965   4.021   1.00 10.96 ? 83  PHE A CD1 1 
ATOM   632 C  CD2 . PHE A 1 83 ? -3.022  2.102   2.882   1.00 12.56 ? 83  PHE A CD2 1 
ATOM   633 C  CE1 . PHE A 1 83 ? -0.586  3.247   3.568   1.00 12.79 ? 83  PHE A CE1 1 
ATOM   634 C  CE2 . PHE A 1 83 ? -2.699  3.380   2.436   1.00 11.28 ? 83  PHE A CE2 1 
ATOM   635 C  CZ  . PHE A 1 83 ? -1.473  3.948   2.767   1.00 10.83 ? 83  PHE A CZ  1 
ATOM   636 N  N   . ARG A 1 84 ? -1.339  -0.179  7.038   1.00 11.69 ? 84  ARG A N   1 
ATOM   637 C  CA  . ARG A 1 84 ? -0.281  0.308   7.909   1.00 13.37 ? 84  ARG A CA  1 
ATOM   638 C  C   . ARG A 1 84 ? 1.043   0.071   7.209   1.00 14.42 ? 84  ARG A C   1 
ATOM   639 O  O   . ARG A 1 84 ? 1.222   -0.954  6.558   1.00 15.65 ? 84  ARG A O   1 
ATOM   640 C  CB  . ARG A 1 84 ? -0.290  -0.415  9.261   1.00 16.47 ? 84  ARG A CB  1 
ATOM   641 C  CG  . ARG A 1 84 ? -1.640  -0.497  9.943   1.00 19.14 ? 84  ARG A CG  1 
ATOM   642 C  CD  . ARG A 1 84 ? -1.551  -1.328  11.218  1.00 22.16 ? 84  ARG A CD  1 
ATOM   643 N  NE  . ARG A 1 84 ? -0.488  -0.840  12.089  1.00 28.15 ? 84  ARG A NE  1 
ATOM   644 C  CZ  . ARG A 1 84 ? 0.271   -1.614  12.860  1.00 36.91 ? 84  ARG A CZ  1 
ATOM   645 N  NH1 . ARG A 1 84 ? 0.093   -2.933  12.876  1.00 35.22 ? 84  ARG A NH1 1 
ATOM   646 N  NH2 . ARG A 1 84 ? 1.218   -1.065  13.615  1.00 38.43 ? 84  ARG A NH2 1 
ATOM   647 N  N   . VAL A 1 85 ? 1.969   1.016   7.332   1.00 12.79 ? 85  VAL A N   1 
ATOM   648 C  CA  . VAL A 1 85 ? 3.330   0.787   6.867   1.00 11.71 ? 85  VAL A CA  1 
ATOM   649 C  C   . VAL A 1 85 ? 4.188   0.505   8.099   1.00 15.85 ? 85  VAL A C   1 
ATOM   650 O  O   . VAL A 1 85 ? 4.265   1.326   9.019   1.00 14.09 ? 85  VAL A O   1 
ATOM   651 C  CB  . VAL A 1 85 ? 3.872   1.979   6.081   1.00 12.12 ? 85  VAL A CB  1 
ATOM   652 C  CG1 . VAL A 1 85 ? 5.194   1.604   5.394   1.00 12.04 ? 85  VAL A CG1 1 
ATOM   653 C  CG2 . VAL A 1 85 ? 2.837   2.455   5.042   1.00 14.25 ? 85  VAL A CG2 1 
ATOM   654 N  N   . VAL A 1 86 ? 4.799   -0.673  8.131   1.00 12.54 ? 86  VAL A N   1 
ATOM   655 C  CA  . VAL A 1 86 ? 5.540   -1.111  9.305   1.00 12.43 ? 86  VAL A CA  1 
ATOM   656 C  C   . VAL A 1 86 ? 6.945   -1.566  8.914   1.00 13.56 ? 86  VAL A C   1 
ATOM   657 O  O   . VAL A 1 86 ? 7.225   -1.821  7.743   1.00 11.70 ? 86  VAL A O   1 
ATOM   658 C  CB  . VAL A 1 86 ? 4.806   -2.263  10.038  1.00 14.85 ? 86  VAL A CB  1 
ATOM   659 C  CG1 . VAL A 1 86 ? 3.402   -1.821  10.463  1.00 16.92 ? 86  VAL A CG1 1 
ATOM   660 C  CG2 . VAL A 1 86 ? 4.744   -3.510  9.152   1.00 13.47 ? 86  VAL A CG2 1 
ATOM   661 N  N   . ASP A 1 87 ? 7.829   -1.670  9.900   1.00 14.49 ? 87  ASP A N   1 
ATOM   662 C  CA  . ASP A 1 87 ? 9.164   -2.221  9.673   1.00 14.38 ? 87  ASP A CA  1 
ATOM   663 C  C   . ASP A 1 87 ? 9.085   -3.622  9.054   1.00 15.30 ? 87  ASP A C   1 
ATOM   664 O  O   . ASP A 1 87 ? 8.280   -4.460  9.483   1.00 15.30 ? 87  ASP A O   1 
ATOM   665 C  CB  . ASP A 1 87 ? 9.939   -2.264  10.985  1.00 16.44 ? 87  ASP A CB  1 
ATOM   666 C  CG  . ASP A 1 87 ? 11.381  -2.649  10.784  1.00 21.74 ? 87  ASP A CG  1 
ATOM   667 O  OD1 . ASP A 1 87 ? 12.018  -2.119  9.842   1.00 22.12 ? 87  ASP A OD1 1 
ATOM   668 O  OD2 . ASP A 1 87 ? 11.871  -3.499  11.561  1.00 25.96 ? 87  ASP A OD2 1 
ATOM   669 N  N   . ASP A 1 88 ? 9.910   -3.870  8.038   1.00 15.20 ? 88  ASP A N   1 
ATOM   670 C  CA  . ASP A 1 88 ? 9.813   -5.110  7.264   1.00 14.68 ? 88  ASP A CA  1 
ATOM   671 C  C   . ASP A 1 88 ? 10.523  -6.251  7.973   1.00 19.20 ? 88  ASP A C   1 
ATOM   672 O  O   . ASP A 1 88 ? 11.665  -6.580  7.655   1.00 17.64 ? 88  ASP A O   1 
ATOM   673 C  CB  . ASP A 1 88 ? 10.383  -4.913  5.856   1.00 13.18 ? 88  ASP A CB  1 
ATOM   674 C  CG  . ASP A 1 88 ? 10.087  -6.087  4.927   1.00 13.40 ? 88  ASP A CG  1 
ATOM   675 O  OD1 . ASP A 1 88 ? 9.311   -6.975  5.318   1.00 16.68 ? 88  ASP A OD1 1 
ATOM   676 O  OD2 . ASP A 1 88 ? 10.633  -6.122  3.805   1.00 14.53 ? 88  ASP A OD2 1 
ATOM   677 N  N   . ASP A 1 89 ? 9.818   -6.859  8.924   1.00 16.70 ? 89  ASP A N   1 
ATOM   678 C  CA  . ASP A 1 89 ? 10.359  -7.939  9.737   1.00 20.50 ? 89  ASP A CA  1 
ATOM   679 C  C   . ASP A 1 89 ? 9.308   -9.042  9.838   1.00 22.66 ? 89  ASP A C   1 
ATOM   680 O  O   . ASP A 1 89 ? 8.111   -8.759  9.946   1.00 22.70 ? 89  ASP A O   1 
ATOM   681 C  CB  . ASP A 1 89 ? 10.753  -7.412  11.119  1.00 23.00 ? 89  ASP A CB  1 
ATOM   682 C  CG  . ASP A 1 89 ? 11.581  -8.406  11.921  1.00 27.99 ? 89  ASP A CG  1 
ATOM   683 O  OD1 . ASP A 1 89 ? 11.303  -9.621  11.880  1.00 28.54 ? 89  ASP A OD1 1 
ATOM   684 O  OD2 . ASP A 1 89 ? 12.512  -7.957  12.614  1.00 32.19 ? 89  ASP A OD2 1 
ATOM   685 N  N   . THR A 1 90 ? 9.746   -10.296 9.773   1.00 19.98 ? 90  THR A N   1 
ATOM   686 C  CA  . THR A 1 90 ? 8.815   -11.424 9.807   1.00 20.86 ? 90  THR A CA  1 
ATOM   687 C  C   . THR A 1 90 ? 8.291   -11.684 11.215  1.00 27.52 ? 90  THR A C   1 
ATOM   688 O  O   . THR A 1 90 ? 7.340   -12.442 11.402  1.00 30.25 ? 90  THR A O   1 
ATOM   689 C  CB  . THR A 1 90 ? 9.463   -12.708 9.315   1.00 19.38 ? 90  THR A CB  1 
ATOM   690 O  OG1 . THR A 1 90 ? 10.661  -12.944 10.072  1.00 18.74 ? 90  THR A OG1 1 
ATOM   691 C  CG2 . THR A 1 90 ? 9.805   -12.605 7.832   1.00 18.87 ? 90  THR A CG2 1 
ATOM   692 N  N   . ARG A 1 91 ? 8.939   -11.082 12.204  1.00 27.37 ? 91  ARG A N   1 
ATOM   693 C  CA  . ARG A 1 91 ? 8.563   -11.287 13.597  1.00 33.67 ? 91  ARG A CA  1 
ATOM   694 C  C   . ARG A 1 91 ? 8.045   -9.988  14.196  1.00 35.11 ? 91  ARG A C   1 
ATOM   695 O  O   . ARG A 1 91 ? 7.174   -9.341  13.613  1.00 44.33 ? 91  ARG A O   1 
ATOM   696 C  CB  . ARG A 1 91 ? 9.755   -11.824 14.394  1.00 31.94 ? 91  ARG A CB  1 
ATOM   697 C  CG  . ARG A 1 91 ? 10.471  -12.984 13.692  1.00 33.38 ? 91  ARG A CG  1 
ATOM   698 C  CD  . ARG A 1 91 ? 11.991  -12.844 13.759  1.00 36.15 ? 91  ARG A CD  1 
ATOM   699 N  NE  . ARG A 1 91 ? 12.414  -11.455 13.576  1.00 28.01 ? 91  ARG A NE  1 
ATOM   700 C  CZ  . ARG A 1 91 ? 13.644  -11.011 13.832  1.00 34.25 ? 91  ARG A CZ  1 
ATOM   701 N  NH1 . ARG A 1 91 ? 14.565  -11.857 14.266  1.00 30.00 ? 91  ARG A NH1 1 
ATOM   702 N  NH2 . ARG A 1 91 ? 13.946  -9.725  13.663  1.00 28.70 ? 91  ARG A NH2 1 
HETATM 703 CA CA  . CA  B 2 .  ? -12.639 -1.013  0.420   1.00 11.97 ? 201 CA  A CA  1 
HETATM 704 K  K   . K   C 3 .  ? 10.321  -4.423  1.955   1.00 24.26 ? 202 K   A K   1 
HETATM 705 O  O   . HOH D 4 .  ? 6.880   7.224   -8.161  1.00 22.75 ? 301 HOH A O   1 
HETATM 706 O  O   . HOH D 4 .  ? -8.055  7.322   -9.442  1.00 31.87 ? 302 HOH A O   1 
HETATM 707 O  O   . HOH D 4 .  ? 6.694   -10.446 7.084   1.00 23.83 ? 303 HOH A O   1 
HETATM 708 O  O   . HOH D 4 .  ? 13.847  -5.904  1.756   1.00 16.11 ? 304 HOH A O   1 
HETATM 709 O  O   . HOH D 4 .  ? 13.638  -5.302  11.585  1.00 27.76 ? 305 HOH A O   1 
HETATM 710 O  O   . HOH D 4 .  ? 6.874   -8.504  -5.852  1.00 24.07 ? 306 HOH A O   1 
HETATM 711 O  O   . HOH D 4 .  ? 10.523  -2.513  -5.938  1.00 29.47 ? 307 HOH A O   1 
HETATM 712 O  O   . HOH D 4 .  ? 11.918  -15.198 9.915   1.00 18.62 ? 308 HOH A O   1 
HETATM 713 O  O   . HOH D 4 .  ? 4.314   -11.162 5.199   1.00 27.80 ? 309 HOH A O   1 
HETATM 714 O  O   . HOH D 4 .  ? -13.649 6.224   -3.893  1.00 23.26 ? 310 HOH A O   1 
HETATM 715 O  O   . HOH D 4 .  ? 11.439  -5.475  0.111   1.00 25.45 ? 311 HOH A O   1 
HETATM 716 O  O   . HOH D 4 .  ? 6.270   -11.250 1.644   1.00 27.08 ? 312 HOH A O   1 
HETATM 717 O  O   . HOH D 4 .  ? 4.345   6.828   -12.011 1.00 18.08 ? 313 HOH A O   1 
HETATM 718 O  O   . HOH D 4 .  ? -8.813  -11.849 -3.260  1.00 20.13 ? 314 HOH A O   1 
HETATM 719 O  O   . HOH D 4 .  ? -10.809 3.709   9.894   1.00 30.03 ? 315 HOH A O   1 
HETATM 720 O  O   . HOH D 4 .  ? -14.502 0.579   0.006   1.00 11.23 ? 316 HOH A O   1 
HETATM 721 O  O   . HOH D 4 .  ? 14.604  -2.697  9.745   1.00 23.69 ? 317 HOH A O   1 
HETATM 722 O  O   . HOH D 4 .  ? 10.811  7.463   6.716   1.00 18.64 ? 318 HOH A O   1 
HETATM 723 O  O   . HOH D 4 .  ? 13.169  -6.902  4.206   1.00 12.72 ? 319 HOH A O   1 
HETATM 724 O  O   . HOH D 4 .  ? 4.561   -3.742  -14.169 1.00 27.47 ? 320 HOH A O   1 
HETATM 725 O  O   . HOH D 4 .  ? -15.162 2.081   -4.622  1.00 22.33 ? 321 HOH A O   1 
HETATM 726 O  O   . HOH D 4 .  ? 6.965   -4.872  11.801  1.00 25.63 ? 322 HOH A O   1 
HETATM 727 O  O   . HOH D 4 .  ? -4.251  -8.327  -7.664  1.00 17.08 ? 323 HOH A O   1 
HETATM 728 O  O   . HOH D 4 .  ? -9.490  -10.594 7.052   1.00 24.96 ? 324 HOH A O   1 
HETATM 729 O  O   . HOH D 4 .  ? 11.985  0.230   8.496   1.00 20.10 ? 325 HOH A O   1 
HETATM 730 O  O   . HOH D 4 .  ? -0.823  -0.486  -17.324 1.00 13.66 ? 326 HOH A O   1 
HETATM 731 O  O   . HOH D 4 .  ? 2.596   1.954   11.330  1.00 19.98 ? 327 HOH A O   1 
HETATM 732 O  O   . HOH D 4 .  ? -2.265  -8.429  -3.645  1.00 22.79 ? 328 HOH A O   1 
HETATM 733 O  O   . HOH D 4 .  ? 4.921   10.830  -3.976  1.00 23.59 ? 329 HOH A O   1 
HETATM 734 O  O   . HOH D 4 .  ? 14.122  0.858   -1.096  1.00 17.00 ? 330 HOH A O   1 
HETATM 735 O  O   . HOH D 4 .  ? -11.755 1.534   -7.590  1.00 24.62 ? 331 HOH A O   1 
HETATM 736 O  O   . HOH D 4 .  ? -0.755  5.922   -17.602 1.00 30.55 ? 332 HOH A O   1 
HETATM 737 O  O   . HOH D 4 .  ? -5.145  -13.181 -5.838  1.00 31.78 ? 333 HOH A O   1 
HETATM 738 O  O   . HOH D 4 .  ? 1.454   -6.227  -14.762 1.00 19.99 ? 334 HOH A O   1 
HETATM 739 O  O   . HOH D 4 .  ? 9.040   -9.381  6.618   1.00 16.69 ? 335 HOH A O   1 
HETATM 740 O  O   . HOH D 4 .  ? -8.082  4.468   -9.451  1.00 15.60 ? 336 HOH A O   1 
HETATM 741 O  O   . HOH D 4 .  ? -1.494  11.807  -6.344  1.00 28.62 ? 337 HOH A O   1 
HETATM 742 O  O   . HOH D 4 .  ? -6.760  -5.922  13.335  1.00 35.96 ? 338 HOH A O   1 
HETATM 743 O  O   . HOH D 4 .  ? 15.811  1.468   6.664   1.00 19.44 ? 339 HOH A O   1 
HETATM 744 O  O   . HOH D 4 .  ? -3.103  2.784   -17.548 1.00 29.23 ? 340 HOH A O   1 
HETATM 745 O  O   . HOH D 4 .  ? 11.266  -3.924  -1.676  1.00 24.86 ? 341 HOH A O   1 
HETATM 746 O  O   . HOH D 4 .  ? -1.630  8.121   -6.369  1.00 18.68 ? 342 HOH A O   1 
HETATM 747 O  O   . HOH D 4 .  ? 5.842   7.736   9.710   1.00 14.25 ? 343 HOH A O   1 
HETATM 748 O  O   . HOH D 4 .  ? -8.061  -0.512  -4.490  1.00 11.84 ? 344 HOH A O   1 
HETATM 749 O  O   . HOH D 4 .  ? -1.407  7.081   -10.099 1.00 14.67 ? 345 HOH A O   1 
HETATM 750 O  O   . HOH D 4 .  ? 8.741   9.071   -2.581  1.00 21.19 ? 346 HOH A O   1 
HETATM 751 O  O   . HOH D 4 .  ? -3.882  -12.953 3.314   1.00 27.38 ? 347 HOH A O   1 
HETATM 752 O  O   . HOH D 4 .  ? 3.210   11.883  -1.743  1.00 21.19 ? 348 HOH A O   1 
HETATM 753 O  O   . HOH D 4 .  ? -13.805 -2.597  -0.849  1.00 11.70 ? 349 HOH A O   1 
HETATM 754 O  O   . HOH D 4 .  ? 9.728   7.421   -7.313  1.00 29.78 ? 350 HOH A O   1 
HETATM 755 O  O   . HOH D 4 .  ? -7.157  2.802   -2.194  1.00 11.93 ? 351 HOH A O   1 
HETATM 756 O  O   . HOH D 4 .  ? -5.702  5.723   10.949  1.00 24.62 ? 352 HOH A O   1 
HETATM 757 O  O   . HOH D 4 .  ? -9.904  -8.936  10.872  1.00 30.14 ? 353 HOH A O   1 
HETATM 758 O  O   . HOH D 4 .  ? 7.100   -0.869  12.510  1.00 19.71 ? 354 HOH A O   1 
HETATM 759 O  O   . HOH D 4 .  ? -8.308  -3.320  -5.018  1.00 13.08 ? 355 HOH A O   1 
HETATM 760 O  O   . HOH D 4 .  ? 14.221  5.924   3.808   1.00 21.31 ? 356 HOH A O   1 
HETATM 761 O  O   . HOH D 4 .  ? -1.741  10.578  -12.230 1.00 24.29 ? 357 HOH A O   1 
HETATM 762 O  O   . HOH D 4 .  ? 3.541   -11.529 2.401   1.00 25.23 ? 358 HOH A O   1 
HETATM 763 O  O   . HOH D 4 .  ? -14.223 -9.999  1.322   1.00 29.94 ? 359 HOH A O   1 
HETATM 764 O  O   . HOH D 4 .  ? -3.507  12.066  -3.703  1.00 20.43 ? 360 HOH A O   1 
HETATM 765 O  O   . HOH D 4 .  ? 4.033   -7.093  -9.028  1.00 19.99 ? 361 HOH A O   1 
HETATM 766 O  O   . HOH D 4 .  ? 4.639   10.666  -8.494  1.00 30.56 ? 362 HOH A O   1 
HETATM 767 O  O   . HOH D 4 .  ? 1.103   12.863  -3.212  1.00 31.35 ? 363 HOH A O   1 
HETATM 768 O  O   . HOH D 4 .  ? -15.976 -2.939  13.309  1.00 25.02 ? 364 HOH A O   1 
HETATM 769 O  O   . HOH D 4 .  ? -4.429  0.970   -14.534 1.00 17.36 ? 365 HOH A O   1 
HETATM 770 O  O   . HOH D 4 .  ? -13.766 2.797   -7.096  1.00 28.17 ? 366 HOH A O   1 
HETATM 771 O  O   . HOH D 4 .  ? 9.749   5.783   8.596   1.00 14.17 ? 367 HOH A O   1 
HETATM 772 O  O   . HOH D 4 .  ? 5.835   9.810   7.944   1.00 23.69 ? 368 HOH A O   1 
HETATM 773 O  O   . HOH D 4 .  ? 11.293  11.768  4.933   1.00 27.03 ? 369 HOH A O   1 
HETATM 774 O  O   . HOH D 4 .  ? 5.037   -9.089  -0.911  1.00 17.24 ? 370 HOH A O   1 
HETATM 775 O  O   . HOH D 4 .  ? -9.562  13.863  0.170   1.00 29.14 ? 371 HOH A O   1 
HETATM 776 O  O   . HOH D 4 .  ? -16.200 6.689   -7.410  1.00 34.05 ? 372 HOH A O   1 
HETATM 777 O  O   . HOH D 4 .  ? -0.694  -11.450 1.967   1.00 19.87 ? 373 HOH A O   1 
HETATM 778 O  O   . HOH D 4 .  ? -2.228  -7.156  -13.873 1.00 25.77 ? 374 HOH A O   1 
HETATM 779 O  O   . HOH D 4 .  ? 2.989   7.164   -15.682 1.00 24.67 ? 375 HOH A O   1 
HETATM 780 O  O   . HOH D 4 .  ? -1.786  -7.696  11.210  1.00 28.66 ? 376 HOH A O   1 
HETATM 781 O  O   . HOH D 4 .  ? 13.990  1.524   -5.139  1.00 31.52 ? 377 HOH A O   1 
HETATM 782 O  O   . HOH D 4 .  ? 10.877  7.528   -1.896  1.00 21.24 ? 378 HOH A O   1 
HETATM 783 O  O   . HOH D 4 .  ? 0.725   -7.425  -8.006  1.00 19.09 ? 379 HOH A O   1 
HETATM 784 O  O   . HOH D 4 .  ? 4.505   -10.645 -3.887  1.00 29.53 ? 380 HOH A O   1 
HETATM 785 O  O   . HOH D 4 .  ? -16.643 -6.049  9.230   1.00 23.61 ? 381 HOH A O   1 
HETATM 786 O  O   . HOH D 4 .  ? 12.068  5.995   -10.533 1.00 32.05 ? 382 HOH A O   1 
HETATM 787 O  O   . HOH D 4 .  ? -3.902  -0.394  13.696  1.00 37.10 ? 383 HOH A O   1 
HETATM 788 O  O   . HOH D 4 .  ? 2.734   -9.314  10.211  1.00 34.52 ? 384 HOH A O   1 
HETATM 789 O  O   . HOH D 4 .  ? -11.520 12.764  0.824   1.00 24.86 ? 385 HOH A O   1 
HETATM 790 O  O   . HOH D 4 .  ? 10.298  -4.800  -4.159  1.00 20.51 ? 386 HOH A O   1 
HETATM 791 O  O   . HOH D 4 .  ? 0.607   -10.795 -0.485  1.00 33.23 ? 387 HOH A O   1 
HETATM 792 O  O   . HOH D 4 .  ? 6.019   2.828   -14.092 1.00 33.68 ? 388 HOH A O   1 
HETATM 793 O  O   . HOH D 4 .  ? -7.314  2.598   -12.709 1.00 34.58 ? 389 HOH A O   1 
HETATM 794 O  O   . HOH D 4 .  ? -0.552  -10.150 -2.845  1.00 34.60 ? 390 HOH A O   1 
HETATM 795 O  O   . HOH D 4 .  ? -13.811 8.054   4.544   1.00 29.78 ? 391 HOH A O   1 
HETATM 796 O  O   . HOH D 4 .  ? -16.495 -6.975  11.760  1.00 32.70 ? 392 HOH A O   1 
HETATM 797 O  O   . HOH D 4 .  ? 4.752   1.039   12.742  1.00 30.39 ? 393 HOH A O   1 
HETATM 798 O  O   . HOH D 4 .  ? 17.017  -10.719 16.902  1.00 30.60 ? 394 HOH A O   1 
HETATM 799 O  O   . HOH D 4 .  ? 9.458   -16.496 10.621  1.00 29.81 ? 395 HOH A O   1 
HETATM 800 O  O   . HOH D 4 .  ? -11.277 12.346  4.216   1.00 28.01 ? 396 HOH A O   1 
HETATM 801 O  O   . HOH D 4 .  ? -11.922 -10.465 8.820   1.00 27.39 ? 397 HOH A O   1 
HETATM 802 O  O   . HOH D 4 .  ? 14.168  -2.789  -2.576  1.00 26.78 ? 398 HOH A O   1 
HETATM 803 O  O   . HOH D 4 .  ? -15.540 -9.892  6.887   1.00 28.98 ? 399 HOH A O   1 
HETATM 804 O  O   . HOH D 4 .  ? 6.113   9.731   -6.762  1.00 32.65 ? 400 HOH A O   1 
HETATM 805 O  O   . HOH D 4 .  ? 6.655   7.616   -10.773 1.00 24.89 ? 401 HOH A O   1 
HETATM 806 O  O   . HOH D 4 .  ? -16.440 0.107   11.920  1.00 26.58 ? 402 HOH A O   1 
HETATM 807 O  O   . HOH D 4 .  ? -10.805 3.373   -9.794  1.00 23.83 ? 403 HOH A O   1 
HETATM 808 O  O   . HOH D 4 .  ? 12.354  2.053   10.262  1.00 31.62 ? 404 HOH A O   1 
HETATM 809 O  O   . HOH D 4 .  ? -9.875  -0.296  13.307  1.00 38.05 ? 405 HOH A O   1 
HETATM 810 O  O   . HOH D 4 .  ? -3.392  8.493   -11.640 1.00 20.92 ? 406 HOH A O   1 
HETATM 811 O  O   . HOH D 4 .  ? -3.525  -0.821  -16.811 1.00 20.47 ? 407 HOH A O   1 
HETATM 812 O  O   . HOH D 4 .  ? -1.106  -12.982 4.131   1.00 35.14 ? 408 HOH A O   1 
HETATM 813 O  O   . HOH D 4 .  ? 9.176   9.497   -5.457  1.00 33.09 ? 409 HOH A O   1 
HETATM 814 O  O   . HOH D 4 .  ? 7.598   -15.926 8.182   1.00 30.31 ? 410 HOH A O   1 
HETATM 815 O  O   . HOH D 4 .  ? -7.992  0.394   -12.652 1.00 38.36 ? 411 HOH A O   1 
# 
loop_
_pdbx_poly_seq_scheme.asym_id 
_pdbx_poly_seq_scheme.entity_id 
_pdbx_poly_seq_scheme.seq_id 
_pdbx_poly_seq_scheme.mon_id 
_pdbx_poly_seq_scheme.ndb_seq_num 
_pdbx_poly_seq_scheme.pdb_seq_num 
_pdbx_poly_seq_scheme.auth_seq_num 
_pdbx_poly_seq_scheme.pdb_mon_id 
_pdbx_poly_seq_scheme.auth_mon_id 
_pdbx_poly_seq_scheme.pdb_strand_id 
_pdbx_poly_seq_scheme.pdb_ins_code 
_pdbx_poly_seq_scheme.hetero 
A 1 1   MET 1   1   ?  ?   ?   A . n 
A 1 2   ALA 2   2   2  ALA ALA A . n 
A 1 3   PRO 3   3   3  PRO PRO A . n 
A 1 4   SER 4   4   4  SER SER A . n 
A 1 5   VAL 5   5   5  VAL VAL A . n 
A 1 6   ASP 6   6   6  ASP ASP A . n 
A 1 7   PRO 7   7   7  PRO PRO A . n 
A 1 8   THR 8   8   8  THR THR A . n 
A 1 9   LYS 9   9   9  LYS LYS A . n 
A 1 10  VAL 10  10  10 VAL VAL A . n 
A 1 11  ILE 11  11  11 ILE ILE A . n 
A 1 12  PHE 12  12  12 PHE PHE A . n 
A 1 13  TYR 13  13  13 TYR TYR A . n 
A 1 14  GLN 14  14  14 GLN GLN A . n 
A 1 15  LYS 15  15  15 LYS LYS A . n 
A 1 16  LYS 16  16  16 LYS LYS A . n 
A 1 17  ASN 17  17  17 ASN ASN A . n 
A 1 18  PHE 18  18  18 PHE PHE A . n 
A 1 19  GLU 19  19  19 GLU GLU A . n 
A 1 20  GLY 20  20  20 GLY GLY A . n 
A 1 21  SER 21  21  21 SER SER A . n 
A 1 22  GLY 22  22  22 GLY GLY A . n 
A 1 23  ASP 23  23  23 ASP ASP A . n 
A 1 24  THR 24  24  24 THR THR A . n 
A 1 25  TYR 25  25  25 TYR TYR A . n 
A 1 26  ALA 26  26  26 ALA ALA A . n 
A 1 27  VAL 27  27  27 VAL VAL A . n 
A 1 28  GLY 28  28  28 GLY GLY A . n 
A 1 29  GLN 29  29  29 GLN GLN A . n 
A 1 30  ASP 30  30  30 ASP ASP A . n 
A 1 31  VAL 31  31  31 VAL VAL A . n 
A 1 32  SER 32  32  32 SER SER A . n 
A 1 33  VAL 33  33  33 VAL VAL A . n 
A 1 34  PRO 34  34  34 PRO PRO A . n 
A 1 35  GLY 35  35  35 GLY GLY A . n 
A 1 36  SER 36  36  36 SER SER A . n 
A 1 37  LEU 37  37  37 LEU LEU A . n 
A 1 38  ASN 38  38  38 ASN ASN A . n 
A 1 39  ASP 39  39  39 ASP ASP A . n 
A 1 40  LYS 40  40  40 LYS LYS A . n 
A 1 41  TYR 41  41  41 TYR TYR A . n 
A 1 42  PHE 42  42  42 PHE PHE A . n 
A 1 43  SER 43  43  43 SER SER A . n 
A 1 44  VAL 44  44  44 VAL VAL A . n 
A 1 45  ALA 45  45  45 ALA ALA A . n 
A 1 46  VAL 46  46  46 VAL VAL A . n 
A 1 47  GLY 47  47  47 GLY GLY A . n 
A 1 48  ALA 48  48  48 ALA ALA A . n 
A 1 49  SER 49  49  49 SER SER A . n 
A 1 50  ALA 50  50  50 ALA ALA A . n 
A 1 51  LYS 51  51  51 LYS LYS A . n 
A 1 52  VAL 52  52  52 VAL VAL A . n 
A 1 53  ILE 53  53  53 ILE ILE A . n 
A 1 54  ALA 54  54  54 ALA ALA A . n 
A 1 55  TRP 55  55  55 TRP TRP A . n 
A 1 56  GLN 56  56  56 GLN GLN A . n 
A 1 57  HIS 57  57  57 HIS HIS A . n 
A 1 58  TYR 58  58  58 TYR TYR A . n 
A 1 59  ASN 59  59  59 ASN ASN A . n 
A 1 60  GLU 60  60  60 GLU GLU A . n 
A 1 61  THR 61  61  61 THR THR A . n 
A 1 62  GLY 62  62  62 GLY GLY A . n 
A 1 63  HIS 63  63  63 HIS HIS A . n 
A 1 64  TYR 64  64  64 TYR TYR A . n 
A 1 65  ARG 65  65  65 ARG ARG A . n 
A 1 66  GLU 66  66  66 GLU GLU A . n 
A 1 67  TRP 67  67  67 TRP TRP A . n 
A 1 68  THR 68  68  68 THR THR A . n 
A 1 69  THR 69  69  69 THR THR A . n 
A 1 70  SER 70  70  70 SER SER A . n 
A 1 71  GLN 71  71  71 GLN GLN A . n 
A 1 72  ALA 72  72  72 ALA ALA A . n 
A 1 73  ASP 73  73  73 ASP ASP A . n 
A 1 74  ILE 74  74  74 ILE ILE A . n 
A 1 75  SER 75  75  75 SER SER A . n 
A 1 76  ASP 76  76  76 ASP ASP A . n 
A 1 77  ILE 77  77  77 ILE ILE A . n 
A 1 78  GLY 78  78  78 GLY GLY A . n 
A 1 79  GLY 79  79  79 GLY GLY A . n 
A 1 80  LEU 80  80  80 LEU LEU A . n 
A 1 81  SER 81  81  81 SER SER A . n 
A 1 82  ARG 82  82  82 ARG ARG A . n 
A 1 83  PHE 83  83  83 PHE PHE A . n 
A 1 84  ARG 84  84  84 ARG ARG A . n 
A 1 85  VAL 85  85  85 VAL VAL A . n 
A 1 86  VAL 86  86  86 VAL VAL A . n 
A 1 87  ASP 87  87  87 ASP ASP A . n 
A 1 88  ASP 88  88  88 ASP ASP A . n 
A 1 89  ASP 89  89  89 ASP ASP A . n 
A 1 90  THR 90  90  90 THR THR A . n 
A 1 91  ARG 91  91  91 ARG ARG A . n 
A 1 92  ALA 92  92  ?  ?   ?   A . n 
A 1 93  ILE 93  93  ?  ?   ?   A . n 
A 1 94  SER 94  94  ?  ?   ?   A . n 
A 1 95  PHE 95  95  ?  ?   ?   A . n 
A 1 96  LEU 96  96  ?  ?   ?   A . n 
A 1 97  PHE 97  97  ?  ?   ?   A . n 
A 1 98  LYS 98  98  ?  ?   ?   A . n 
A 1 99  ASP 99  99  ?  ?   ?   A . n 
A 1 100 ALA 100 100 ?  ?   ?   A . n 
A 1 101 THR 101 101 ?  ?   ?   A . n 
# 
loop_
_pdbx_nonpoly_scheme.asym_id 
_pdbx_nonpoly_scheme.entity_id 
_pdbx_nonpoly_scheme.mon_id 
_pdbx_nonpoly_scheme.ndb_seq_num 
_pdbx_nonpoly_scheme.pdb_seq_num 
_pdbx_nonpoly_scheme.auth_seq_num 
_pdbx_nonpoly_scheme.pdb_mon_id 
_pdbx_nonpoly_scheme.auth_mon_id 
_pdbx_nonpoly_scheme.pdb_strand_id 
_pdbx_nonpoly_scheme.pdb_ins_code 
B 2 CA  1   201 1   CA  CA  A . 
C 3 K   1   202 1   K   K   A . 
D 4 HOH 1   301 33  HOH HOH A . 
D 4 HOH 2   302 84  HOH HOH A . 
D 4 HOH 3   303 53  HOH HOH A . 
D 4 HOH 4   304 10  HOH HOH A . 
D 4 HOH 5   305 61  HOH HOH A . 
D 4 HOH 6   306 98  HOH HOH A . 
D 4 HOH 7   307 62  HOH HOH A . 
D 4 HOH 8   308 41  HOH HOH A . 
D 4 HOH 9   309 65  HOH HOH A . 
D 4 HOH 10  310 43  HOH HOH A . 
D 4 HOH 11  311 107 HOH HOH A . 
D 4 HOH 12  312 48  HOH HOH A . 
D 4 HOH 13  313 21  HOH HOH A . 
D 4 HOH 14  314 16  HOH HOH A . 
D 4 HOH 15  315 70  HOH HOH A . 
D 4 HOH 16  316 1   HOH HOH A . 
D 4 HOH 17  317 97  HOH HOH A . 
D 4 HOH 18  318 20  HOH HOH A . 
D 4 HOH 19  319 2   HOH HOH A . 
D 4 HOH 20  320 64  HOH HOH A . 
D 4 HOH 21  321 38  HOH HOH A . 
D 4 HOH 22  322 60  HOH HOH A . 
D 4 HOH 23  323 23  HOH HOH A . 
D 4 HOH 24  324 31  HOH HOH A . 
D 4 HOH 25  325 27  HOH HOH A . 
D 4 HOH 26  326 5   HOH HOH A . 
D 4 HOH 27  327 24  HOH HOH A . 
D 4 HOH 28  328 96  HOH HOH A . 
D 4 HOH 29  329 46  HOH HOH A . 
D 4 HOH 30  330 8   HOH HOH A . 
D 4 HOH 31  331 37  HOH HOH A . 
D 4 HOH 32  332 59  HOH HOH A . 
D 4 HOH 33  333 88  HOH HOH A . 
D 4 HOH 34  334 110 HOH HOH A . 
D 4 HOH 35  335 18  HOH HOH A . 
D 4 HOH 36  336 15  HOH HOH A . 
D 4 HOH 37  337 77  HOH HOH A . 
D 4 HOH 38  338 95  HOH HOH A . 
D 4 HOH 39  339 22  HOH HOH A . 
D 4 HOH 40  340 100 HOH HOH A . 
D 4 HOH 41  341 40  HOH HOH A . 
D 4 HOH 42  342 19  HOH HOH A . 
D 4 HOH 43  343 12  HOH HOH A . 
D 4 HOH 44  344 6   HOH HOH A . 
D 4 HOH 45  345 9   HOH HOH A . 
D 4 HOH 46  346 30  HOH HOH A . 
D 4 HOH 47  347 52  HOH HOH A . 
D 4 HOH 48  348 39  HOH HOH A . 
D 4 HOH 49  349 4   HOH HOH A . 
D 4 HOH 50  350 78  HOH HOH A . 
D 4 HOH 51  351 7   HOH HOH A . 
D 4 HOH 52  352 44  HOH HOH A . 
D 4 HOH 53  353 51  HOH HOH A . 
D 4 HOH 54  354 28  HOH HOH A . 
D 4 HOH 55  355 11  HOH HOH A . 
D 4 HOH 56  356 42  HOH HOH A . 
D 4 HOH 57  357 25  HOH HOH A . 
D 4 HOH 58  358 69  HOH HOH A . 
D 4 HOH 59  359 50  HOH HOH A . 
D 4 HOH 60  360 29  HOH HOH A . 
D 4 HOH 61  361 104 HOH HOH A . 
D 4 HOH 62  362 57  HOH HOH A . 
D 4 HOH 63  363 99  HOH HOH A . 
D 4 HOH 64  364 45  HOH HOH A . 
D 4 HOH 65  365 14  HOH HOH A . 
D 4 HOH 66  366 47  HOH HOH A . 
D 4 HOH 67  367 3   HOH HOH A . 
D 4 HOH 68  368 72  HOH HOH A . 
D 4 HOH 69  369 55  HOH HOH A . 
D 4 HOH 70  370 13  HOH HOH A . 
D 4 HOH 71  371 74  HOH HOH A . 
D 4 HOH 72  372 94  HOH HOH A . 
D 4 HOH 73  373 89  HOH HOH A . 
D 4 HOH 74  374 111 HOH HOH A . 
D 4 HOH 75  375 26  HOH HOH A . 
D 4 HOH 76  376 63  HOH HOH A . 
D 4 HOH 77  377 83  HOH HOH A . 
D 4 HOH 78  378 36  HOH HOH A . 
D 4 HOH 79  379 54  HOH HOH A . 
D 4 HOH 80  380 58  HOH HOH A . 
D 4 HOH 81  381 81  HOH HOH A . 
D 4 HOH 82  382 76  HOH HOH A . 
D 4 HOH 83  383 92  HOH HOH A . 
D 4 HOH 84  384 85  HOH HOH A . 
D 4 HOH 85  385 35  HOH HOH A . 
D 4 HOH 86  386 17  HOH HOH A . 
D 4 HOH 87  387 101 HOH HOH A . 
D 4 HOH 88  388 87  HOH HOH A . 
D 4 HOH 89  389 86  HOH HOH A . 
D 4 HOH 90  390 91  HOH HOH A . 
D 4 HOH 91  391 106 HOH HOH A . 
D 4 HOH 92  392 93  HOH HOH A . 
D 4 HOH 93  393 79  HOH HOH A . 
D 4 HOH 94  394 71  HOH HOH A . 
D 4 HOH 95  395 90  HOH HOH A . 
D 4 HOH 96  396 80  HOH HOH A . 
D 4 HOH 97  397 109 HOH HOH A . 
D 4 HOH 98  398 108 HOH HOH A . 
D 4 HOH 99  399 105 HOH HOH A . 
D 4 HOH 100 400 66  HOH HOH A . 
D 4 HOH 101 401 34  HOH HOH A . 
D 4 HOH 102 402 75  HOH HOH A . 
D 4 HOH 103 403 49  HOH HOH A . 
D 4 HOH 104 404 56  HOH HOH A . 
D 4 HOH 105 405 103 HOH HOH A . 
D 4 HOH 106 406 32  HOH HOH A . 
D 4 HOH 107 407 73  HOH HOH A . 
D 4 HOH 108 408 102 HOH HOH A . 
D 4 HOH 109 409 68  HOH HOH A . 
D 4 HOH 110 410 67  HOH HOH A . 
D 4 HOH 111 411 82  HOH HOH A . 
# 
_pdbx_struct_assembly.id                   1 
_pdbx_struct_assembly.details              author_and_software_defined_assembly 
_pdbx_struct_assembly.method_details       PISA 
_pdbx_struct_assembly.oligomeric_details   monomeric 
_pdbx_struct_assembly.oligomeric_count     1 
# 
_pdbx_struct_assembly_gen.assembly_id       1 
_pdbx_struct_assembly_gen.oper_expression   1 
_pdbx_struct_assembly_gen.asym_id_list      A,B,C,D 
# 
loop_
_pdbx_struct_assembly_prop.biol_id 
_pdbx_struct_assembly_prop.type 
_pdbx_struct_assembly_prop.value 
_pdbx_struct_assembly_prop.details 
1 'ABSA (A^2)' 80   ? 
1 MORE         -10  ? 
1 'SSA (A^2)'  4730 ? 
# 
_pdbx_struct_oper_list.id                   1 
_pdbx_struct_oper_list.type                 'identity operation' 
_pdbx_struct_oper_list.name                 1_555 
_pdbx_struct_oper_list.symmetry_operation   x,y,z 
_pdbx_struct_oper_list.matrix[1][1]         1.0000000000 
_pdbx_struct_oper_list.matrix[1][2]         0.0000000000 
_pdbx_struct_oper_list.matrix[1][3]         0.0000000000 
_pdbx_struct_oper_list.vector[1]            0.0000000000 
_pdbx_struct_oper_list.matrix[2][1]         0.0000000000 
_pdbx_struct_oper_list.matrix[2][2]         1.0000000000 
_pdbx_struct_oper_list.matrix[2][3]         0.0000000000 
_pdbx_struct_oper_list.vector[2]            0.0000000000 
_pdbx_struct_oper_list.matrix[3][1]         0.0000000000 
_pdbx_struct_oper_list.matrix[3][2]         0.0000000000 
_pdbx_struct_oper_list.matrix[3][3]         1.0000000000 
_pdbx_struct_oper_list.vector[3]            0.0000000000 
# 
loop_
_pdbx_struct_conn_angle.id 
_pdbx_struct_conn_angle.ptnr1_label_atom_id 
_pdbx_struct_conn_angle.ptnr1_label_alt_id 
_pdbx_struct_conn_angle.ptnr1_label_asym_id 
_pdbx_struct_conn_angle.ptnr1_label_comp_id 
_pdbx_struct_conn_angle.ptnr1_label_seq_id 
_pdbx_struct_conn_angle.ptnr1_auth_atom_id 
_pdbx_struct_conn_angle.ptnr1_auth_asym_id 
_pdbx_struct_conn_angle.ptnr1_auth_comp_id 
_pdbx_struct_conn_angle.ptnr1_auth_seq_id 
_pdbx_struct_conn_angle.ptnr1_PDB_ins_code 
_pdbx_struct_conn_angle.ptnr1_symmetry 
_pdbx_struct_conn_angle.ptnr2_label_atom_id 
_pdbx_struct_conn_angle.ptnr2_label_alt_id 
_pdbx_struct_conn_angle.ptnr2_label_asym_id 
_pdbx_struct_conn_angle.ptnr2_label_comp_id 
_pdbx_struct_conn_angle.ptnr2_label_seq_id 
_pdbx_struct_conn_angle.ptnr2_auth_atom_id 
_pdbx_struct_conn_angle.ptnr2_auth_asym_id 
_pdbx_struct_conn_angle.ptnr2_auth_comp_id 
_pdbx_struct_conn_angle.ptnr2_auth_seq_id 
_pdbx_struct_conn_angle.ptnr2_PDB_ins_code 
_pdbx_struct_conn_angle.ptnr2_symmetry 
_pdbx_struct_conn_angle.ptnr3_label_atom_id 
_pdbx_struct_conn_angle.ptnr3_label_alt_id 
_pdbx_struct_conn_angle.ptnr3_label_asym_id 
_pdbx_struct_conn_angle.ptnr3_label_comp_id 
_pdbx_struct_conn_angle.ptnr3_label_seq_id 
_pdbx_struct_conn_angle.ptnr3_auth_atom_id 
_pdbx_struct_conn_angle.ptnr3_auth_asym_id 
_pdbx_struct_conn_angle.ptnr3_auth_comp_id 
_pdbx_struct_conn_angle.ptnr3_auth_seq_id 
_pdbx_struct_conn_angle.ptnr3_PDB_ins_code 
_pdbx_struct_conn_angle.ptnr3_symmetry 
_pdbx_struct_conn_angle.value 
_pdbx_struct_conn_angle.value_esd 
1  OD1 ? A ASP 39 ? A ASP 39  ? 1_555 CA ? B CA . ? A CA 201 ? 1_555 O   ? A GLN 56 ? A GLN 56  ? 1_555 141.0 ? 
2  OD1 ? A ASP 39 ? A ASP 39  ? 1_555 CA ? B CA . ? A CA 201 ? 1_555 O   ? A GLY 79 ? A GLY 79  ? 1_555 74.4  ? 
3  O   ? A GLN 56 ? A GLN 56  ? 1_555 CA ? B CA . ? A CA 201 ? 1_555 O   ? A GLY 79 ? A GLY 79  ? 1_555 74.9  ? 
4  OD1 ? A ASP 39 ? A ASP 39  ? 1_555 CA ? B CA . ? A CA 201 ? 1_555 OG  ? A SER 81 ? A SER 81  ? 1_555 84.6  ? 
5  O   ? A GLN 56 ? A GLN 56  ? 1_555 CA ? B CA . ? A CA 201 ? 1_555 OG  ? A SER 81 ? A SER 81  ? 1_555 79.8  ? 
6  O   ? A GLY 79 ? A GLY 79  ? 1_555 CA ? B CA . ? A CA 201 ? 1_555 OG  ? A SER 81 ? A SER 81  ? 1_555 103.4 ? 
7  OD1 ? A ASP 39 ? A ASP 39  ? 1_555 CA ? B CA . ? A CA 201 ? 1_555 O   ? D HOH .  ? A HOH 316 ? 1_555 70.9  ? 
8  O   ? A GLN 56 ? A GLN 56  ? 1_555 CA ? B CA . ? A CA 201 ? 1_555 O   ? D HOH .  ? A HOH 316 ? 1_555 141.0 ? 
9  O   ? A GLY 79 ? A GLY 79  ? 1_555 CA ? B CA . ? A CA 201 ? 1_555 O   ? D HOH .  ? A HOH 316 ? 1_555 143.7 ? 
10 OG  ? A SER 81 ? A SER 81  ? 1_555 CA ? B CA . ? A CA 201 ? 1_555 O   ? D HOH .  ? A HOH 316 ? 1_555 83.7  ? 
11 OD1 ? A ASP 39 ? A ASP 39  ? 1_555 CA ? B CA . ? A CA 201 ? 1_555 O   ? D HOH .  ? A HOH 319 ? 3_565 142.5 ? 
12 O   ? A GLN 56 ? A GLN 56  ? 1_555 CA ? B CA . ? A CA 201 ? 1_555 O   ? D HOH .  ? A HOH 319 ? 3_565 75.0  ? 
13 O   ? A GLY 79 ? A GLY 79  ? 1_555 CA ? B CA . ? A CA 201 ? 1_555 O   ? D HOH .  ? A HOH 319 ? 3_565 140.4 ? 
14 OG  ? A SER 81 ? A SER 81  ? 1_555 CA ? B CA . ? A CA 201 ? 1_555 O   ? D HOH .  ? A HOH 319 ? 3_565 95.9  ? 
15 O   ? D HOH .  ? A HOH 316 ? 1_555 CA ? B CA . ? A CA 201 ? 1_555 O   ? D HOH .  ? A HOH 319 ? 3_565 71.9  ? 
16 OD1 ? A ASP 39 ? A ASP 39  ? 1_555 CA ? B CA . ? A CA 201 ? 1_555 O   ? D HOH .  ? A HOH 349 ? 1_555 93.6  ? 
17 O   ? A GLN 56 ? A GLN 56  ? 1_555 CA ? B CA . ? A CA 201 ? 1_555 O   ? D HOH .  ? A HOH 349 ? 1_555 106.2 ? 
18 O   ? A GLY 79 ? A GLY 79  ? 1_555 CA ? B CA . ? A CA 201 ? 1_555 O   ? D HOH .  ? A HOH 349 ? 1_555 83.6  ? 
19 OG  ? A SER 81 ? A SER 81  ? 1_555 CA ? B CA . ? A CA 201 ? 1_555 O   ? D HOH .  ? A HOH 349 ? 1_555 172.0 ? 
20 O   ? D HOH .  ? A HOH 316 ? 1_555 CA ? B CA . ? A CA 201 ? 1_555 O   ? D HOH .  ? A HOH 349 ? 1_555 88.3  ? 
21 O   ? D HOH .  ? A HOH 319 ? 3_565 CA ? B CA . ? A CA 201 ? 1_555 O   ? D HOH .  ? A HOH 349 ? 1_555 80.7  ? 
22 O   ? A GLY 47 ? A GLY 47  ? 1_555 K  ? C K  . ? A K  202 ? 1_555 O   ? A ALA 48 ? A ALA 48  ? 1_555 73.2  ? 
23 O   ? A GLY 47 ? A GLY 47  ? 1_555 K  ? C K  . ? A K  202 ? 1_555 O   ? A ALA 50 ? A ALA 50  ? 1_555 77.9  ? 
24 O   ? A ALA 48 ? A ALA 48  ? 1_555 K  ? C K  . ? A K  202 ? 1_555 O   ? A ALA 50 ? A ALA 50  ? 1_555 113.5 ? 
25 O   ? A GLY 47 ? A GLY 47  ? 1_555 K  ? C K  . ? A K  202 ? 1_555 O   ? A THR 68 ? A THR 68  ? 1_555 119.5 ? 
26 O   ? A ALA 48 ? A ALA 48  ? 1_555 K  ? C K  . ? A K  202 ? 1_555 O   ? A THR 68 ? A THR 68  ? 1_555 143.6 ? 
27 O   ? A ALA 50 ? A ALA 50  ? 1_555 K  ? C K  . ? A K  202 ? 1_555 O   ? A THR 68 ? A THR 68  ? 1_555 102.8 ? 
28 O   ? A GLY 47 ? A GLY 47  ? 1_555 K  ? C K  . ? A K  202 ? 1_555 OD2 ? A ASP 88 ? A ASP 88  ? 1_555 143.1 ? 
29 O   ? A ALA 48 ? A ALA 48  ? 1_555 K  ? C K  . ? A K  202 ? 1_555 OD2 ? A ASP 88 ? A ASP 88  ? 1_555 79.5  ? 
30 O   ? A ALA 50 ? A ALA 50  ? 1_555 K  ? C K  . ? A K  202 ? 1_555 OD2 ? A ASP 88 ? A ASP 88  ? 1_555 91.0  ? 
31 O   ? A THR 68 ? A THR 68  ? 1_555 K  ? C K  . ? A K  202 ? 1_555 OD2 ? A ASP 88 ? A ASP 88  ? 1_555 97.2  ? 
32 O   ? A GLY 47 ? A GLY 47  ? 1_555 K  ? C K  . ? A K  202 ? 1_555 O   ? D HOH .  ? A HOH 311 ? 1_555 99.2  ? 
33 O   ? A ALA 48 ? A ALA 48  ? 1_555 K  ? C K  . ? A K  202 ? 1_555 O   ? D HOH .  ? A HOH 311 ? 1_555 83.7  ? 
34 O   ? A ALA 50 ? A ALA 50  ? 1_555 K  ? C K  . ? A K  202 ? 1_555 O   ? D HOH .  ? A HOH 311 ? 1_555 160.3 ? 
35 O   ? A THR 68 ? A THR 68  ? 1_555 K  ? C K  . ? A K  202 ? 1_555 O   ? D HOH .  ? A HOH 311 ? 1_555 61.3  ? 
36 OD2 ? A ASP 88 ? A ASP 88  ? 1_555 K  ? C K  . ? A K  202 ? 1_555 O   ? D HOH .  ? A HOH 311 ? 1_555 102.1 ? 
# 
loop_
_pdbx_audit_revision_history.ordinal 
_pdbx_audit_revision_history.data_content_type 
_pdbx_audit_revision_history.major_revision 
_pdbx_audit_revision_history.minor_revision 
_pdbx_audit_revision_history.revision_date 
1 'Structure model' 1 0 2019-01-23 
2 'Structure model' 1 1 2019-08-07 
3 'Structure model' 1 2 2023-11-22 
# 
_pdbx_audit_revision_details.ordinal             1 
_pdbx_audit_revision_details.revision_ordinal    1 
_pdbx_audit_revision_details.data_content_type   'Structure model' 
_pdbx_audit_revision_details.provider            repository 
_pdbx_audit_revision_details.type                'Initial release' 
_pdbx_audit_revision_details.description         ? 
_pdbx_audit_revision_details.details             ? 
# 
loop_
_pdbx_audit_revision_group.ordinal 
_pdbx_audit_revision_group.revision_ordinal 
_pdbx_audit_revision_group.data_content_type 
_pdbx_audit_revision_group.group 
1 2 'Structure model' 'Data collection'        
2 2 'Structure model' 'Database references'    
3 3 'Structure model' 'Data collection'        
4 3 'Structure model' 'Database references'    
5 3 'Structure model' 'Derived calculations'   
6 3 'Structure model' 'Refinement description' 
# 
loop_
_pdbx_audit_revision_category.ordinal 
_pdbx_audit_revision_category.revision_ordinal 
_pdbx_audit_revision_category.data_content_type 
_pdbx_audit_revision_category.category 
1 2 'Structure model' citation                      
2 2 'Structure model' citation_author               
3 3 'Structure model' chem_comp_atom                
4 3 'Structure model' chem_comp_bond                
5 3 'Structure model' database_2                    
6 3 'Structure model' pdbx_initial_refinement_model 
7 3 'Structure model' pdbx_struct_conn_angle        
8 3 'Structure model' struct_conn                   
# 
loop_
_pdbx_audit_revision_item.ordinal 
_pdbx_audit_revision_item.revision_ordinal 
_pdbx_audit_revision_item.data_content_type 
_pdbx_audit_revision_item.item 
1  2 'Structure model' '_citation.country'                         
2  2 'Structure model' '_citation.journal_abbrev'                  
3  2 'Structure model' '_citation.journal_id_ASTM'                 
4  2 'Structure model' '_citation.journal_id_CSD'                  
5  2 'Structure model' '_citation.journal_id_ISSN'                 
6  2 'Structure model' '_citation.journal_volume'                  
7  2 'Structure model' '_citation.page_first'                      
8  2 'Structure model' '_citation.page_last'                       
9  2 'Structure model' '_citation.pdbx_database_id_DOI'            
10 2 'Structure model' '_citation.pdbx_database_id_PubMed'         
11 2 'Structure model' '_citation.title'                           
12 2 'Structure model' '_citation.year'                            
13 3 'Structure model' '_database_2.pdbx_DOI'                      
14 3 'Structure model' '_database_2.pdbx_database_accession'       
15 3 'Structure model' '_pdbx_struct_conn_angle.ptnr1_auth_seq_id' 
16 3 'Structure model' '_pdbx_struct_conn_angle.ptnr1_symmetry'    
17 3 'Structure model' '_pdbx_struct_conn_angle.ptnr3_auth_seq_id' 
18 3 'Structure model' '_pdbx_struct_conn_angle.ptnr3_symmetry'    
19 3 'Structure model' '_pdbx_struct_conn_angle.value'             
20 3 'Structure model' '_struct_conn.pdbx_dist_value'              
21 3 'Structure model' '_struct_conn.ptnr1_auth_comp_id'           
22 3 'Structure model' '_struct_conn.ptnr1_auth_seq_id'            
23 3 'Structure model' '_struct_conn.ptnr1_label_asym_id'          
24 3 'Structure model' '_struct_conn.ptnr1_label_atom_id'          
25 3 'Structure model' '_struct_conn.ptnr1_label_comp_id'          
26 3 'Structure model' '_struct_conn.ptnr2_auth_seq_id'            
27 3 'Structure model' '_struct_conn.ptnr2_symmetry'               
# 
loop_
_software.citation_id 
_software.classification 
_software.compiler_name 
_software.compiler_version 
_software.contact_author 
_software.contact_author_email 
_software.date 
_software.description 
_software.dependencies 
_software.hardware 
_software.language 
_software.location 
_software.mods 
_software.name 
_software.os 
_software.os_version 
_software.type 
_software.version 
_software.pdbx_ordinal 
? refinement       ? ? ? ? ? ? ? ? ? ? ? PHENIX   ? ? ? 1.9_1692 1 
? 'data reduction' ? ? ? ? ? ? ? ? ? ? ? HKL-2000 ? ? ? .        2 
? 'data scaling'   ? ? ? ? ? ? ? ? ? ? ? HKL-2000 ? ? ? .        3 
? phasing          ? ? ? ? ? ? ? ? ? ? ? PHENIX   ? ? ? .        4 
# 
loop_
_pdbx_unobs_or_zero_occ_residues.id 
_pdbx_unobs_or_zero_occ_residues.PDB_model_num 
_pdbx_unobs_or_zero_occ_residues.polymer_flag 
_pdbx_unobs_or_zero_occ_residues.occupancy_flag 
_pdbx_unobs_or_zero_occ_residues.auth_asym_id 
_pdbx_unobs_or_zero_occ_residues.auth_comp_id 
_pdbx_unobs_or_zero_occ_residues.auth_seq_id 
_pdbx_unobs_or_zero_occ_residues.PDB_ins_code 
_pdbx_unobs_or_zero_occ_residues.label_asym_id 
_pdbx_unobs_or_zero_occ_residues.label_comp_id 
_pdbx_unobs_or_zero_occ_residues.label_seq_id 
1  1 Y 1 A MET 1   ? A MET 1   
2  1 Y 1 A ALA 92  ? A ALA 92  
3  1 Y 1 A ILE 93  ? A ILE 93  
4  1 Y 1 A SER 94  ? A SER 94  
5  1 Y 1 A PHE 95  ? A PHE 95  
6  1 Y 1 A LEU 96  ? A LEU 96  
7  1 Y 1 A PHE 97  ? A PHE 97  
8  1 Y 1 A LYS 98  ? A LYS 98  
9  1 Y 1 A ASP 99  ? A ASP 99  
10 1 Y 1 A ALA 100 ? A ALA 100 
11 1 Y 1 A THR 101 ? A THR 101 
# 
loop_
_chem_comp_atom.comp_id 
_chem_comp_atom.atom_id 
_chem_comp_atom.type_symbol 
_chem_comp_atom.pdbx_aromatic_flag 
_chem_comp_atom.pdbx_stereo_config 
_chem_comp_atom.pdbx_ordinal 
ALA N    N  N N 1   
ALA CA   C  N S 2   
ALA C    C  N N 3   
ALA O    O  N N 4   
ALA CB   C  N N 5   
ALA OXT  O  N N 6   
ALA H    H  N N 7   
ALA H2   H  N N 8   
ALA HA   H  N N 9   
ALA HB1  H  N N 10  
ALA HB2  H  N N 11  
ALA HB3  H  N N 12  
ALA HXT  H  N N 13  
ARG N    N  N N 14  
ARG CA   C  N S 15  
ARG C    C  N N 16  
ARG O    O  N N 17  
ARG CB   C  N N 18  
ARG CG   C  N N 19  
ARG CD   C  N N 20  
ARG NE   N  N N 21  
ARG CZ   C  N N 22  
ARG NH1  N  N N 23  
ARG NH2  N  N N 24  
ARG OXT  O  N N 25  
ARG H    H  N N 26  
ARG H2   H  N N 27  
ARG HA   H  N N 28  
ARG HB2  H  N N 29  
ARG HB3  H  N N 30  
ARG HG2  H  N N 31  
ARG HG3  H  N N 32  
ARG HD2  H  N N 33  
ARG HD3  H  N N 34  
ARG HE   H  N N 35  
ARG HH11 H  N N 36  
ARG HH12 H  N N 37  
ARG HH21 H  N N 38  
ARG HH22 H  N N 39  
ARG HXT  H  N N 40  
ASN N    N  N N 41  
ASN CA   C  N S 42  
ASN C    C  N N 43  
ASN O    O  N N 44  
ASN CB   C  N N 45  
ASN CG   C  N N 46  
ASN OD1  O  N N 47  
ASN ND2  N  N N 48  
ASN OXT  O  N N 49  
ASN H    H  N N 50  
ASN H2   H  N N 51  
ASN HA   H  N N 52  
ASN HB2  H  N N 53  
ASN HB3  H  N N 54  
ASN HD21 H  N N 55  
ASN HD22 H  N N 56  
ASN HXT  H  N N 57  
ASP N    N  N N 58  
ASP CA   C  N S 59  
ASP C    C  N N 60  
ASP O    O  N N 61  
ASP CB   C  N N 62  
ASP CG   C  N N 63  
ASP OD1  O  N N 64  
ASP OD2  O  N N 65  
ASP OXT  O  N N 66  
ASP H    H  N N 67  
ASP H2   H  N N 68  
ASP HA   H  N N 69  
ASP HB2  H  N N 70  
ASP HB3  H  N N 71  
ASP HD2  H  N N 72  
ASP HXT  H  N N 73  
CA  CA   CA N N 74  
GLN N    N  N N 75  
GLN CA   C  N S 76  
GLN C    C  N N 77  
GLN O    O  N N 78  
GLN CB   C  N N 79  
GLN CG   C  N N 80  
GLN CD   C  N N 81  
GLN OE1  O  N N 82  
GLN NE2  N  N N 83  
GLN OXT  O  N N 84  
GLN H    H  N N 85  
GLN H2   H  N N 86  
GLN HA   H  N N 87  
GLN HB2  H  N N 88  
GLN HB3  H  N N 89  
GLN HG2  H  N N 90  
GLN HG3  H  N N 91  
GLN HE21 H  N N 92  
GLN HE22 H  N N 93  
GLN HXT  H  N N 94  
GLU N    N  N N 95  
GLU CA   C  N S 96  
GLU C    C  N N 97  
GLU O    O  N N 98  
GLU CB   C  N N 99  
GLU CG   C  N N 100 
GLU CD   C  N N 101 
GLU OE1  O  N N 102 
GLU OE2  O  N N 103 
GLU OXT  O  N N 104 
GLU H    H  N N 105 
GLU H2   H  N N 106 
GLU HA   H  N N 107 
GLU HB2  H  N N 108 
GLU HB3  H  N N 109 
GLU HG2  H  N N 110 
GLU HG3  H  N N 111 
GLU HE2  H  N N 112 
GLU HXT  H  N N 113 
GLY N    N  N N 114 
GLY CA   C  N N 115 
GLY C    C  N N 116 
GLY O    O  N N 117 
GLY OXT  O  N N 118 
GLY H    H  N N 119 
GLY H2   H  N N 120 
GLY HA2  H  N N 121 
GLY HA3  H  N N 122 
GLY HXT  H  N N 123 
HIS N    N  N N 124 
HIS CA   C  N S 125 
HIS C    C  N N 126 
HIS O    O  N N 127 
HIS CB   C  N N 128 
HIS CG   C  Y N 129 
HIS ND1  N  Y N 130 
HIS CD2  C  Y N 131 
HIS CE1  C  Y N 132 
HIS NE2  N  Y N 133 
HIS OXT  O  N N 134 
HIS H    H  N N 135 
HIS H2   H  N N 136 
HIS HA   H  N N 137 
HIS HB2  H  N N 138 
HIS HB3  H  N N 139 
HIS HD1  H  N N 140 
HIS HD2  H  N N 141 
HIS HE1  H  N N 142 
HIS HE2  H  N N 143 
HIS HXT  H  N N 144 
HOH O    O  N N 145 
HOH H1   H  N N 146 
HOH H2   H  N N 147 
ILE N    N  N N 148 
ILE CA   C  N S 149 
ILE C    C  N N 150 
ILE O    O  N N 151 
ILE CB   C  N S 152 
ILE CG1  C  N N 153 
ILE CG2  C  N N 154 
ILE CD1  C  N N 155 
ILE OXT  O  N N 156 
ILE H    H  N N 157 
ILE H2   H  N N 158 
ILE HA   H  N N 159 
ILE HB   H  N N 160 
ILE HG12 H  N N 161 
ILE HG13 H  N N 162 
ILE HG21 H  N N 163 
ILE HG22 H  N N 164 
ILE HG23 H  N N 165 
ILE HD11 H  N N 166 
ILE HD12 H  N N 167 
ILE HD13 H  N N 168 
ILE HXT  H  N N 169 
K   K    K  N N 170 
LEU N    N  N N 171 
LEU CA   C  N S 172 
LEU C    C  N N 173 
LEU O    O  N N 174 
LEU CB   C  N N 175 
LEU CG   C  N N 176 
LEU CD1  C  N N 177 
LEU CD2  C  N N 178 
LEU OXT  O  N N 179 
LEU H    H  N N 180 
LEU H2   H  N N 181 
LEU HA   H  N N 182 
LEU HB2  H  N N 183 
LEU HB3  H  N N 184 
LEU HG   H  N N 185 
LEU HD11 H  N N 186 
LEU HD12 H  N N 187 
LEU HD13 H  N N 188 
LEU HD21 H  N N 189 
LEU HD22 H  N N 190 
LEU HD23 H  N N 191 
LEU HXT  H  N N 192 
LYS N    N  N N 193 
LYS CA   C  N S 194 
LYS C    C  N N 195 
LYS O    O  N N 196 
LYS CB   C  N N 197 
LYS CG   C  N N 198 
LYS CD   C  N N 199 
LYS CE   C  N N 200 
LYS NZ   N  N N 201 
LYS OXT  O  N N 202 
LYS H    H  N N 203 
LYS H2   H  N N 204 
LYS HA   H  N N 205 
LYS HB2  H  N N 206 
LYS HB3  H  N N 207 
LYS HG2  H  N N 208 
LYS HG3  H  N N 209 
LYS HD2  H  N N 210 
LYS HD3  H  N N 211 
LYS HE2  H  N N 212 
LYS HE3  H  N N 213 
LYS HZ1  H  N N 214 
LYS HZ2  H  N N 215 
LYS HZ3  H  N N 216 
LYS HXT  H  N N 217 
MET N    N  N N 218 
MET CA   C  N S 219 
MET C    C  N N 220 
MET O    O  N N 221 
MET CB   C  N N 222 
MET CG   C  N N 223 
MET SD   S  N N 224 
MET CE   C  N N 225 
MET OXT  O  N N 226 
MET H    H  N N 227 
MET H2   H  N N 228 
MET HA   H  N N 229 
MET HB2  H  N N 230 
MET HB3  H  N N 231 
MET HG2  H  N N 232 
MET HG3  H  N N 233 
MET HE1  H  N N 234 
MET HE2  H  N N 235 
MET HE3  H  N N 236 
MET HXT  H  N N 237 
PHE N    N  N N 238 
PHE CA   C  N S 239 
PHE C    C  N N 240 
PHE O    O  N N 241 
PHE CB   C  N N 242 
PHE CG   C  Y N 243 
PHE CD1  C  Y N 244 
PHE CD2  C  Y N 245 
PHE CE1  C  Y N 246 
PHE CE2  C  Y N 247 
PHE CZ   C  Y N 248 
PHE OXT  O  N N 249 
PHE H    H  N N 250 
PHE H2   H  N N 251 
PHE HA   H  N N 252 
PHE HB2  H  N N 253 
PHE HB3  H  N N 254 
PHE HD1  H  N N 255 
PHE HD2  H  N N 256 
PHE HE1  H  N N 257 
PHE HE2  H  N N 258 
PHE HZ   H  N N 259 
PHE HXT  H  N N 260 
PRO N    N  N N 261 
PRO CA   C  N S 262 
PRO C    C  N N 263 
PRO O    O  N N 264 
PRO CB   C  N N 265 
PRO CG   C  N N 266 
PRO CD   C  N N 267 
PRO OXT  O  N N 268 
PRO H    H  N N 269 
PRO HA   H  N N 270 
PRO HB2  H  N N 271 
PRO HB3  H  N N 272 
PRO HG2  H  N N 273 
PRO HG3  H  N N 274 
PRO HD2  H  N N 275 
PRO HD3  H  N N 276 
PRO HXT  H  N N 277 
SER N    N  N N 278 
SER CA   C  N S 279 
SER C    C  N N 280 
SER O    O  N N 281 
SER CB   C  N N 282 
SER OG   O  N N 283 
SER OXT  O  N N 284 
SER H    H  N N 285 
SER H2   H  N N 286 
SER HA   H  N N 287 
SER HB2  H  N N 288 
SER HB3  H  N N 289 
SER HG   H  N N 290 
SER HXT  H  N N 291 
THR N    N  N N 292 
THR CA   C  N S 293 
THR C    C  N N 294 
THR O    O  N N 295 
THR CB   C  N R 296 
THR OG1  O  N N 297 
THR CG2  C  N N 298 
THR OXT  O  N N 299 
THR H    H  N N 300 
THR H2   H  N N 301 
THR HA   H  N N 302 
THR HB   H  N N 303 
THR HG1  H  N N 304 
THR HG21 H  N N 305 
THR HG22 H  N N 306 
THR HG23 H  N N 307 
THR HXT  H  N N 308 
TRP N    N  N N 309 
TRP CA   C  N S 310 
TRP C    C  N N 311 
TRP O    O  N N 312 
TRP CB   C  N N 313 
TRP CG   C  Y N 314 
TRP CD1  C  Y N 315 
TRP CD2  C  Y N 316 
TRP NE1  N  Y N 317 
TRP CE2  C  Y N 318 
TRP CE3  C  Y N 319 
TRP CZ2  C  Y N 320 
TRP CZ3  C  Y N 321 
TRP CH2  C  Y N 322 
TRP OXT  O  N N 323 
TRP H    H  N N 324 
TRP H2   H  N N 325 
TRP HA   H  N N 326 
TRP HB2  H  N N 327 
TRP HB3  H  N N 328 
TRP HD1  H  N N 329 
TRP HE1  H  N N 330 
TRP HE3  H  N N 331 
TRP HZ2  H  N N 332 
TRP HZ3  H  N N 333 
TRP HH2  H  N N 334 
TRP HXT  H  N N 335 
TYR N    N  N N 336 
TYR CA   C  N S 337 
TYR C    C  N N 338 
TYR O    O  N N 339 
TYR CB   C  N N 340 
TYR CG   C  Y N 341 
TYR CD1  C  Y N 342 
TYR CD2  C  Y N 343 
TYR CE1  C  Y N 344 
TYR CE2  C  Y N 345 
TYR CZ   C  Y N 346 
TYR OH   O  N N 347 
TYR OXT  O  N N 348 
TYR H    H  N N 349 
TYR H2   H  N N 350 
TYR HA   H  N N 351 
TYR HB2  H  N N 352 
TYR HB3  H  N N 353 
TYR HD1  H  N N 354 
TYR HD2  H  N N 355 
TYR HE1  H  N N 356 
TYR HE2  H  N N 357 
TYR HH   H  N N 358 
TYR HXT  H  N N 359 
VAL N    N  N N 360 
VAL CA   C  N S 361 
VAL C    C  N N 362 
VAL O    O  N N 363 
VAL CB   C  N N 364 
VAL CG1  C  N N 365 
VAL CG2  C  N N 366 
VAL OXT  O  N N 367 
VAL H    H  N N 368 
VAL H2   H  N N 369 
VAL HA   H  N N 370 
VAL HB   H  N N 371 
VAL HG11 H  N N 372 
VAL HG12 H  N N 373 
VAL HG13 H  N N 374 
VAL HG21 H  N N 375 
VAL HG22 H  N N 376 
VAL HG23 H  N N 377 
VAL HXT  H  N N 378 
# 
loop_
_chem_comp_bond.comp_id 
_chem_comp_bond.atom_id_1 
_chem_comp_bond.atom_id_2 
_chem_comp_bond.value_order 
_chem_comp_bond.pdbx_aromatic_flag 
_chem_comp_bond.pdbx_stereo_config 
_chem_comp_bond.pdbx_ordinal 
ALA N   CA   sing N N 1   
ALA N   H    sing N N 2   
ALA N   H2   sing N N 3   
ALA CA  C    sing N N 4   
ALA CA  CB   sing N N 5   
ALA CA  HA   sing N N 6   
ALA C   O    doub N N 7   
ALA C   OXT  sing N N 8   
ALA CB  HB1  sing N N 9   
ALA CB  HB2  sing N N 10  
ALA CB  HB3  sing N N 11  
ALA OXT HXT  sing N N 12  
ARG N   CA   sing N N 13  
ARG N   H    sing N N 14  
ARG N   H2   sing N N 15  
ARG CA  C    sing N N 16  
ARG CA  CB   sing N N 17  
ARG CA  HA   sing N N 18  
ARG C   O    doub N N 19  
ARG C   OXT  sing N N 20  
ARG CB  CG   sing N N 21  
ARG CB  HB2  sing N N 22  
ARG CB  HB3  sing N N 23  
ARG CG  CD   sing N N 24  
ARG CG  HG2  sing N N 25  
ARG CG  HG3  sing N N 26  
ARG CD  NE   sing N N 27  
ARG CD  HD2  sing N N 28  
ARG CD  HD3  sing N N 29  
ARG NE  CZ   sing N N 30  
ARG NE  HE   sing N N 31  
ARG CZ  NH1  sing N N 32  
ARG CZ  NH2  doub N N 33  
ARG NH1 HH11 sing N N 34  
ARG NH1 HH12 sing N N 35  
ARG NH2 HH21 sing N N 36  
ARG NH2 HH22 sing N N 37  
ARG OXT HXT  sing N N 38  
ASN N   CA   sing N N 39  
ASN N   H    sing N N 40  
ASN N   H2   sing N N 41  
ASN CA  C    sing N N 42  
ASN CA  CB   sing N N 43  
ASN CA  HA   sing N N 44  
ASN C   O    doub N N 45  
ASN C   OXT  sing N N 46  
ASN CB  CG   sing N N 47  
ASN CB  HB2  sing N N 48  
ASN CB  HB3  sing N N 49  
ASN CG  OD1  doub N N 50  
ASN CG  ND2  sing N N 51  
ASN ND2 HD21 sing N N 52  
ASN ND2 HD22 sing N N 53  
ASN OXT HXT  sing N N 54  
ASP N   CA   sing N N 55  
ASP N   H    sing N N 56  
ASP N   H2   sing N N 57  
ASP CA  C    sing N N 58  
ASP CA  CB   sing N N 59  
ASP CA  HA   sing N N 60  
ASP C   O    doub N N 61  
ASP C   OXT  sing N N 62  
ASP CB  CG   sing N N 63  
ASP CB  HB2  sing N N 64  
ASP CB  HB3  sing N N 65  
ASP CG  OD1  doub N N 66  
ASP CG  OD2  sing N N 67  
ASP OD2 HD2  sing N N 68  
ASP OXT HXT  sing N N 69  
GLN N   CA   sing N N 70  
GLN N   H    sing N N 71  
GLN N   H2   sing N N 72  
GLN CA  C    sing N N 73  
GLN CA  CB   sing N N 74  
GLN CA  HA   sing N N 75  
GLN C   O    doub N N 76  
GLN C   OXT  sing N N 77  
GLN CB  CG   sing N N 78  
GLN CB  HB2  sing N N 79  
GLN CB  HB3  sing N N 80  
GLN CG  CD   sing N N 81  
GLN CG  HG2  sing N N 82  
GLN CG  HG3  sing N N 83  
GLN CD  OE1  doub N N 84  
GLN CD  NE2  sing N N 85  
GLN NE2 HE21 sing N N 86  
GLN NE2 HE22 sing N N 87  
GLN OXT HXT  sing N N 88  
GLU N   CA   sing N N 89  
GLU N   H    sing N N 90  
GLU N   H2   sing N N 91  
GLU CA  C    sing N N 92  
GLU CA  CB   sing N N 93  
GLU CA  HA   sing N N 94  
GLU C   O    doub N N 95  
GLU C   OXT  sing N N 96  
GLU CB  CG   sing N N 97  
GLU CB  HB2  sing N N 98  
GLU CB  HB3  sing N N 99  
GLU CG  CD   sing N N 100 
GLU CG  HG2  sing N N 101 
GLU CG  HG3  sing N N 102 
GLU CD  OE1  doub N N 103 
GLU CD  OE2  sing N N 104 
GLU OE2 HE2  sing N N 105 
GLU OXT HXT  sing N N 106 
GLY N   CA   sing N N 107 
GLY N   H    sing N N 108 
GLY N   H2   sing N N 109 
GLY CA  C    sing N N 110 
GLY CA  HA2  sing N N 111 
GLY CA  HA3  sing N N 112 
GLY C   O    doub N N 113 
GLY C   OXT  sing N N 114 
GLY OXT HXT  sing N N 115 
HIS N   CA   sing N N 116 
HIS N   H    sing N N 117 
HIS N   H2   sing N N 118 
HIS CA  C    sing N N 119 
HIS CA  CB   sing N N 120 
HIS CA  HA   sing N N 121 
HIS C   O    doub N N 122 
HIS C   OXT  sing N N 123 
HIS CB  CG   sing N N 124 
HIS CB  HB2  sing N N 125 
HIS CB  HB3  sing N N 126 
HIS CG  ND1  sing Y N 127 
HIS CG  CD2  doub Y N 128 
HIS ND1 CE1  doub Y N 129 
HIS ND1 HD1  sing N N 130 
HIS CD2 NE2  sing Y N 131 
HIS CD2 HD2  sing N N 132 
HIS CE1 NE2  sing Y N 133 
HIS CE1 HE1  sing N N 134 
HIS NE2 HE2  sing N N 135 
HIS OXT HXT  sing N N 136 
HOH O   H1   sing N N 137 
HOH O   H2   sing N N 138 
ILE N   CA   sing N N 139 
ILE N   H    sing N N 140 
ILE N   H2   sing N N 141 
ILE CA  C    sing N N 142 
ILE CA  CB   sing N N 143 
ILE CA  HA   sing N N 144 
ILE C   O    doub N N 145 
ILE C   OXT  sing N N 146 
ILE CB  CG1  sing N N 147 
ILE CB  CG2  sing N N 148 
ILE CB  HB   sing N N 149 
ILE CG1 CD1  sing N N 150 
ILE CG1 HG12 sing N N 151 
ILE CG1 HG13 sing N N 152 
ILE CG2 HG21 sing N N 153 
ILE CG2 HG22 sing N N 154 
ILE CG2 HG23 sing N N 155 
ILE CD1 HD11 sing N N 156 
ILE CD1 HD12 sing N N 157 
ILE CD1 HD13 sing N N 158 
ILE OXT HXT  sing N N 159 
LEU N   CA   sing N N 160 
LEU N   H    sing N N 161 
LEU N   H2   sing N N 162 
LEU CA  C    sing N N 163 
LEU CA  CB   sing N N 164 
LEU CA  HA   sing N N 165 
LEU C   O    doub N N 166 
LEU C   OXT  sing N N 167 
LEU CB  CG   sing N N 168 
LEU CB  HB2  sing N N 169 
LEU CB  HB3  sing N N 170 
LEU CG  CD1  sing N N 171 
LEU CG  CD2  sing N N 172 
LEU CG  HG   sing N N 173 
LEU CD1 HD11 sing N N 174 
LEU CD1 HD12 sing N N 175 
LEU CD1 HD13 sing N N 176 
LEU CD2 HD21 sing N N 177 
LEU CD2 HD22 sing N N 178 
LEU CD2 HD23 sing N N 179 
LEU OXT HXT  sing N N 180 
LYS N   CA   sing N N 181 
LYS N   H    sing N N 182 
LYS N   H2   sing N N 183 
LYS CA  C    sing N N 184 
LYS CA  CB   sing N N 185 
LYS CA  HA   sing N N 186 
LYS C   O    doub N N 187 
LYS C   OXT  sing N N 188 
LYS CB  CG   sing N N 189 
LYS CB  HB2  sing N N 190 
LYS CB  HB3  sing N N 191 
LYS CG  CD   sing N N 192 
LYS CG  HG2  sing N N 193 
LYS CG  HG3  sing N N 194 
LYS CD  CE   sing N N 195 
LYS CD  HD2  sing N N 196 
LYS CD  HD3  sing N N 197 
LYS CE  NZ   sing N N 198 
LYS CE  HE2  sing N N 199 
LYS CE  HE3  sing N N 200 
LYS NZ  HZ1  sing N N 201 
LYS NZ  HZ2  sing N N 202 
LYS NZ  HZ3  sing N N 203 
LYS OXT HXT  sing N N 204 
MET N   CA   sing N N 205 
MET N   H    sing N N 206 
MET N   H2   sing N N 207 
MET CA  C    sing N N 208 
MET CA  CB   sing N N 209 
MET CA  HA   sing N N 210 
MET C   O    doub N N 211 
MET C   OXT  sing N N 212 
MET CB  CG   sing N N 213 
MET CB  HB2  sing N N 214 
MET CB  HB3  sing N N 215 
MET CG  SD   sing N N 216 
MET CG  HG2  sing N N 217 
MET CG  HG3  sing N N 218 
MET SD  CE   sing N N 219 
MET CE  HE1  sing N N 220 
MET CE  HE2  sing N N 221 
MET CE  HE3  sing N N 222 
MET OXT HXT  sing N N 223 
PHE N   CA   sing N N 224 
PHE N   H    sing N N 225 
PHE N   H2   sing N N 226 
PHE CA  C    sing N N 227 
PHE CA  CB   sing N N 228 
PHE CA  HA   sing N N 229 
PHE C   O    doub N N 230 
PHE C   OXT  sing N N 231 
PHE CB  CG   sing N N 232 
PHE CB  HB2  sing N N 233 
PHE CB  HB3  sing N N 234 
PHE CG  CD1  doub Y N 235 
PHE CG  CD2  sing Y N 236 
PHE CD1 CE1  sing Y N 237 
PHE CD1 HD1  sing N N 238 
PHE CD2 CE2  doub Y N 239 
PHE CD2 HD2  sing N N 240 
PHE CE1 CZ   doub Y N 241 
PHE CE1 HE1  sing N N 242 
PHE CE2 CZ   sing Y N 243 
PHE CE2 HE2  sing N N 244 
PHE CZ  HZ   sing N N 245 
PHE OXT HXT  sing N N 246 
PRO N   CA   sing N N 247 
PRO N   CD   sing N N 248 
PRO N   H    sing N N 249 
PRO CA  C    sing N N 250 
PRO CA  CB   sing N N 251 
PRO CA  HA   sing N N 252 
PRO C   O    doub N N 253 
PRO C   OXT  sing N N 254 
PRO CB  CG   sing N N 255 
PRO CB  HB2  sing N N 256 
PRO CB  HB3  sing N N 257 
PRO CG  CD   sing N N 258 
PRO CG  HG2  sing N N 259 
PRO CG  HG3  sing N N 260 
PRO CD  HD2  sing N N 261 
PRO CD  HD3  sing N N 262 
PRO OXT HXT  sing N N 263 
SER N   CA   sing N N 264 
SER N   H    sing N N 265 
SER N   H2   sing N N 266 
SER CA  C    sing N N 267 
SER CA  CB   sing N N 268 
SER CA  HA   sing N N 269 
SER C   O    doub N N 270 
SER C   OXT  sing N N 271 
SER CB  OG   sing N N 272 
SER CB  HB2  sing N N 273 
SER CB  HB3  sing N N 274 
SER OG  HG   sing N N 275 
SER OXT HXT  sing N N 276 
THR N   CA   sing N N 277 
THR N   H    sing N N 278 
THR N   H2   sing N N 279 
THR CA  C    sing N N 280 
THR CA  CB   sing N N 281 
THR CA  HA   sing N N 282 
THR C   O    doub N N 283 
THR C   OXT  sing N N 284 
THR CB  OG1  sing N N 285 
THR CB  CG2  sing N N 286 
THR CB  HB   sing N N 287 
THR OG1 HG1  sing N N 288 
THR CG2 HG21 sing N N 289 
THR CG2 HG22 sing N N 290 
THR CG2 HG23 sing N N 291 
THR OXT HXT  sing N N 292 
TRP N   CA   sing N N 293 
TRP N   H    sing N N 294 
TRP N   H2   sing N N 295 
TRP CA  C    sing N N 296 
TRP CA  CB   sing N N 297 
TRP CA  HA   sing N N 298 
TRP C   O    doub N N 299 
TRP C   OXT  sing N N 300 
TRP CB  CG   sing N N 301 
TRP CB  HB2  sing N N 302 
TRP CB  HB3  sing N N 303 
TRP CG  CD1  doub Y N 304 
TRP CG  CD2  sing Y N 305 
TRP CD1 NE1  sing Y N 306 
TRP CD1 HD1  sing N N 307 
TRP CD2 CE2  doub Y N 308 
TRP CD2 CE3  sing Y N 309 
TRP NE1 CE2  sing Y N 310 
TRP NE1 HE1  sing N N 311 
TRP CE2 CZ2  sing Y N 312 
TRP CE3 CZ3  doub Y N 313 
TRP CE3 HE3  sing N N 314 
TRP CZ2 CH2  doub Y N 315 
TRP CZ2 HZ2  sing N N 316 
TRP CZ3 CH2  sing Y N 317 
TRP CZ3 HZ3  sing N N 318 
TRP CH2 HH2  sing N N 319 
TRP OXT HXT  sing N N 320 
TYR N   CA   sing N N 321 
TYR N   H    sing N N 322 
TYR N   H2   sing N N 323 
TYR CA  C    sing N N 324 
TYR CA  CB   sing N N 325 
TYR CA  HA   sing N N 326 
TYR C   O    doub N N 327 
TYR C   OXT  sing N N 328 
TYR CB  CG   sing N N 329 
TYR CB  HB2  sing N N 330 
TYR CB  HB3  sing N N 331 
TYR CG  CD1  doub Y N 332 
TYR CG  CD2  sing Y N 333 
TYR CD1 CE1  sing Y N 334 
TYR CD1 HD1  sing N N 335 
TYR CD2 CE2  doub Y N 336 
TYR CD2 HD2  sing N N 337 
TYR CE1 CZ   doub Y N 338 
TYR CE1 HE1  sing N N 339 
TYR CE2 CZ   sing Y N 340 
TYR CE2 HE2  sing N N 341 
TYR CZ  OH   sing N N 342 
TYR OH  HH   sing N N 343 
TYR OXT HXT  sing N N 344 
VAL N   CA   sing N N 345 
VAL N   H    sing N N 346 
VAL N   H2   sing N N 347 
VAL CA  C    sing N N 348 
VAL CA  CB   sing N N 349 
VAL CA  HA   sing N N 350 
VAL C   O    doub N N 351 
VAL C   OXT  sing N N 352 
VAL CB  CG1  sing N N 353 
VAL CB  CG2  sing N N 354 
VAL CB  HB   sing N N 355 
VAL CG1 HG11 sing N N 356 
VAL CG1 HG12 sing N N 357 
VAL CG1 HG13 sing N N 358 
VAL CG2 HG21 sing N N 359 
VAL CG2 HG22 sing N N 360 
VAL CG2 HG23 sing N N 361 
VAL OXT HXT  sing N N 362 
# 
_pdbx_audit_support.funding_organization   'Council of Scientific and Industrial Research' 
_pdbx_audit_support.country                India 
_pdbx_audit_support.grant_number           ? 
_pdbx_audit_support.ordinal                1 
# 
loop_
_pdbx_entity_instance_feature.ordinal 
_pdbx_entity_instance_feature.comp_id 
_pdbx_entity_instance_feature.asym_id 
_pdbx_entity_instance_feature.seq_num 
_pdbx_entity_instance_feature.auth_comp_id 
_pdbx_entity_instance_feature.auth_asym_id 
_pdbx_entity_instance_feature.auth_seq_num 
_pdbx_entity_instance_feature.feature_type 
_pdbx_entity_instance_feature.details 
1 CA ? ? CA ? ? 'SUBJECT OF INVESTIGATION' ? 
2 K  ? ? K  ? ? 'SUBJECT OF INVESTIGATION' ? 
# 
loop_
_pdbx_entity_nonpoly.entity_id 
_pdbx_entity_nonpoly.name 
_pdbx_entity_nonpoly.comp_id 
2 'CALCIUM ION'   CA  
3 'POTASSIUM ION' K   
4 water           HOH 
# 
_pdbx_initial_refinement_model.id               1 
_pdbx_initial_refinement_model.entity_id_list   ? 
_pdbx_initial_refinement_model.type             'experimental model' 
_pdbx_initial_refinement_model.source_name      PDB 
_pdbx_initial_refinement_model.accession_code   1HDF 
_pdbx_initial_refinement_model.details          ? 
# 
_pdbx_struct_assembly_auth_evidence.id                     1 
_pdbx_struct_assembly_auth_evidence.assembly_id            1 
_pdbx_struct_assembly_auth_evidence.experimental_support   'gel filtration' 
_pdbx_struct_assembly_auth_evidence.details                ? 
# 
